data_6PUL
#
_entry.id   6PUL
#
_cell.length_a   216.548
_cell.length_b   70.029
_cell.length_c   143.252
_cell.angle_alpha   90.000
_cell.angle_beta   104.299
_cell.angle_gamma   90.000
#
_symmetry.space_group_name_H-M   'C 1 2 1'
#
loop_
_entity.id
_entity.type
_entity.pdbx_description
1 polymer 'Major histocompatibility complex class I-related gene protein'
2 polymer 'TRA@ protein'
3 polymer 'Human TCR beta chain'
4 polymer Beta-2-microglobulin
5 non-polymer GLYCEROL
6 non-polymer 1,3-dideoxy-1-({2,6-dioxo-5-[(E)-(2-oxopropylidene)amino]-1,2,3,6-tetrahydropyrimidin-4-yl}amino)-D-erythro-pentitol
7 non-polymer 'ACETATE ION'
8 non-polymer 'SODIUM ION'
9 water water
#
loop_
_entity_poly.entity_id
_entity_poly.type
_entity_poly.pdbx_seq_one_letter_code
_entity_poly.pdbx_strand_id
1 'polypeptide(L)'
;MRTHSLRYFRLGVSDPIHGVPEFISVGYVDSHPITTYDSVTRQKEPRAPWMAENLAPDHWERYTQLLRGWQQMFKVELKR
LQRHYNHSGSHTYQRMIGCELLEDGSTTGFLQYAYDGQDFLIFNKDTLSWLAVDNVAHTIKQAWEANQHELLYQKNWLEE
ECIAWLKRFLEYGKDTLQRTEPPLVRVNRKETFPGVTALFCKAHGFYPPEIYMTWMKNGEEIVQEIDYGDILPSGDGTYQ
AWASIELDPQSSNLYSCHVEHSGVHMVLQVP
;
A,C
2 'polypeptide(L)'
;MGQNIDQPTEMTATEGAIVQINCTYQTSGFNGLFWYQQHAGEAPTFLSYNVLDGLEEKGRFSSFLSRSKGYSYLLLKELQ
MKDSASYLCAVKDSNYQLIWGAGTKLIIKPDIQNPDPAVYQLRDSKSSDKSVCLFTDFDSQTNVSQSKDSDVYITDKCVL
DMRSMDFKSNSAVAWSNKSDFACANAFNNSIIPEDTFFPSPESS
;
B,D
3 'polypeptide(L)'
;MNAGVTQTPKFQVLKTGQSMTLQCAQDMNHNSMYWYRQDPGMGLRLIYYSASEGTTDKGEVPNGYNVSRLNKREFSLRLE
SAAPSQTSVYFCASSVWTGEGSGELFFGEGSRLTVLEDLKNVFPPEVAVFEPSEAEISHTQKATLVCLATGFYPDHVELS
WWVNGKEVHSGVCTDPQPLKEQPALNDSRYALSSRLRVSATFWQNPRNHFRCQVQFYGLSENDEWTQDRAKPVTQIVSAE
AWGRAD
;
E,G
4 'polypeptide(L)'
;MIQRTPKIQVYSRHPAENGKSNFLNCYVSGFHPSDIEVDLLKNGERIEKVEHSDLSFSKDWSFYLLYYTEFTPTEKDEYA
CRVNHVTLSQPKIVKWDRDM
;
F,H
#
# COMPACT_ATOMS: atom_id res chain seq x y z
N MET A 1 34.30 -16.88 -54.04
CA MET A 1 35.24 -15.92 -53.48
C MET A 1 36.46 -16.64 -52.89
N ARG A 2 37.53 -15.90 -52.60
CA ARG A 2 38.65 -16.49 -51.91
C ARG A 2 38.32 -16.60 -50.42
N THR A 3 39.29 -17.11 -49.65
CA THR A 3 39.12 -17.27 -48.21
C THR A 3 39.03 -15.92 -47.51
N HIS A 4 38.09 -15.81 -46.57
CA HIS A 4 37.91 -14.62 -45.77
C HIS A 4 37.75 -15.04 -44.32
N SER A 5 38.05 -14.12 -43.41
CA SER A 5 37.90 -14.41 -41.98
C SER A 5 37.35 -13.20 -41.23
N LEU A 6 36.74 -13.48 -40.09
CA LEU A 6 36.27 -12.50 -39.13
C LEU A 6 36.89 -12.81 -37.79
N ARG A 7 37.46 -11.83 -37.11
CA ARG A 7 37.96 -12.10 -35.77
C ARG A 7 37.83 -10.87 -34.88
N TYR A 8 37.64 -11.12 -33.58
CA TYR A 8 37.64 -10.09 -32.56
C TYR A 8 38.74 -10.37 -31.56
N PHE A 9 39.50 -9.34 -31.21
CA PHE A 9 40.57 -9.37 -30.22
C PHE A 9 40.17 -8.54 -29.02
N ARG A 10 40.57 -9.00 -27.82
CA ARG A 10 40.54 -8.15 -26.65
C ARG A 10 41.94 -8.06 -26.06
N LEU A 11 42.24 -6.92 -25.47
CA LEU A 11 43.48 -6.68 -24.74
C LEU A 11 43.15 -6.03 -23.40
N GLY A 12 43.59 -6.64 -22.31
CA GLY A 12 43.53 -6.02 -20.99
C GLY A 12 44.92 -5.83 -20.41
N VAL A 13 45.12 -4.73 -19.69
CA VAL A 13 46.39 -4.40 -19.06
C VAL A 13 46.10 -4.11 -17.59
N SER A 14 46.88 -4.70 -16.68
CA SER A 14 46.53 -4.63 -15.27
CA SER A 14 46.55 -4.64 -15.27
C SER A 14 47.00 -3.34 -14.60
N ASP A 15 48.11 -2.76 -15.02
CA ASP A 15 48.58 -1.52 -14.37
C ASP A 15 49.08 -0.54 -15.42
N PRO A 16 48.19 -0.08 -16.29
CA PRO A 16 48.65 0.71 -17.45
C PRO A 16 49.18 2.05 -17.04
N ILE A 17 50.14 2.55 -17.83
CA ILE A 17 50.72 3.87 -17.60
C ILE A 17 49.65 4.90 -17.91
N HIS A 18 49.91 6.16 -17.54
CA HIS A 18 48.92 7.21 -17.66
C HIS A 18 48.39 7.35 -19.08
N GLY A 19 47.07 7.43 -19.20
CA GLY A 19 46.40 7.59 -20.48
C GLY A 19 46.05 6.32 -21.24
N VAL A 20 46.92 5.31 -21.17
CA VAL A 20 46.74 4.09 -21.96
C VAL A 20 45.52 3.32 -21.46
N PRO A 21 44.64 2.81 -22.33
CA PRO A 21 43.43 2.14 -21.86
C PRO A 21 43.73 0.82 -21.16
N GLU A 22 42.94 0.56 -20.13
CA GLU A 22 42.95 -0.74 -19.46
C GLU A 22 42.40 -1.84 -20.36
N PHE A 23 41.55 -1.51 -21.32
CA PHE A 23 40.84 -2.51 -22.11
C PHE A 23 40.61 -1.98 -23.52
N ILE A 24 40.86 -2.84 -24.52
CA ILE A 24 40.63 -2.53 -25.93
C ILE A 24 40.02 -3.76 -26.60
N SER A 25 39.02 -3.56 -27.46
CA SER A 25 38.49 -4.67 -28.26
C SER A 25 38.30 -4.19 -29.70
N VAL A 26 38.91 -4.92 -30.66
CA VAL A 26 38.92 -4.57 -32.07
C VAL A 26 38.54 -5.79 -32.91
N GLY A 27 37.64 -5.58 -33.87
CA GLY A 27 37.28 -6.60 -34.85
C GLY A 27 37.95 -6.35 -36.20
N TYR A 28 38.20 -7.45 -36.93
CA TYR A 28 38.83 -7.42 -38.25
C TYR A 28 38.03 -8.30 -39.20
N VAL A 29 37.94 -7.88 -40.47
CA VAL A 29 37.59 -8.80 -41.53
C VAL A 29 38.81 -8.87 -42.44
N ASP A 30 39.39 -10.06 -42.59
CA ASP A 30 40.70 -10.19 -43.27
C ASP A 30 41.67 -9.25 -42.54
N SER A 31 42.40 -8.38 -43.24
CA SER A 31 43.34 -7.45 -42.63
CA SER A 31 43.32 -7.47 -42.58
C SER A 31 42.69 -6.13 -42.23
N HIS A 32 41.39 -5.97 -42.44
CA HIS A 32 40.73 -4.68 -42.33
C HIS A 32 40.09 -4.55 -40.95
N PRO A 33 40.49 -3.57 -40.12
CA PRO A 33 39.74 -3.29 -38.90
C PRO A 33 38.31 -2.89 -39.26
N ILE A 34 37.34 -3.39 -38.48
CA ILE A 34 35.94 -3.07 -38.72
C ILE A 34 35.28 -2.36 -37.53
N THR A 35 35.72 -2.67 -36.31
CA THR A 35 35.08 -2.18 -35.10
C THR A 35 36.14 -1.86 -34.05
N THR A 36 35.84 -0.93 -33.14
CA THR A 36 36.77 -0.63 -32.04
C THR A 36 35.99 -0.17 -30.81
N TYR A 37 36.51 -0.55 -29.65
CA TYR A 37 35.96 -0.19 -28.35
C TYR A 37 37.15 -0.09 -27.39
N ASP A 38 37.15 0.91 -26.51
CA ASP A 38 38.12 0.84 -25.43
C ASP A 38 37.55 1.47 -24.16
N SER A 39 38.29 1.28 -23.07
CA SER A 39 37.85 1.73 -21.75
C SER A 39 37.87 3.24 -21.60
N VAL A 40 38.45 3.97 -22.55
CA VAL A 40 38.43 5.43 -22.51
C VAL A 40 37.21 5.98 -23.22
N THR A 41 36.93 5.53 -24.45
CA THR A 41 35.76 6.04 -25.15
C THR A 41 34.48 5.46 -24.56
N ARG A 42 34.55 4.19 -24.15
CA ARG A 42 33.40 3.41 -23.67
C ARG A 42 32.29 3.30 -24.73
N GLN A 43 32.68 3.38 -26.01
CA GLN A 43 31.75 3.27 -27.14
C GLN A 43 32.29 2.30 -28.17
N LYS A 44 31.42 1.42 -28.70
CA LYS A 44 31.81 0.64 -29.87
C LYS A 44 31.63 1.49 -31.12
N GLU A 45 32.66 1.55 -31.97
CA GLU A 45 32.62 2.46 -33.10
C GLU A 45 33.11 1.76 -34.36
N PRO A 46 32.62 2.17 -35.53
CA PRO A 46 33.13 1.56 -36.77
C PRO A 46 34.54 2.02 -37.09
N ARG A 47 35.28 1.11 -37.73
CA ARG A 47 36.62 1.38 -38.22
C ARG A 47 36.71 1.22 -39.73
N ALA A 48 35.60 0.90 -40.39
CA ALA A 48 35.55 0.90 -41.84
C ALA A 48 34.29 1.63 -42.26
N PRO A 49 34.37 2.43 -43.33
CA PRO A 49 33.19 3.19 -43.76
C PRO A 49 32.02 2.30 -44.15
N TRP A 50 32.28 1.12 -44.71
CA TRP A 50 31.18 0.25 -45.12
C TRP A 50 30.51 -0.42 -43.92
N MET A 51 31.15 -0.42 -42.75
CA MET A 51 30.45 -0.83 -41.55
C MET A 51 29.53 0.28 -41.06
N ALA A 52 30.02 1.53 -41.04
CA ALA A 52 29.21 2.63 -40.55
C ALA A 52 27.92 2.76 -41.36
N GLU A 53 28.01 2.50 -42.66
CA GLU A 53 26.89 2.78 -43.56
C GLU A 53 25.84 1.68 -43.56
N ASN A 54 26.16 0.48 -43.07
CA ASN A 54 25.25 -0.64 -43.22
C ASN A 54 24.71 -1.16 -41.90
N LEU A 55 25.26 -0.72 -40.77
CA LEU A 55 24.77 -1.15 -39.45
C LEU A 55 24.13 0.04 -38.77
N ALA A 56 22.84 -0.08 -38.49
CA ALA A 56 22.06 0.99 -37.90
C ALA A 56 22.57 1.32 -36.49
N PRO A 57 22.23 2.50 -35.98
CA PRO A 57 22.73 2.89 -34.65
C PRO A 57 22.39 1.89 -33.55
N ASP A 58 21.27 1.17 -33.66
CA ASP A 58 20.88 0.16 -32.67
C ASP A 58 21.95 -0.90 -32.49
N HIS A 59 22.70 -1.23 -33.56
CA HIS A 59 23.79 -2.19 -33.44
C HIS A 59 24.88 -1.65 -32.53
N TRP A 60 25.35 -0.42 -32.78
CA TRP A 60 26.43 0.15 -31.98
C TRP A 60 25.99 0.35 -30.53
N GLU A 61 24.72 0.69 -30.34
CA GLU A 61 24.22 0.95 -28.99
C GLU A 61 24.18 -0.32 -28.18
N ARG A 62 23.66 -1.40 -28.76
CA ARG A 62 23.58 -2.68 -28.05
C ARG A 62 24.96 -3.20 -27.71
N TYR A 63 25.86 -3.25 -28.71
CA TYR A 63 27.14 -3.84 -28.43
C TYR A 63 27.98 -2.94 -27.54
N THR A 64 27.74 -1.63 -27.54
CA THR A 64 28.42 -0.78 -26.56
C THR A 64 28.12 -1.24 -25.13
N GLN A 65 26.85 -1.57 -24.86
CA GLN A 65 26.49 -2.03 -23.52
C GLN A 65 27.16 -3.37 -23.22
N LEU A 66 27.11 -4.31 -24.17
CA LEU A 66 27.77 -5.60 -23.97
C LEU A 66 29.26 -5.43 -23.71
N LEU A 67 29.92 -4.56 -24.49
CA LEU A 67 31.36 -4.35 -24.34
C LEU A 67 31.71 -3.73 -23.00
N ARG A 68 30.86 -2.83 -22.48
CA ARG A 68 31.07 -2.33 -21.12
C ARG A 68 31.04 -3.47 -20.11
N GLY A 69 30.16 -4.46 -20.31
CA GLY A 69 30.15 -5.61 -19.43
C GLY A 69 31.36 -6.51 -19.65
N TRP A 70 31.72 -6.74 -20.94
CA TRP A 70 32.90 -7.58 -21.23
C TRP A 70 34.16 -6.94 -20.67
N GLN A 71 34.22 -5.60 -20.68
CA GLN A 71 35.35 -4.89 -20.10
C GLN A 71 35.53 -5.24 -18.62
N GLN A 72 34.43 -5.18 -17.86
CA GLN A 72 34.53 -5.49 -16.45
C GLN A 72 34.90 -6.96 -16.22
N MET A 73 34.30 -7.88 -16.97
CA MET A 73 34.63 -9.28 -16.84
C MET A 73 36.10 -9.54 -17.15
N PHE A 74 36.65 -8.83 -18.14
CA PHE A 74 38.05 -9.02 -18.49
C PHE A 74 38.95 -8.58 -17.34
N LYS A 75 38.62 -7.47 -16.69
CA LYS A 75 39.37 -7.00 -15.53
C LYS A 75 39.37 -8.03 -14.40
N VAL A 76 38.17 -8.53 -14.06
CA VAL A 76 38.05 -9.56 -13.04
C VAL A 76 38.88 -10.80 -13.39
N GLU A 77 38.84 -11.23 -14.66
CA GLU A 77 39.61 -12.40 -15.06
C GLU A 77 41.11 -12.16 -14.94
N LEU A 78 41.58 -11.00 -15.40
CA LEU A 78 43.00 -10.69 -15.28
C LEU A 78 43.44 -10.58 -13.83
N LYS A 79 42.60 -9.95 -12.98
CA LYS A 79 42.94 -9.89 -11.55
C LYS A 79 43.11 -11.29 -10.99
N ARG A 80 42.25 -12.23 -11.38
CA ARG A 80 42.36 -13.60 -10.90
C ARG A 80 43.64 -14.27 -11.41
N LEU A 81 43.99 -14.10 -12.69
CA LEU A 81 45.23 -14.72 -13.18
C LEU A 81 46.43 -14.19 -12.41
N GLN A 82 46.51 -12.87 -12.26
CA GLN A 82 47.72 -12.30 -11.69
C GLN A 82 47.84 -12.64 -10.21
N ARG A 83 46.72 -12.86 -9.54
CA ARG A 83 46.79 -13.34 -8.17
C ARG A 83 47.28 -14.78 -8.13
N HIS A 84 46.81 -15.62 -9.05
CA HIS A 84 47.23 -17.00 -9.01
CA HIS A 84 47.20 -17.03 -9.12
C HIS A 84 48.66 -17.19 -9.53
N TYR A 85 49.14 -16.34 -10.44
CA TYR A 85 50.54 -16.39 -10.80
C TYR A 85 51.44 -15.78 -9.75
N ASN A 86 50.85 -15.08 -8.76
CA ASN A 86 51.62 -14.35 -7.76
C ASN A 86 52.55 -13.31 -8.40
N HIS A 87 52.03 -12.58 -9.40
CA HIS A 87 52.81 -11.61 -10.15
C HIS A 87 52.49 -10.19 -9.69
N SER A 88 53.52 -9.38 -9.48
CA SER A 88 53.36 -7.96 -9.29
C SER A 88 53.58 -7.21 -10.61
N GLY A 89 53.24 -5.92 -10.61
CA GLY A 89 53.46 -5.10 -11.78
C GLY A 89 52.34 -5.21 -12.81
N SER A 90 52.62 -4.67 -13.99
CA SER A 90 51.64 -4.65 -15.08
C SER A 90 51.77 -5.89 -15.95
N HIS A 91 50.65 -6.58 -16.17
CA HIS A 91 50.60 -7.76 -17.01
C HIS A 91 49.46 -7.63 -17.99
N THR A 92 49.51 -8.41 -19.07
CA THR A 92 48.51 -8.32 -20.12
C THR A 92 47.71 -9.61 -20.25
N TYR A 93 46.47 -9.44 -20.70
CA TYR A 93 45.52 -10.53 -20.93
C TYR A 93 44.94 -10.32 -22.33
N GLN A 94 44.90 -11.37 -23.14
CA GLN A 94 44.37 -11.18 -24.48
C GLN A 94 43.44 -12.31 -24.86
N ARG A 95 42.52 -12.00 -25.76
CA ARG A 95 41.58 -12.97 -26.29
C ARG A 95 41.49 -12.79 -27.79
N MET A 96 41.35 -13.88 -28.52
CA MET A 96 41.02 -13.81 -29.94
CA MET A 96 41.02 -13.82 -29.94
C MET A 96 39.98 -14.87 -30.26
N ILE A 97 38.90 -14.47 -30.95
CA ILE A 97 37.87 -15.39 -31.44
C ILE A 97 37.63 -15.09 -32.90
N GLY A 98 37.28 -16.10 -33.68
CA GLY A 98 36.98 -15.81 -35.08
C GLY A 98 36.68 -17.06 -35.88
N CYS A 99 36.41 -16.84 -37.17
CA CYS A 99 36.07 -17.94 -38.07
C CYS A 99 36.63 -17.61 -39.45
N GLU A 100 36.81 -18.64 -40.25
CA GLU A 100 37.19 -18.48 -41.66
C GLU A 100 36.16 -19.18 -42.52
N LEU A 101 35.84 -18.56 -43.65
CA LEU A 101 35.04 -19.17 -44.71
C LEU A 101 36.00 -19.43 -45.88
N LEU A 102 36.34 -20.69 -46.11
CA LEU A 102 37.36 -21.01 -47.11
C LEU A 102 36.78 -20.95 -48.51
N GLU A 103 37.67 -20.79 -49.48
CA GLU A 103 37.25 -20.75 -50.87
C GLU A 103 36.37 -21.94 -51.25
N ASP A 104 36.74 -23.15 -50.81
CA ASP A 104 35.97 -24.36 -51.13
C ASP A 104 34.66 -24.48 -50.36
N GLY A 105 34.35 -23.55 -49.45
CA GLY A 105 33.08 -23.55 -48.76
C GLY A 105 33.10 -24.13 -47.36
N SER A 106 34.19 -24.79 -46.97
CA SER A 106 34.35 -25.28 -45.61
C SER A 106 34.64 -24.12 -44.66
N THR A 107 34.56 -24.40 -43.36
CA THR A 107 34.74 -23.36 -42.36
C THR A 107 35.69 -23.83 -41.27
N THR A 108 36.30 -22.85 -40.58
CA THR A 108 37.03 -23.07 -39.35
C THR A 108 36.56 -22.04 -38.33
N GLY A 109 36.87 -22.32 -37.07
CA GLY A 109 36.52 -21.40 -35.99
C GLY A 109 37.51 -21.62 -34.87
N PHE A 110 37.79 -20.56 -34.13
CA PHE A 110 38.86 -20.64 -33.14
C PHE A 110 38.58 -19.64 -32.02
N LEU A 111 39.13 -19.95 -30.85
CA LEU A 111 38.93 -19.13 -29.66
C LEU A 111 40.09 -19.46 -28.72
N GLN A 112 40.83 -18.43 -28.30
CA GLN A 112 41.98 -18.69 -27.45
C GLN A 112 42.31 -17.43 -26.65
N TYR A 113 43.14 -17.62 -25.62
CA TYR A 113 43.53 -16.59 -24.67
C TYR A 113 45.04 -16.62 -24.49
N ALA A 114 45.58 -15.46 -24.08
CA ALA A 114 47.00 -15.37 -23.79
C ALA A 114 47.22 -14.54 -22.53
N TYR A 115 48.27 -14.89 -21.79
CA TYR A 115 48.73 -14.07 -20.67
C TYR A 115 50.17 -13.65 -20.98
N ASP A 116 50.44 -12.35 -20.85
CA ASP A 116 51.73 -11.75 -21.23
C ASP A 116 52.16 -12.19 -22.63
N GLY A 117 51.20 -12.25 -23.55
CA GLY A 117 51.51 -12.50 -24.94
C GLY A 117 51.84 -13.92 -25.29
N GLN A 118 51.59 -14.87 -24.39
CA GLN A 118 51.85 -16.28 -24.64
C GLN A 118 50.56 -17.06 -24.49
N ASP A 119 50.38 -18.10 -25.33
CA ASP A 119 49.18 -18.94 -25.23
C ASP A 119 48.91 -19.30 -23.79
N PHE A 120 47.65 -19.20 -23.41
CA PHE A 120 47.20 -19.52 -22.06
C PHE A 120 46.15 -20.61 -22.05
N LEU A 121 45.06 -20.43 -22.82
CA LEU A 121 43.96 -21.38 -22.94
C LEU A 121 43.55 -21.42 -24.41
N ILE A 122 43.37 -22.62 -24.96
CA ILE A 122 42.97 -22.77 -26.37
C ILE A 122 41.74 -23.65 -26.45
N PHE A 123 40.68 -23.15 -27.09
CA PHE A 123 39.43 -23.91 -27.17
C PHE A 123 39.48 -24.91 -28.31
N ASN A 124 39.00 -26.12 -28.05
CA ASN A 124 38.76 -27.10 -29.10
C ASN A 124 37.24 -27.30 -29.21
N LYS A 125 36.65 -26.78 -30.29
CA LYS A 125 35.20 -26.86 -30.43
C LYS A 125 34.71 -28.21 -30.93
N ASP A 126 35.60 -29.14 -31.25
CA ASP A 126 35.13 -30.45 -31.65
C ASP A 126 35.09 -31.40 -30.46
N THR A 127 36.10 -31.37 -29.61
CA THR A 127 36.05 -32.12 -28.37
C THR A 127 35.35 -31.37 -27.25
N LEU A 128 34.99 -30.10 -27.46
CA LEU A 128 34.38 -29.24 -26.45
C LEU A 128 35.20 -29.24 -25.17
N SER A 129 36.43 -28.75 -25.29
CA SER A 129 37.33 -28.73 -24.14
C SER A 129 38.36 -27.63 -24.34
N TRP A 130 38.99 -27.26 -23.24
CA TRP A 130 40.01 -26.22 -23.21
C TRP A 130 41.37 -26.84 -22.94
N LEU A 131 42.38 -26.47 -23.75
CA LEU A 131 43.76 -26.88 -23.53
C LEU A 131 44.45 -25.85 -22.63
N ALA A 132 44.98 -26.30 -21.48
CA ALA A 132 45.69 -25.46 -20.52
C ALA A 132 47.20 -25.62 -20.66
N VAL A 133 47.93 -24.50 -20.69
CA VAL A 133 49.38 -24.56 -20.81
C VAL A 133 50.12 -24.67 -19.48
N ASP A 134 49.48 -24.34 -18.36
CA ASP A 134 50.14 -24.45 -17.07
C ASP A 134 49.05 -24.63 -16.03
N ASN A 135 49.44 -24.60 -14.76
CA ASN A 135 48.46 -24.97 -13.74
C ASN A 135 47.54 -23.83 -13.36
N VAL A 136 47.90 -22.59 -13.69
CA VAL A 136 46.94 -21.52 -13.52
C VAL A 136 45.84 -21.64 -14.57
N ALA A 137 46.24 -21.89 -15.82
CA ALA A 137 45.25 -22.19 -16.86
C ALA A 137 44.43 -23.43 -16.50
N HIS A 138 45.06 -24.43 -15.86
CA HIS A 138 44.35 -25.67 -15.54
C HIS A 138 43.20 -25.40 -14.58
N THR A 139 43.44 -24.56 -13.58
CA THR A 139 42.37 -24.16 -12.67
C THR A 139 41.22 -23.50 -13.43
N ILE A 140 41.54 -22.65 -14.42
CA ILE A 140 40.49 -21.97 -15.17
C ILE A 140 39.77 -22.97 -16.06
N LYS A 141 40.52 -23.82 -16.76
CA LYS A 141 39.94 -24.89 -17.55
C LYS A 141 38.89 -25.68 -16.76
N GLN A 142 39.23 -26.07 -15.53
CA GLN A 142 38.29 -26.87 -14.74
CA GLN A 142 38.29 -26.87 -14.76
C GLN A 142 37.00 -26.12 -14.51
N ALA A 143 37.09 -24.84 -14.14
CA ALA A 143 35.89 -24.03 -13.94
C ALA A 143 35.10 -23.85 -15.24
N TRP A 144 35.77 -23.55 -16.35
CA TRP A 144 35.02 -23.31 -17.58
C TRP A 144 34.39 -24.59 -18.11
N GLU A 145 35.07 -25.73 -17.96
CA GLU A 145 34.51 -26.97 -18.48
C GLU A 145 33.38 -27.48 -17.61
N ALA A 146 33.26 -26.99 -16.38
CA ALA A 146 32.12 -27.35 -15.56
C ALA A 146 30.84 -26.73 -16.09
N ASN A 147 30.95 -25.71 -16.94
CA ASN A 147 29.80 -24.99 -17.47
C ASN A 147 29.63 -25.46 -18.91
N GLN A 148 29.12 -26.69 -19.04
CA GLN A 148 29.04 -27.31 -20.36
C GLN A 148 28.23 -26.45 -21.33
N HIS A 149 27.16 -25.82 -20.82
CA HIS A 149 26.29 -25.04 -21.71
C HIS A 149 27.05 -23.91 -22.39
N GLU A 150 27.99 -23.30 -21.68
CA GLU A 150 28.71 -22.18 -22.28
CA GLU A 150 28.74 -22.19 -22.26
C GLU A 150 29.66 -22.66 -23.37
N LEU A 151 30.19 -23.89 -23.25
CA LEU A 151 31.02 -24.44 -24.33
C LEU A 151 30.19 -24.66 -25.58
N LEU A 152 28.99 -25.24 -25.40
CA LEU A 152 28.09 -25.47 -26.52
C LEU A 152 27.70 -24.16 -27.19
N TYR A 153 27.44 -23.13 -26.38
CA TYR A 153 27.19 -21.79 -26.91
C TYR A 153 28.36 -21.31 -27.77
N GLN A 154 29.60 -21.47 -27.31
CA GLN A 154 30.74 -21.04 -28.13
C GLN A 154 30.84 -21.83 -29.42
N LYS A 155 30.55 -23.13 -29.38
CA LYS A 155 30.60 -23.92 -30.61
C LYS A 155 29.59 -23.40 -31.61
N ASN A 156 28.34 -23.20 -31.19
CA ASN A 156 27.33 -22.65 -32.09
C ASN A 156 27.73 -21.27 -32.59
N TRP A 157 28.31 -20.44 -31.73
CA TRP A 157 28.65 -19.09 -32.20
C TRP A 157 29.76 -19.17 -33.24
N LEU A 158 30.77 -19.99 -32.98
CA LEU A 158 31.86 -20.13 -33.97
C LEU A 158 31.39 -20.73 -35.29
N GLU A 159 30.57 -21.78 -35.23
CA GLU A 159 30.22 -22.52 -36.44
C GLU A 159 29.08 -21.87 -37.22
N GLU A 160 28.16 -21.19 -36.57
CA GLU A 160 26.96 -20.70 -37.24
C GLU A 160 26.90 -19.18 -37.26
N GLU A 161 26.91 -18.54 -36.07
CA GLU A 161 26.75 -17.08 -35.98
C GLU A 161 27.92 -16.35 -36.64
N CYS A 162 29.14 -16.72 -36.29
CA CYS A 162 30.31 -16.04 -36.82
C CYS A 162 30.35 -16.09 -38.34
N ILE A 163 30.05 -17.24 -38.92
CA ILE A 163 30.03 -17.40 -40.38
C ILE A 163 28.95 -16.52 -41.00
N ALA A 164 27.79 -16.40 -40.33
CA ALA A 164 26.72 -15.56 -40.86
C ALA A 164 27.11 -14.07 -40.79
N TRP A 165 27.70 -13.64 -39.67
CA TRP A 165 28.22 -12.28 -39.59
C TRP A 165 29.21 -12.00 -40.72
N LEU A 166 30.16 -12.93 -40.91
CA LEU A 166 31.21 -12.75 -41.91
C LEU A 166 30.62 -12.60 -43.32
N LYS A 167 29.66 -13.45 -43.68
CA LYS A 167 29.01 -13.31 -44.97
C LYS A 167 28.32 -11.95 -45.09
N ARG A 168 27.68 -11.50 -44.01
CA ARG A 168 27.02 -10.20 -44.02
C ARG A 168 28.03 -9.06 -44.20
N PHE A 169 29.14 -9.09 -43.47
CA PHE A 169 30.15 -8.05 -43.60
C PHE A 169 30.83 -8.10 -44.98
N LEU A 170 31.00 -9.29 -45.54
CA LEU A 170 31.64 -9.43 -46.85
CA LEU A 170 31.63 -9.41 -46.85
C LEU A 170 30.79 -8.73 -47.92
N GLU A 171 29.47 -8.84 -47.81
CA GLU A 171 28.61 -8.14 -48.75
C GLU A 171 28.67 -6.64 -48.53
N TYR A 172 28.57 -6.19 -47.26
CA TYR A 172 28.73 -4.77 -46.96
C TYR A 172 29.99 -4.20 -47.60
N GLY A 173 31.12 -4.86 -47.40
CA GLY A 173 32.40 -4.34 -47.87
C GLY A 173 32.90 -4.91 -49.18
N LYS A 174 31.99 -5.47 -49.99
CA LYS A 174 32.43 -6.22 -51.17
C LYS A 174 33.29 -5.40 -52.14
N ASP A 175 33.03 -4.09 -52.28
CA ASP A 175 33.86 -3.30 -53.19
C ASP A 175 35.29 -3.21 -52.72
N THR A 176 35.52 -3.34 -51.42
CA THR A 176 36.88 -3.37 -50.89
C THR A 176 37.42 -4.79 -50.83
N LEU A 177 36.67 -5.69 -50.19
CA LEU A 177 37.19 -7.00 -49.80
C LEU A 177 37.28 -7.97 -50.96
N GLN A 178 36.45 -7.79 -51.98
CA GLN A 178 36.40 -8.76 -53.06
C GLN A 178 37.05 -8.26 -54.33
N ARG A 179 37.72 -7.10 -54.30
CA ARG A 179 38.39 -6.59 -55.49
C ARG A 179 39.75 -7.26 -55.69
N THR A 180 40.33 -7.05 -56.87
CA THR A 180 41.69 -7.50 -57.13
C THR A 180 42.48 -6.37 -57.77
N GLU A 181 43.61 -6.02 -57.16
CA GLU A 181 44.59 -5.14 -57.82
C GLU A 181 45.85 -5.95 -58.07
N PRO A 182 46.23 -6.19 -59.32
CA PRO A 182 47.39 -7.08 -59.59
C PRO A 182 48.71 -6.40 -59.21
N PRO A 183 49.72 -7.18 -58.86
CA PRO A 183 51.03 -6.57 -58.53
C PRO A 183 51.76 -6.06 -59.76
N LEU A 184 52.51 -4.98 -59.55
CA LEU A 184 53.58 -4.56 -60.46
C LEU A 184 54.87 -5.16 -59.90
N VAL A 185 55.59 -5.91 -60.73
CA VAL A 185 56.71 -6.72 -60.30
C VAL A 185 57.93 -6.39 -61.15
N ARG A 186 59.07 -6.24 -60.47
CA ARG A 186 60.33 -5.92 -61.14
C ARG A 186 61.45 -6.68 -60.45
N VAL A 187 62.59 -6.78 -61.13
CA VAL A 187 63.77 -7.43 -60.58
C VAL A 187 64.91 -6.41 -60.54
N ASN A 188 65.55 -6.29 -59.39
CA ASN A 188 66.67 -5.40 -59.12
C ASN A 188 67.90 -6.21 -58.80
N ARG A 189 69.06 -5.61 -59.08
CA ARG A 189 70.35 -6.20 -58.78
C ARG A 189 71.01 -5.37 -57.69
N LYS A 190 71.32 -6.01 -56.56
CA LYS A 190 71.94 -5.30 -55.44
C LYS A 190 72.85 -6.22 -54.63
N THR A 197 76.41 -10.05 -54.13
CA THR A 197 75.29 -9.37 -54.78
C THR A 197 74.07 -10.29 -54.91
N ALA A 198 72.88 -9.70 -54.81
CA ALA A 198 71.64 -10.46 -54.75
C ALA A 198 70.62 -9.89 -55.72
N LEU A 199 69.81 -10.77 -56.28
CA LEU A 199 68.68 -10.38 -57.10
C LEU A 199 67.48 -10.17 -56.18
N PHE A 200 66.85 -9.00 -56.29
CA PHE A 200 65.66 -8.67 -55.52
C PHE A 200 64.47 -8.67 -56.47
N CYS A 201 63.48 -9.48 -56.15
CA CYS A 201 62.22 -9.50 -56.86
C CYS A 201 61.22 -8.73 -56.02
N LYS A 202 60.71 -7.62 -56.56
CA LYS A 202 59.89 -6.69 -55.80
C LYS A 202 58.50 -6.55 -56.42
N ALA A 203 57.47 -6.59 -55.58
CA ALA A 203 56.08 -6.40 -56.02
C ALA A 203 55.44 -5.30 -55.20
N HIS A 204 54.64 -4.44 -55.85
CA HIS A 204 53.89 -3.43 -55.11
C HIS A 204 52.54 -3.17 -55.78
N GLY A 205 51.69 -2.45 -55.07
CA GLY A 205 50.39 -2.07 -55.59
C GLY A 205 49.33 -3.15 -55.63
N PHE A 206 49.50 -4.27 -54.90
CA PHE A 206 48.57 -5.37 -55.05
C PHE A 206 47.58 -5.46 -53.88
N TYR A 207 46.44 -6.11 -54.16
CA TYR A 207 45.38 -6.37 -53.18
C TYR A 207 44.65 -7.59 -53.73
N PRO A 208 44.35 -8.61 -52.91
CA PRO A 208 44.55 -8.72 -51.46
C PRO A 208 46.03 -8.90 -51.10
N PRO A 209 46.37 -8.77 -49.81
CA PRO A 209 47.79 -8.88 -49.42
C PRO A 209 48.38 -10.27 -49.63
N GLU A 210 47.58 -11.33 -49.70
CA GLU A 210 48.13 -12.68 -49.87
C GLU A 210 48.83 -12.79 -51.23
N ILE A 211 50.09 -13.20 -51.21
CA ILE A 211 50.89 -13.30 -52.43
C ILE A 211 52.01 -14.29 -52.14
N TYR A 212 52.43 -14.99 -53.19
CA TYR A 212 53.54 -15.94 -53.10
C TYR A 212 54.60 -15.51 -54.09
N MET A 213 55.79 -15.20 -53.60
CA MET A 213 56.94 -14.84 -54.41
C MET A 213 58.07 -15.79 -54.07
N THR A 214 58.72 -16.34 -55.09
CA THR A 214 59.87 -17.18 -54.82
C THR A 214 60.82 -17.09 -56.00
N TRP A 215 62.00 -17.66 -55.81
CA TRP A 215 63.04 -17.71 -56.81
C TRP A 215 63.30 -19.15 -57.19
N MET A 216 63.46 -19.40 -58.48
CA MET A 216 63.84 -20.70 -58.97
C MET A 216 65.18 -20.57 -59.66
N LYS A 217 66.01 -21.60 -59.51
CA LYS A 217 67.33 -21.63 -60.12
C LYS A 217 67.35 -22.83 -61.05
N ASN A 218 67.47 -22.57 -62.35
CA ASN A 218 67.43 -23.60 -63.38
C ASN A 218 66.17 -24.46 -63.24
N GLY A 219 65.04 -23.80 -63.00
CA GLY A 219 63.78 -24.50 -62.89
C GLY A 219 63.55 -25.27 -61.60
N GLU A 220 64.40 -25.09 -60.59
CA GLU A 220 64.25 -25.78 -59.31
C GLU A 220 64.20 -24.74 -58.19
N GLU A 221 63.41 -25.03 -57.16
CA GLU A 221 63.25 -24.12 -56.04
C GLU A 221 64.07 -24.63 -54.86
N ILE A 222 64.88 -23.75 -54.29
CA ILE A 222 65.63 -24.04 -53.07
C ILE A 222 65.30 -22.93 -52.07
N VAL A 223 64.39 -23.21 -51.15
CA VAL A 223 63.90 -22.19 -50.21
C VAL A 223 64.96 -21.82 -49.18
N GLN A 224 65.92 -22.71 -48.92
CA GLN A 224 66.95 -22.48 -47.89
C GLN A 224 67.91 -21.37 -48.26
N GLU A 225 67.90 -20.90 -49.50
CA GLU A 225 68.78 -19.81 -49.91
C GLU A 225 68.00 -18.58 -50.37
N ILE A 226 66.68 -18.56 -50.17
CA ILE A 226 65.84 -17.42 -50.53
C ILE A 226 65.58 -16.61 -49.27
N ASP A 227 65.72 -15.30 -49.37
CA ASP A 227 65.32 -14.40 -48.29
C ASP A 227 63.95 -13.84 -48.60
N TYR A 228 62.96 -14.17 -47.77
CA TYR A 228 61.58 -13.78 -48.00
C TYR A 228 61.25 -12.53 -47.19
N GLY A 229 60.93 -11.43 -47.89
CA GLY A 229 60.50 -10.22 -47.21
C GLY A 229 59.03 -10.29 -46.78
N ASP A 230 58.67 -9.40 -45.85
CA ASP A 230 57.32 -9.35 -45.32
C ASP A 230 56.36 -8.69 -46.30
N ILE A 231 55.10 -9.09 -46.24
CA ILE A 231 54.06 -8.39 -46.99
C ILE A 231 53.68 -7.15 -46.18
N LEU A 232 53.90 -5.96 -46.75
CA LEU A 232 53.79 -4.75 -45.96
C LEU A 232 52.74 -3.79 -46.53
N PRO A 233 51.99 -3.10 -45.67
CA PRO A 233 51.01 -2.12 -46.17
C PRO A 233 51.71 -0.90 -46.75
N SER A 234 51.25 -0.46 -47.92
CA SER A 234 51.79 0.75 -48.53
C SER A 234 51.10 2.01 -48.03
N GLY A 235 49.93 1.90 -47.42
CA GLY A 235 49.23 3.03 -46.86
C GLY A 235 48.01 3.47 -47.66
N ASP A 236 47.89 3.04 -48.91
CA ASP A 236 46.80 3.44 -49.78
C ASP A 236 45.79 2.31 -49.99
N GLY A 237 45.86 1.25 -49.19
CA GLY A 237 45.00 0.10 -49.33
C GLY A 237 45.64 -1.06 -50.08
N THR A 238 46.82 -0.87 -50.65
CA THR A 238 47.54 -1.93 -51.33
C THR A 238 48.79 -2.29 -50.54
N TYR A 239 49.48 -3.32 -51.03
CA TYR A 239 50.58 -3.93 -50.30
C TYR A 239 51.80 -4.05 -51.21
N GLN A 240 52.94 -4.33 -50.59
CA GLN A 240 54.19 -4.55 -51.31
C GLN A 240 54.96 -5.67 -50.63
N ALA A 241 55.82 -6.33 -51.40
CA ALA A 241 56.58 -7.47 -50.88
C ALA A 241 57.79 -7.71 -51.77
N TRP A 242 58.72 -8.54 -51.30
CA TRP A 242 59.94 -8.80 -52.06
C TRP A 242 60.55 -10.13 -51.61
N ALA A 243 61.46 -10.64 -52.43
CA ALA A 243 62.25 -11.82 -52.09
C ALA A 243 63.58 -11.73 -52.83
N SER A 244 64.63 -12.32 -52.26
CA SER A 244 65.95 -12.20 -52.86
C SER A 244 66.72 -13.51 -52.79
N ILE A 245 67.64 -13.68 -53.75
CA ILE A 245 68.60 -14.77 -53.74
C ILE A 245 69.96 -14.19 -54.11
N GLU A 246 71.02 -14.81 -53.59
CA GLU A 246 72.38 -14.34 -53.83
C GLU A 246 72.95 -15.01 -55.07
N LEU A 247 73.69 -14.22 -55.85
CA LEU A 247 74.26 -14.69 -57.10
C LEU A 247 75.52 -15.51 -56.87
N ASP A 248 75.65 -16.62 -57.61
CA ASP A 248 76.89 -17.39 -57.65
C ASP A 248 77.88 -16.71 -58.60
N PRO A 249 78.98 -16.16 -58.09
CA PRO A 249 79.93 -15.45 -58.96
C PRO A 249 80.77 -16.37 -59.84
N GLN A 250 80.77 -17.68 -59.57
CA GLN A 250 81.64 -18.61 -60.28
C GLN A 250 80.94 -19.37 -61.42
N SER A 251 79.61 -19.34 -61.48
CA SER A 251 78.90 -20.08 -62.50
C SER A 251 77.60 -19.38 -62.85
N SER A 252 77.29 -19.30 -64.14
CA SER A 252 76.01 -18.73 -64.54
C SER A 252 74.88 -19.69 -64.20
N ASN A 253 73.73 -19.12 -63.92
CA ASN A 253 72.53 -19.90 -63.69
C ASN A 253 71.36 -19.14 -64.27
N LEU A 254 70.30 -19.87 -64.58
CA LEU A 254 69.06 -19.27 -65.04
C LEU A 254 68.20 -19.03 -63.80
N TYR A 255 68.10 -17.76 -63.39
CA TYR A 255 67.26 -17.37 -62.27
C TYR A 255 65.95 -16.78 -62.75
N SER A 256 64.86 -17.08 -62.04
CA SER A 256 63.58 -16.53 -62.42
C SER A 256 62.76 -16.31 -61.16
N CYS A 257 62.07 -15.18 -61.11
CA CYS A 257 61.15 -14.88 -60.02
C CYS A 257 59.75 -15.30 -60.43
N HIS A 258 59.07 -15.97 -59.50
CA HIS A 258 57.72 -16.50 -59.68
C HIS A 258 56.82 -15.84 -58.65
N VAL A 259 55.72 -15.26 -59.12
CA VAL A 259 54.75 -14.58 -58.28
C VAL A 259 53.39 -15.18 -58.58
N GLU A 260 52.67 -15.58 -57.53
CA GLU A 260 51.29 -15.97 -57.65
C GLU A 260 50.44 -15.01 -56.84
N HIS A 261 49.39 -14.49 -57.46
CA HIS A 261 48.48 -13.58 -56.79
C HIS A 261 47.11 -13.77 -57.39
N SER A 262 46.14 -14.12 -56.54
CA SER A 262 44.73 -14.13 -56.90
CA SER A 262 44.72 -14.14 -56.89
C SER A 262 44.46 -14.91 -58.18
N GLY A 263 45.04 -16.10 -58.26
CA GLY A 263 44.77 -16.97 -59.40
C GLY A 263 45.56 -16.72 -60.66
N VAL A 264 46.54 -15.81 -60.64
CA VAL A 264 47.36 -15.51 -61.81
C VAL A 264 48.81 -15.76 -61.42
N HIS A 265 49.55 -16.43 -62.30
CA HIS A 265 50.96 -16.72 -62.07
CA HIS A 265 50.95 -16.74 -62.08
C HIS A 265 51.81 -15.93 -63.03
N MET A 266 52.94 -15.45 -62.55
CA MET A 266 53.81 -14.59 -63.34
C MET A 266 55.25 -15.05 -63.18
N VAL A 267 56.04 -14.99 -64.25
CA VAL A 267 57.44 -15.38 -64.21
C VAL A 267 58.27 -14.26 -64.82
N LEU A 268 59.32 -13.83 -64.10
CA LEU A 268 60.29 -12.88 -64.62
C LEU A 268 61.63 -13.62 -64.72
N GLN A 269 62.00 -14.02 -65.94
CA GLN A 269 63.32 -14.63 -66.17
CA GLN A 269 63.31 -14.63 -66.16
C GLN A 269 64.35 -13.52 -66.24
N VAL A 270 65.43 -13.66 -65.47
CA VAL A 270 66.45 -12.61 -65.53
C VAL A 270 67.50 -13.05 -66.56
N PRO A 271 67.86 -12.18 -67.52
CA PRO A 271 68.78 -12.49 -68.61
C PRO A 271 70.19 -12.74 -68.10
N GLY B 2 11.16 -8.37 -38.20
CA GLY B 2 10.07 -8.99 -37.48
C GLY B 2 10.40 -10.35 -36.90
N GLN B 3 10.83 -10.38 -35.65
CA GLN B 3 11.19 -11.62 -34.98
C GLN B 3 10.00 -12.09 -34.15
N ASN B 4 9.68 -13.38 -34.22
N ASN B 4 9.72 -13.39 -34.21
CA ASN B 4 8.54 -13.84 -33.45
CA ASN B 4 8.54 -13.94 -33.57
C ASN B 4 8.77 -15.23 -32.90
C ASN B 4 8.90 -15.22 -32.83
N ILE B 5 8.23 -15.44 -31.71
CA ILE B 5 8.35 -16.69 -30.95
CA ILE B 5 8.35 -16.70 -31.00
C ILE B 5 6.92 -17.17 -30.71
N ASP B 6 6.62 -18.39 -31.11
CA ASP B 6 5.24 -18.85 -30.99
C ASP B 6 5.13 -20.14 -30.20
N GLN B 7 4.14 -20.17 -29.31
CA GLN B 7 3.85 -21.35 -28.52
C GLN B 7 2.36 -21.33 -28.21
N PRO B 8 1.74 -22.49 -28.03
CA PRO B 8 0.29 -22.52 -27.82
C PRO B 8 -0.10 -21.80 -26.54
N THR B 9 -1.31 -21.21 -26.53
CA THR B 9 -1.77 -20.46 -25.37
C THR B 9 -1.98 -21.38 -24.17
N GLU B 10 -2.56 -22.55 -24.38
CA GLU B 10 -2.95 -23.42 -23.27
C GLU B 10 -2.93 -24.86 -23.74
N MET B 11 -2.58 -25.76 -22.82
CA MET B 11 -2.66 -27.19 -23.06
C MET B 11 -3.26 -27.84 -21.82
N THR B 12 -4.03 -28.91 -22.03
CA THR B 12 -4.63 -29.67 -20.94
C THR B 12 -4.30 -31.16 -21.13
N ALA B 13 -3.77 -31.78 -20.09
CA ALA B 13 -3.42 -33.20 -20.11
C ALA B 13 -3.84 -33.83 -18.79
N THR B 14 -3.78 -35.15 -18.72
CA THR B 14 -4.18 -35.88 -17.53
CA THR B 14 -4.18 -35.89 -17.53
C THR B 14 -2.96 -36.23 -16.68
N GLU B 15 -3.16 -36.22 -15.37
CA GLU B 15 -2.15 -36.63 -14.40
C GLU B 15 -1.56 -37.98 -14.80
N GLY B 16 -0.24 -38.08 -14.73
CA GLY B 16 0.43 -39.32 -15.07
C GLY B 16 0.84 -39.46 -16.52
N ALA B 17 0.32 -38.63 -17.43
CA ALA B 17 0.58 -38.75 -18.84
C ALA B 17 1.80 -37.93 -19.24
N ILE B 18 2.04 -37.78 -20.53
CA ILE B 18 3.18 -37.06 -21.08
CA ILE B 18 3.16 -36.98 -20.98
C ILE B 18 2.64 -35.91 -21.92
N VAL B 19 3.30 -34.75 -21.87
CA VAL B 19 2.88 -33.61 -22.68
C VAL B 19 4.12 -33.01 -23.32
N GLN B 20 3.95 -32.50 -24.53
CA GLN B 20 5.02 -31.90 -25.30
C GLN B 20 4.59 -30.47 -25.60
N ILE B 21 5.34 -29.49 -25.12
CA ILE B 21 5.02 -28.09 -25.33
C ILE B 21 5.96 -27.56 -26.41
N ASN B 22 5.38 -27.07 -27.50
CA ASN B 22 6.15 -26.66 -28.68
C ASN B 22 6.45 -25.18 -28.65
N CYS B 23 7.59 -24.81 -29.24
CA CYS B 23 7.98 -23.43 -29.37
C CYS B 23 8.69 -23.32 -30.71
N THR B 24 8.20 -22.46 -31.60
CA THR B 24 8.87 -22.19 -32.87
C THR B 24 9.33 -20.74 -32.87
N TYR B 25 10.45 -20.48 -33.54
CA TYR B 25 10.96 -19.13 -33.50
C TYR B 25 11.47 -18.72 -34.87
N GLN B 26 11.29 -17.44 -35.18
CA GLN B 26 11.89 -16.84 -36.37
CA GLN B 26 11.86 -16.81 -36.37
C GLN B 26 12.63 -15.61 -35.87
N THR B 27 13.95 -15.71 -35.82
CA THR B 27 14.75 -14.66 -35.24
C THR B 27 15.90 -14.32 -36.19
N SER B 28 16.44 -13.11 -36.02
CA SER B 28 17.63 -12.72 -36.77
CA SER B 28 17.63 -12.70 -36.76
C SER B 28 18.83 -13.16 -35.94
N GLY B 29 19.33 -14.36 -36.27
CA GLY B 29 20.42 -14.98 -35.55
C GLY B 29 19.93 -15.80 -34.36
N PHE B 30 20.80 -16.65 -33.85
CA PHE B 30 20.42 -17.58 -32.79
C PHE B 30 21.60 -17.86 -31.87
N ASN B 31 21.41 -17.57 -30.56
CA ASN B 31 22.43 -17.80 -29.55
C ASN B 31 21.87 -18.64 -28.40
N GLY B 32 20.76 -19.33 -28.64
CA GLY B 32 20.26 -20.34 -27.71
C GLY B 32 18.81 -20.12 -27.34
N LEU B 33 18.17 -21.18 -26.83
CA LEU B 33 16.75 -21.18 -26.49
C LEU B 33 16.60 -21.63 -25.06
N PHE B 34 15.81 -20.86 -24.30
CA PHE B 34 15.54 -21.13 -22.90
C PHE B 34 14.10 -21.58 -22.67
N TRP B 35 13.88 -22.45 -21.67
CA TRP B 35 12.55 -22.68 -21.13
C TRP B 35 12.53 -22.24 -19.68
N TYR B 36 11.44 -21.58 -19.26
CA TYR B 36 11.22 -21.21 -17.85
C TYR B 36 9.85 -21.70 -17.40
N GLN B 37 9.73 -22.01 -16.11
CA GLN B 37 8.44 -22.39 -15.52
C GLN B 37 7.97 -21.23 -14.67
N GLN B 38 6.68 -20.89 -14.77
CA GLN B 38 6.14 -19.82 -13.92
C GLN B 38 4.83 -20.28 -13.31
N HIS B 39 4.85 -20.59 -12.02
CA HIS B 39 3.60 -20.86 -11.34
C HIS B 39 2.79 -19.58 -11.23
N ALA B 40 1.47 -19.74 -11.24
CA ALA B 40 0.58 -18.57 -11.18
C ALA B 40 0.91 -17.72 -9.95
N GLY B 41 1.07 -16.42 -10.19
CA GLY B 41 1.41 -15.49 -9.14
C GLY B 41 2.84 -15.57 -8.63
N GLU B 42 3.72 -16.31 -9.31
CA GLU B 42 5.08 -16.49 -8.86
C GLU B 42 6.03 -16.04 -9.97
N ALA B 43 7.30 -16.07 -9.66
CA ALA B 43 8.36 -15.67 -10.58
C ALA B 43 8.71 -16.80 -11.52
N PRO B 44 9.07 -16.49 -12.75
CA PRO B 44 9.63 -17.51 -13.63
C PRO B 44 10.91 -18.08 -13.01
N THR B 45 11.14 -19.37 -13.24
CA THR B 45 12.40 -19.97 -12.86
C THR B 45 12.95 -20.78 -14.03
N PHE B 46 14.27 -20.76 -14.16
CA PHE B 46 14.96 -21.42 -15.27
C PHE B 46 14.75 -22.94 -15.27
N LEU B 47 14.38 -23.50 -16.42
CA LEU B 47 14.31 -24.95 -16.61
C LEU B 47 15.43 -25.49 -17.50
N SER B 48 15.68 -24.86 -18.63
CA SER B 48 16.61 -25.50 -19.58
C SER B 48 17.15 -24.50 -20.59
N TYR B 49 18.27 -24.90 -21.19
CA TYR B 49 18.92 -24.14 -22.26
C TYR B 49 19.38 -25.12 -23.32
N ASN B 50 19.06 -24.83 -24.58
CA ASN B 50 19.55 -25.62 -25.71
C ASN B 50 20.14 -24.67 -26.75
N VAL B 51 21.23 -25.11 -27.39
CA VAL B 51 21.83 -24.27 -28.44
C VAL B 51 22.36 -25.12 -29.58
N LEU B 52 22.74 -26.36 -29.32
CA LEU B 52 23.00 -27.32 -30.40
C LEU B 52 21.81 -28.24 -30.53
N ASP B 53 21.81 -29.04 -31.60
CA ASP B 53 20.64 -29.84 -31.92
C ASP B 53 20.56 -31.08 -31.04
N GLY B 54 19.34 -31.47 -30.68
CA GLY B 54 19.19 -32.73 -29.99
C GLY B 54 18.35 -32.57 -28.76
N LEU B 55 18.34 -33.61 -27.95
CA LEU B 55 17.48 -33.74 -26.77
C LEU B 55 18.37 -33.74 -25.52
N GLU B 56 17.98 -32.99 -24.50
CA GLU B 56 18.71 -32.95 -23.25
C GLU B 56 17.72 -33.24 -22.13
N GLU B 57 18.11 -34.11 -21.19
CA GLU B 57 17.20 -34.55 -20.13
C GLU B 57 17.59 -33.94 -18.78
N LYS B 58 16.57 -33.66 -17.97
CA LYS B 58 16.74 -33.14 -16.61
C LYS B 58 15.55 -33.63 -15.79
N GLY B 59 15.71 -34.79 -15.16
CA GLY B 59 14.62 -35.34 -14.37
C GLY B 59 13.46 -35.74 -15.27
N ARG B 60 12.25 -35.32 -14.90
CA ARG B 60 11.05 -35.63 -15.65
C ARG B 60 10.87 -34.75 -16.88
N PHE B 61 11.72 -33.72 -17.04
CA PHE B 61 11.64 -32.78 -18.16
C PHE B 61 12.82 -33.01 -19.09
N SER B 62 12.54 -32.94 -20.38
CA SER B 62 13.55 -32.98 -21.43
C SER B 62 13.28 -31.80 -22.34
N SER B 63 14.34 -31.30 -22.99
CA SER B 63 14.15 -30.21 -23.93
CA SER B 63 14.17 -30.20 -23.93
C SER B 63 14.90 -30.54 -25.21
N PHE B 64 14.22 -30.35 -26.33
CA PHE B 64 14.69 -30.70 -27.66
C PHE B 64 14.89 -29.42 -28.47
N LEU B 65 15.89 -29.43 -29.37
CA LEU B 65 16.04 -28.29 -30.27
C LEU B 65 16.41 -28.79 -31.67
N SER B 66 15.80 -28.18 -32.69
CA SER B 66 16.25 -28.30 -34.09
C SER B 66 16.50 -26.91 -34.62
N ARG B 67 17.77 -26.55 -34.84
CA ARG B 67 18.05 -25.21 -35.35
C ARG B 67 17.55 -25.02 -36.78
N SER B 68 17.66 -26.06 -37.63
CA SER B 68 17.24 -25.89 -39.02
C SER B 68 15.73 -25.74 -39.14
N LYS B 69 14.97 -26.32 -38.22
CA LYS B 69 13.53 -26.16 -38.25
C LYS B 69 13.06 -25.00 -37.37
N GLY B 70 13.96 -24.41 -36.60
CA GLY B 70 13.62 -23.30 -35.72
C GLY B 70 12.55 -23.72 -34.73
N TYR B 71 12.74 -24.85 -34.04
CA TYR B 71 11.71 -25.43 -33.21
CA TYR B 71 11.73 -25.23 -33.08
C TYR B 71 12.33 -26.08 -31.98
N SER B 72 11.64 -26.01 -30.83
CA SER B 72 12.03 -26.68 -29.62
C SER B 72 10.76 -27.24 -29.02
N TYR B 73 10.89 -28.31 -28.24
CA TYR B 73 9.79 -28.68 -27.36
C TYR B 73 10.34 -28.96 -25.97
N LEU B 74 9.48 -28.69 -24.99
CA LEU B 74 9.70 -29.08 -23.61
C LEU B 74 8.78 -30.28 -23.36
N LEU B 75 9.37 -31.40 -22.95
CA LEU B 75 8.65 -32.66 -22.79
C LEU B 75 8.52 -32.93 -21.29
N LEU B 76 7.29 -33.07 -20.78
CA LEU B 76 7.08 -33.38 -19.36
C LEU B 76 6.48 -34.78 -19.26
N LYS B 77 7.19 -35.71 -18.62
CA LYS B 77 6.71 -37.07 -18.44
C LYS B 77 6.11 -37.25 -17.04
N GLU B 78 5.24 -38.24 -16.91
CA GLU B 78 4.62 -38.59 -15.62
C GLU B 78 4.07 -37.35 -14.91
N LEU B 79 3.12 -36.68 -15.58
CA LEU B 79 2.64 -35.39 -15.10
C LEU B 79 2.09 -35.48 -13.68
N GLN B 80 2.39 -34.48 -12.86
CA GLN B 80 1.84 -34.35 -11.52
C GLN B 80 1.09 -33.04 -11.41
N MET B 81 0.23 -32.90 -10.39
CA MET B 81 -0.51 -31.64 -10.28
C MET B 81 0.40 -30.44 -10.10
N LYS B 82 1.56 -30.62 -9.45
CA LYS B 82 2.45 -29.48 -9.25
C LYS B 82 3.07 -28.99 -10.55
N ASP B 83 2.94 -29.74 -11.64
CA ASP B 83 3.40 -29.24 -12.94
C ASP B 83 2.45 -28.20 -13.52
N SER B 84 1.27 -27.98 -12.92
CA SER B 84 0.36 -26.93 -13.39
C SER B 84 1.04 -25.58 -13.25
N ALA B 85 1.24 -24.89 -14.38
CA ALA B 85 2.04 -23.68 -14.43
C ALA B 85 2.03 -23.19 -15.88
N SER B 86 2.58 -22.01 -16.09
CA SER B 86 2.89 -21.57 -17.44
C SER B 86 4.35 -21.88 -17.74
N TYR B 87 4.60 -22.15 -19.02
CA TYR B 87 5.93 -22.52 -19.49
C TYR B 87 6.29 -21.52 -20.57
N LEU B 88 7.39 -20.79 -20.36
CA LEU B 88 7.78 -19.68 -21.23
C LEU B 88 9.02 -20.10 -21.99
N CYS B 89 8.99 -19.92 -23.31
CA CYS B 89 10.15 -20.15 -24.17
CA CYS B 89 10.19 -20.15 -24.10
C CYS B 89 10.74 -18.79 -24.54
N ALA B 90 12.07 -18.71 -24.62
CA ALA B 90 12.68 -17.45 -24.99
C ALA B 90 13.97 -17.73 -25.77
N VAL B 91 14.26 -16.86 -26.74
CA VAL B 91 15.38 -17.08 -27.66
C VAL B 91 16.27 -15.84 -27.67
N LYS B 92 17.58 -16.05 -27.66
CA LYS B 92 18.54 -14.95 -27.79
C LYS B 92 18.91 -14.79 -29.26
N ASP B 93 18.81 -13.57 -29.78
CA ASP B 93 19.07 -13.34 -31.20
C ASP B 93 20.54 -12.98 -31.39
N SER B 94 20.88 -12.48 -32.59
CA SER B 94 22.26 -12.17 -32.94
CA SER B 94 22.27 -12.19 -32.90
C SER B 94 22.84 -11.08 -32.05
N ASN B 95 21.98 -10.21 -31.49
CA ASN B 95 22.40 -9.11 -30.62
C ASN B 95 22.24 -9.47 -29.15
N TYR B 96 22.04 -10.74 -28.82
CA TYR B 96 21.81 -11.22 -27.47
C TYR B 96 20.56 -10.59 -26.87
N GLN B 97 19.63 -10.09 -27.70
CA GLN B 97 18.31 -9.71 -27.18
C GLN B 97 17.53 -10.97 -26.86
N LEU B 98 16.97 -11.04 -25.65
CA LEU B 98 16.14 -12.19 -25.26
CA LEU B 98 16.13 -12.18 -25.26
C LEU B 98 14.71 -11.89 -25.70
N ILE B 99 14.18 -12.70 -26.61
CA ILE B 99 12.84 -12.53 -27.15
C ILE B 99 11.94 -13.61 -26.56
N TRP B 100 10.87 -13.19 -25.88
CA TRP B 100 10.00 -14.06 -25.06
C TRP B 100 8.73 -14.47 -25.79
N GLY B 101 8.44 -15.78 -25.79
CA GLY B 101 7.11 -16.23 -26.17
C GLY B 101 6.07 -15.85 -25.13
N ALA B 102 4.80 -15.88 -25.51
CA ALA B 102 3.74 -15.45 -24.60
C ALA B 102 3.38 -16.49 -23.55
N GLY B 103 3.97 -17.67 -23.59
CA GLY B 103 3.74 -18.64 -22.54
C GLY B 103 2.64 -19.62 -22.87
N THR B 104 2.81 -20.85 -22.39
CA THR B 104 1.81 -21.91 -22.52
C THR B 104 1.33 -22.24 -21.11
N LYS B 105 0.04 -22.05 -20.87
CA LYS B 105 -0.55 -22.46 -19.59
C LYS B 105 -0.86 -23.95 -19.64
N LEU B 106 -0.27 -24.73 -18.73
CA LEU B 106 -0.49 -26.17 -18.67
C LEU B 106 -1.47 -26.49 -17.56
N ILE B 107 -2.60 -27.08 -17.93
CA ILE B 107 -3.65 -27.48 -16.98
C ILE B 107 -3.62 -29.00 -16.88
N ILE B 108 -3.64 -29.52 -15.66
CA ILE B 108 -3.53 -30.95 -15.43
CA ILE B 108 -3.54 -30.95 -15.45
C ILE B 108 -4.82 -31.43 -14.77
N LYS B 109 -5.43 -32.46 -15.35
CA LYS B 109 -6.64 -33.05 -14.82
CA LYS B 109 -6.63 -33.06 -14.83
C LYS B 109 -6.26 -34.14 -13.83
N PRO B 110 -6.67 -34.04 -12.57
CA PRO B 110 -6.35 -35.10 -11.61
C PRO B 110 -7.06 -36.38 -11.98
N ASP B 111 -6.44 -37.50 -11.61
CA ASP B 111 -7.09 -38.80 -11.75
C ASP B 111 -7.97 -39.04 -10.52
N ILE B 112 -9.29 -38.96 -10.70
CA ILE B 112 -10.23 -39.14 -9.60
C ILE B 112 -10.60 -40.62 -9.55
N GLN B 113 -10.16 -41.31 -8.49
CA GLN B 113 -10.34 -42.76 -8.47
CA GLN B 113 -10.33 -42.76 -8.42
C GLN B 113 -11.78 -43.15 -8.17
N ASN B 114 -12.48 -42.43 -7.31
CA ASN B 114 -13.84 -42.76 -6.92
C ASN B 114 -14.74 -41.53 -7.02
N PRO B 115 -15.14 -41.16 -8.22
CA PRO B 115 -16.03 -40.00 -8.39
C PRO B 115 -17.30 -40.18 -7.59
N ASP B 116 -17.72 -39.08 -6.95
CA ASP B 116 -18.93 -39.06 -6.13
C ASP B 116 -19.62 -37.70 -6.32
N PRO B 117 -19.96 -37.35 -7.57
CA PRO B 117 -20.46 -35.99 -7.84
C PRO B 117 -21.68 -35.66 -6.97
N ALA B 118 -21.69 -34.44 -6.45
CA ALA B 118 -22.75 -33.98 -5.56
C ALA B 118 -22.78 -32.46 -5.55
N VAL B 119 -23.96 -31.92 -5.26
CA VAL B 119 -24.17 -30.49 -5.06
C VAL B 119 -24.73 -30.32 -3.65
N TYR B 120 -23.94 -29.68 -2.79
CA TYR B 120 -24.31 -29.49 -1.40
C TYR B 120 -24.61 -28.02 -1.11
N GLN B 121 -25.55 -27.80 -0.20
CA GLN B 121 -25.84 -26.47 0.31
C GLN B 121 -25.03 -26.24 1.58
N LEU B 122 -24.16 -25.24 1.57
CA LEU B 122 -23.45 -24.92 2.81
CA LEU B 122 -23.44 -24.89 2.79
C LEU B 122 -24.36 -24.14 3.75
N ARG B 123 -23.95 -24.08 5.01
CA ARG B 123 -24.74 -23.39 6.00
CA ARG B 123 -24.73 -23.39 6.02
C ARG B 123 -24.62 -21.89 5.83
N ASP B 124 -25.74 -21.20 5.98
CA ASP B 124 -25.75 -19.75 5.92
C ASP B 124 -24.83 -19.17 7.00
N SER B 125 -24.27 -18.00 6.73
CA SER B 125 -23.55 -17.21 7.73
C SER B 125 -24.47 -16.11 8.25
N LYS B 126 -24.49 -15.89 9.57
CA LYS B 126 -25.35 -14.81 10.07
C LYS B 126 -24.87 -13.44 9.60
N SER B 127 -23.67 -13.35 9.04
CA SER B 127 -23.11 -12.08 8.59
C SER B 127 -23.22 -11.88 7.07
N SER B 128 -23.94 -12.75 6.37
CA SER B 128 -24.00 -12.63 4.92
C SER B 128 -25.40 -12.94 4.44
N ASP B 129 -25.87 -12.18 3.45
CA ASP B 129 -27.12 -12.49 2.78
C ASP B 129 -26.98 -13.55 1.67
N LYS B 130 -25.81 -14.15 1.48
CA LYS B 130 -25.62 -15.06 0.35
C LYS B 130 -26.03 -16.49 0.69
N SER B 131 -26.61 -17.19 -0.27
CA SER B 131 -26.73 -18.65 -0.23
CA SER B 131 -26.71 -18.65 -0.22
C SER B 131 -25.58 -19.23 -1.04
N VAL B 132 -24.94 -20.28 -0.52
CA VAL B 132 -23.71 -20.83 -1.11
C VAL B 132 -23.88 -22.33 -1.36
N CYS B 133 -23.57 -22.77 -2.57
CA CYS B 133 -23.68 -24.14 -3.02
C CYS B 133 -22.32 -24.65 -3.47
N LEU B 134 -22.05 -25.92 -3.23
CA LEU B 134 -20.76 -26.52 -3.57
C LEU B 134 -20.98 -27.73 -4.47
N PHE B 135 -20.47 -27.67 -5.70
CA PHE B 135 -20.47 -28.82 -6.61
C PHE B 135 -19.11 -29.51 -6.45
N THR B 136 -19.10 -30.77 -6.04
CA THR B 136 -17.82 -31.35 -5.63
C THR B 136 -17.75 -32.84 -5.96
N ASP B 137 -16.51 -33.35 -5.99
CA ASP B 137 -16.17 -34.77 -6.09
C ASP B 137 -16.51 -35.39 -7.44
N PHE B 138 -16.62 -34.56 -8.48
CA PHE B 138 -16.89 -35.04 -9.83
C PHE B 138 -15.59 -35.38 -10.56
N ASP B 139 -15.71 -36.23 -11.59
CA ASP B 139 -14.59 -36.63 -12.42
C ASP B 139 -14.05 -35.43 -13.21
N SER B 140 -12.76 -35.49 -13.56
CA SER B 140 -12.11 -34.34 -14.18
C SER B 140 -12.60 -34.04 -15.59
N GLN B 141 -13.29 -34.96 -16.26
CA GLN B 141 -13.83 -34.63 -17.57
C GLN B 141 -14.94 -33.58 -17.50
N THR B 142 -15.56 -33.38 -16.34
CA THR B 142 -16.65 -32.40 -16.19
C THR B 142 -16.12 -30.97 -16.26
N ASN B 143 -16.83 -30.13 -16.99
CA ASN B 143 -16.53 -28.70 -17.12
C ASN B 143 -17.59 -27.89 -16.40
N VAL B 144 -17.16 -26.84 -15.72
CA VAL B 144 -18.07 -25.96 -14.99
C VAL B 144 -18.27 -24.69 -15.80
N SER B 145 -19.52 -24.40 -16.14
CA SER B 145 -19.84 -23.23 -16.93
C SER B 145 -20.04 -22.01 -16.03
N GLN B 146 -19.60 -20.86 -16.52
CA GLN B 146 -19.90 -19.61 -15.84
C GLN B 146 -21.41 -19.40 -15.79
N SER B 147 -21.84 -18.53 -14.88
CA SER B 147 -23.25 -18.26 -14.70
CA SER B 147 -23.25 -18.27 -14.71
C SER B 147 -23.82 -17.47 -15.88
N LYS B 148 -25.12 -17.65 -16.12
CA LYS B 148 -25.84 -16.86 -17.10
C LYS B 148 -26.87 -15.95 -16.47
N ASP B 149 -27.00 -16.00 -15.15
CA ASP B 149 -27.79 -15.05 -14.39
C ASP B 149 -26.83 -14.06 -13.73
N SER B 150 -27.05 -12.76 -13.97
CA SER B 150 -26.09 -11.76 -13.56
C SER B 150 -25.98 -11.62 -12.04
N ASP B 151 -26.97 -12.09 -11.28
CA ASP B 151 -26.84 -12.07 -9.83
C ASP B 151 -26.51 -13.44 -9.25
N VAL B 152 -26.04 -14.37 -10.07
CA VAL B 152 -25.47 -15.63 -9.61
C VAL B 152 -24.00 -15.67 -9.99
N TYR B 153 -23.15 -16.09 -9.06
CA TYR B 153 -21.71 -16.12 -9.26
C TYR B 153 -21.23 -17.55 -9.18
N ILE B 154 -20.49 -18.01 -10.19
CA ILE B 154 -20.00 -19.38 -10.24
C ILE B 154 -18.49 -19.39 -10.52
N THR B 155 -17.71 -19.97 -9.61
CA THR B 155 -16.27 -19.99 -9.86
CA THR B 155 -16.26 -20.04 -9.79
C THR B 155 -15.88 -21.29 -10.58
N ASP B 156 -14.72 -21.25 -11.23
CA ASP B 156 -14.28 -22.41 -11.98
C ASP B 156 -13.84 -23.52 -11.02
N LYS B 157 -13.70 -24.73 -11.55
CA LYS B 157 -13.31 -25.83 -10.69
C LYS B 157 -11.87 -25.66 -10.19
N CYS B 158 -11.66 -26.13 -8.97
CA CYS B 158 -10.41 -26.07 -8.21
C CYS B 158 -10.08 -27.48 -7.74
N VAL B 159 -8.80 -27.88 -7.83
CA VAL B 159 -8.39 -29.21 -7.37
C VAL B 159 -7.78 -29.07 -5.97
N LEU B 160 -8.39 -29.72 -4.99
CA LEU B 160 -7.95 -29.72 -3.60
CA LEU B 160 -7.87 -29.69 -3.63
C LEU B 160 -7.25 -31.04 -3.26
N ASP B 161 -6.16 -30.98 -2.51
CA ASP B 161 -5.39 -32.15 -2.12
C ASP B 161 -5.39 -32.28 -0.60
N MET B 162 -6.01 -33.33 -0.08
CA MET B 162 -5.96 -33.64 1.34
C MET B 162 -4.77 -34.57 1.54
N ARG B 163 -3.65 -34.00 1.99
CA ARG B 163 -2.38 -34.71 1.97
C ARG B 163 -2.41 -35.94 2.88
N SER B 164 -2.96 -35.78 4.09
CA SER B 164 -2.99 -36.87 5.06
C SER B 164 -3.63 -38.12 4.47
N MET B 165 -4.67 -37.96 3.66
CA MET B 165 -5.40 -39.09 3.09
C MET B 165 -5.03 -39.38 1.65
N ASP B 166 -4.06 -38.66 1.08
CA ASP B 166 -3.68 -38.80 -0.32
C ASP B 166 -4.93 -38.82 -1.21
N PHE B 167 -5.77 -37.80 -1.03
CA PHE B 167 -7.09 -37.73 -1.64
C PHE B 167 -7.24 -36.37 -2.33
N LYS B 168 -7.58 -36.39 -3.61
CA LYS B 168 -7.81 -35.17 -4.39
C LYS B 168 -9.27 -35.07 -4.81
N SER B 169 -9.79 -33.85 -4.85
CA SER B 169 -11.15 -33.67 -5.35
C SER B 169 -11.28 -32.35 -6.10
N ASN B 170 -12.12 -32.36 -7.13
CA ASN B 170 -12.55 -31.17 -7.84
C ASN B 170 -13.73 -30.52 -7.11
N SER B 171 -13.77 -29.18 -7.11
CA SER B 171 -15.00 -28.51 -6.70
C SER B 171 -15.13 -27.15 -7.36
N ALA B 172 -16.38 -26.66 -7.41
CA ALA B 172 -16.72 -25.32 -7.86
C ALA B 172 -17.78 -24.78 -6.91
N VAL B 173 -17.81 -23.44 -6.75
CA VAL B 173 -18.71 -22.78 -5.79
C VAL B 173 -19.66 -21.88 -6.56
N ALA B 174 -20.91 -21.83 -6.11
CA ALA B 174 -21.91 -20.93 -6.67
C ALA B 174 -22.61 -20.21 -5.52
N TRP B 175 -22.88 -18.90 -5.70
CA TRP B 175 -23.59 -18.19 -4.66
C TRP B 175 -24.46 -17.09 -5.26
N SER B 176 -25.42 -16.65 -4.47
CA SER B 176 -26.34 -15.59 -4.84
C SER B 176 -27.07 -15.14 -3.59
N ASN B 177 -27.59 -13.91 -3.62
CA ASN B 177 -28.51 -13.46 -2.59
C ASN B 177 -29.95 -13.38 -3.11
N LYS B 178 -30.22 -13.91 -4.30
CA LYS B 178 -31.55 -13.85 -4.87
C LYS B 178 -32.50 -14.80 -4.15
N SER B 179 -33.77 -14.39 -4.04
CA SER B 179 -34.72 -15.20 -3.30
C SER B 179 -34.98 -16.55 -3.97
N ASP B 180 -34.93 -16.60 -5.30
CA ASP B 180 -35.21 -17.82 -6.03
C ASP B 180 -33.97 -18.66 -6.33
N PHE B 181 -32.83 -18.34 -5.74
CA PHE B 181 -31.64 -19.14 -5.92
C PHE B 181 -31.74 -20.41 -5.08
N ALA B 182 -31.46 -21.56 -5.69
CA ALA B 182 -31.46 -22.85 -5.02
C ALA B 182 -30.33 -23.70 -5.56
N CYS B 183 -29.71 -24.50 -4.68
CA CYS B 183 -28.60 -25.34 -5.14
C CYS B 183 -29.05 -26.33 -6.20
N ALA B 184 -30.32 -26.75 -6.17
CA ALA B 184 -30.83 -27.68 -7.15
C ALA B 184 -30.70 -27.14 -8.58
N ASN B 185 -30.69 -25.81 -8.74
CA ASN B 185 -30.62 -25.22 -10.08
C ASN B 185 -29.36 -24.39 -10.29
N ALA B 186 -28.49 -24.31 -9.29
CA ALA B 186 -27.35 -23.39 -9.36
C ALA B 186 -26.46 -23.69 -10.55
N PHE B 187 -26.15 -24.97 -10.78
CA PHE B 187 -25.26 -25.37 -11.86
C PHE B 187 -26.02 -25.86 -13.10
N ASN B 188 -27.22 -25.35 -13.32
CA ASN B 188 -28.06 -25.78 -14.43
C ASN B 188 -27.45 -25.46 -15.80
N ASN B 189 -26.56 -24.49 -15.88
CA ASN B 189 -25.94 -24.15 -17.16
CA ASN B 189 -25.96 -24.17 -17.18
C ASN B 189 -24.74 -25.03 -17.48
N SER B 190 -24.34 -25.89 -16.55
CA SER B 190 -23.24 -26.83 -16.76
C SER B 190 -23.79 -28.17 -17.20
N ILE B 191 -22.97 -28.93 -17.93
CA ILE B 191 -23.26 -30.34 -18.18
C ILE B 191 -22.68 -31.12 -17.01
N ILE B 192 -23.54 -31.60 -16.11
CA ILE B 192 -23.06 -32.25 -14.90
C ILE B 192 -23.34 -33.74 -14.98
N PRO B 193 -22.63 -34.59 -14.24
CA PRO B 193 -22.84 -36.04 -14.36
C PRO B 193 -24.27 -36.45 -14.08
N GLU B 194 -24.71 -37.49 -14.81
CA GLU B 194 -26.07 -38.00 -14.66
C GLU B 194 -26.33 -38.46 -13.24
N ASP B 195 -25.30 -38.96 -12.55
CA ASP B 195 -25.47 -39.53 -11.22
CA ASP B 195 -25.49 -39.52 -11.21
C ASP B 195 -25.27 -38.51 -10.09
N THR B 196 -25.22 -37.21 -10.40
CA THR B 196 -24.94 -36.21 -9.38
C THR B 196 -25.96 -36.30 -8.25
N PHE B 197 -25.45 -36.30 -7.02
CA PHE B 197 -26.25 -36.45 -5.82
C PHE B 197 -26.75 -35.08 -5.39
N PHE B 198 -28.08 -34.94 -5.25
CA PHE B 198 -28.72 -33.70 -4.78
C PHE B 198 -29.48 -34.00 -3.49
N PRO B 199 -28.87 -33.82 -2.32
CA PRO B 199 -29.57 -34.11 -1.06
C PRO B 199 -30.75 -33.19 -0.87
N SER B 200 -31.79 -33.71 -0.21
CA SER B 200 -33.03 -32.95 -0.05
C SER B 200 -32.80 -31.67 0.78
N PRO B 201 -33.49 -30.57 0.43
CA PRO B 201 -33.50 -29.33 1.23
C PRO B 201 -34.18 -29.49 2.58
N MET C 1 1.16 -12.02 22.49
CA MET C 1 0.02 -12.40 23.31
C MET C 1 -0.89 -13.35 22.57
N ARG C 2 -1.68 -14.11 23.33
CA ARG C 2 -2.72 -14.89 22.70
CA ARG C 2 -2.76 -14.90 22.77
C ARG C 2 -3.86 -13.96 22.27
N THR C 3 -4.85 -14.54 21.59
CA THR C 3 -6.02 -13.75 21.19
CA THR C 3 -6.00 -13.74 21.19
C THR C 3 -6.79 -13.31 22.43
N HIS C 4 -7.31 -12.08 22.39
CA HIS C 4 -8.13 -11.53 23.47
C HIS C 4 -9.27 -10.72 22.86
N SER C 5 -10.31 -10.50 23.67
CA SER C 5 -11.49 -9.79 23.17
C SER C 5 -12.09 -8.92 24.29
N LEU C 6 -12.74 -7.84 23.87
CA LEU C 6 -13.53 -6.95 24.72
C LEU C 6 -14.94 -6.92 24.15
N ARG C 7 -15.95 -7.05 25.02
CA ARG C 7 -17.28 -6.95 24.45
C ARG C 7 -18.25 -6.42 25.50
N TYR C 8 -19.28 -5.72 25.04
CA TYR C 8 -20.34 -5.23 25.94
C TYR C 8 -21.68 -5.76 25.43
N PHE C 9 -22.48 -6.29 26.36
CA PHE C 9 -23.83 -6.76 26.11
C PHE C 9 -24.84 -5.82 26.76
N ARG C 10 -25.98 -5.65 26.12
CA ARG C 10 -27.16 -5.05 26.76
C ARG C 10 -28.31 -6.03 26.67
N LEU C 11 -29.15 -6.04 27.71
CA LEU C 11 -30.37 -6.83 27.74
C LEU C 11 -31.49 -5.93 28.22
N GLY C 12 -32.55 -5.78 27.43
CA GLY C 12 -33.76 -5.09 27.83
C GLY C 12 -34.90 -6.08 27.92
N VAL C 13 -35.75 -5.92 28.95
CA VAL C 13 -36.89 -6.79 29.17
C VAL C 13 -38.12 -5.92 29.36
N SER C 14 -39.18 -6.20 28.58
CA SER C 14 -40.40 -5.45 28.74
C SER C 14 -41.29 -6.15 29.75
N ASP C 15 -42.04 -5.36 30.50
CA ASP C 15 -42.99 -5.87 31.49
C ASP C 15 -42.30 -6.92 32.38
N PRO C 16 -41.16 -6.62 32.97
CA PRO C 16 -40.41 -7.64 33.70
C PRO C 16 -41.10 -8.05 34.99
N ILE C 17 -40.74 -9.24 35.46
CA ILE C 17 -41.18 -9.86 36.70
C ILE C 17 -40.58 -9.12 37.90
N HIS C 18 -41.04 -9.45 39.11
CA HIS C 18 -40.63 -8.74 40.31
C HIS C 18 -39.11 -8.64 40.45
N GLY C 19 -38.38 -9.70 40.12
CA GLY C 19 -36.96 -9.76 40.36
C GLY C 19 -36.04 -9.58 39.16
N VAL C 20 -36.58 -9.26 37.98
CA VAL C 20 -35.80 -9.14 36.75
C VAL C 20 -35.69 -7.66 36.40
N PRO C 21 -34.47 -7.11 36.28
CA PRO C 21 -34.32 -5.70 35.90
C PRO C 21 -34.82 -5.44 34.50
N GLU C 22 -35.29 -4.20 34.27
CA GLU C 22 -35.69 -3.80 32.94
C GLU C 22 -34.49 -3.74 31.99
N PHE C 23 -33.30 -3.47 32.51
CA PHE C 23 -32.12 -3.22 31.66
C PHE C 23 -30.86 -3.59 32.42
N ILE C 24 -29.95 -4.30 31.73
CA ILE C 24 -28.64 -4.72 32.24
C ILE C 24 -27.64 -4.51 31.12
N SER C 25 -26.44 -4.03 31.47
CA SER C 25 -25.35 -3.96 30.50
C SER C 25 -24.08 -4.38 31.20
N VAL C 26 -23.38 -5.36 30.62
CA VAL C 26 -22.20 -5.98 31.23
C VAL C 26 -21.07 -6.01 30.20
N GLY C 27 -19.86 -5.63 30.64
CA GLY C 27 -18.66 -5.77 29.83
C GLY C 27 -17.82 -6.96 30.24
N TYR C 28 -17.12 -7.55 29.27
CA TYR C 28 -16.25 -8.70 29.45
C TYR C 28 -14.94 -8.43 28.75
N VAL C 29 -13.83 -8.85 29.36
CA VAL C 29 -12.59 -9.10 28.62
C VAL C 29 -12.38 -10.61 28.67
N ASP C 30 -12.30 -11.25 27.49
CA ASP C 30 -12.32 -12.72 27.37
C ASP C 30 -13.52 -13.20 28.17
N SER C 31 -13.37 -14.20 29.04
CA SER C 31 -14.48 -14.72 29.83
CA SER C 31 -14.53 -14.66 29.80
C SER C 31 -14.70 -13.94 31.13
N HIS C 32 -13.94 -12.87 31.39
CA HIS C 32 -13.97 -12.18 32.68
C HIS C 32 -14.94 -11.00 32.68
N PRO C 33 -15.98 -10.96 33.54
CA PRO C 33 -16.77 -9.72 33.66
C PRO C 33 -15.89 -8.57 34.12
N ILE C 34 -16.06 -7.40 33.51
CA ILE C 34 -15.27 -6.24 33.94
C ILE C 34 -16.12 -5.08 34.45
N THR C 35 -17.36 -4.97 33.98
CA THR C 35 -18.23 -3.84 34.29
C THR C 35 -19.67 -4.29 34.31
N THR C 36 -20.49 -3.61 35.12
CA THR C 36 -21.92 -3.92 35.18
C THR C 36 -22.71 -2.65 35.47
N TYR C 37 -23.94 -2.62 34.96
CA TYR C 37 -24.89 -1.54 35.15
C TYR C 37 -26.27 -2.17 35.04
N ASP C 38 -27.21 -1.76 35.88
CA ASP C 38 -28.58 -2.18 35.62
C ASP C 38 -29.55 -1.09 36.07
N SER C 39 -30.81 -1.25 35.67
CA SER C 39 -31.84 -0.27 35.91
C SER C 39 -32.25 -0.19 37.38
N VAL C 40 -31.73 -1.08 38.23
CA VAL C 40 -32.00 -1.02 39.67
C VAL C 40 -30.93 -0.20 40.41
N THR C 41 -29.65 -0.49 40.18
CA THR C 41 -28.57 0.28 40.81
C THR C 41 -28.44 1.66 40.17
N ARG C 42 -28.70 1.74 38.87
CA ARG C 42 -28.52 2.95 38.06
C ARG C 42 -27.07 3.45 38.10
N GLN C 43 -26.13 2.55 38.37
CA GLN C 43 -24.71 2.87 38.53
C GLN C 43 -23.83 1.90 37.73
N LYS C 44 -22.84 2.43 37.01
CA LYS C 44 -21.83 1.56 36.43
C LYS C 44 -20.78 1.24 37.50
N GLU C 45 -20.49 -0.05 37.67
CA GLU C 45 -19.59 -0.51 38.72
C GLU C 45 -18.57 -1.52 38.17
N PRO C 46 -17.38 -1.58 38.77
CA PRO C 46 -16.40 -2.59 38.35
C PRO C 46 -16.83 -4.00 38.77
N ARG C 47 -16.44 -4.98 37.94
CA ARG C 47 -16.63 -6.39 38.26
C ARG C 47 -15.30 -7.14 38.34
N ALA C 48 -14.17 -6.41 38.33
CA ALA C 48 -12.86 -7.01 38.49
C ALA C 48 -12.04 -6.02 39.33
N PRO C 49 -11.29 -6.50 40.32
CA PRO C 49 -10.53 -5.56 41.16
C PRO C 49 -9.50 -4.76 40.38
N TRP C 50 -8.96 -5.33 39.30
CA TRP C 50 -8.00 -4.59 38.49
C TRP C 50 -8.65 -3.54 37.61
N MET C 51 -9.96 -3.63 37.36
CA MET C 51 -10.69 -2.48 36.82
C MET C 51 -10.86 -1.38 37.86
N ALA C 52 -11.26 -1.75 39.08
CA ALA C 52 -11.53 -0.75 40.13
C ALA C 52 -10.26 0.01 40.51
N GLU C 53 -9.12 -0.68 40.56
CA GLU C 53 -7.88 -0.03 40.97
C GLU C 53 -7.35 0.94 39.92
N ASN C 54 -7.66 0.73 38.64
CA ASN C 54 -6.95 1.43 37.58
C ASN C 54 -7.75 2.48 36.85
N LEU C 55 -9.07 2.53 37.02
CA LEU C 55 -9.89 3.58 36.41
C LEU C 55 -10.31 4.58 37.48
N ALA C 56 -10.02 5.86 37.23
CA ALA C 56 -10.41 6.94 38.14
C ALA C 56 -11.93 7.01 38.29
N PRO C 57 -12.42 7.60 39.39
CA PRO C 57 -13.88 7.68 39.58
C PRO C 57 -14.61 8.41 38.46
N ASP C 58 -13.97 9.38 37.81
CA ASP C 58 -14.67 10.08 36.73
C ASP C 58 -15.02 9.15 35.57
N HIS C 59 -14.35 8.00 35.44
CA HIS C 59 -14.77 7.00 34.46
C HIS C 59 -16.16 6.46 34.77
N TRP C 60 -16.34 5.91 35.98
CA TRP C 60 -17.63 5.35 36.36
C TRP C 60 -18.71 6.42 36.39
N GLU C 61 -18.37 7.64 36.79
CA GLU C 61 -19.36 8.71 36.84
C GLU C 61 -19.85 9.11 35.45
N ARG C 62 -18.95 9.22 34.47
CA ARG C 62 -19.36 9.63 33.13
C ARG C 62 -20.17 8.54 32.45
N TYR C 63 -19.69 7.31 32.49
CA TYR C 63 -20.44 6.24 31.82
C TYR C 63 -21.73 5.88 32.55
N THR C 64 -21.83 6.16 33.85
CA THR C 64 -23.13 6.00 34.52
C THR C 64 -24.18 6.84 33.82
N GLN C 65 -23.86 8.11 33.53
CA GLN C 65 -24.81 8.97 32.85
C GLN C 65 -25.14 8.45 31.46
N LEU C 66 -24.13 8.02 30.69
CA LEU C 66 -24.37 7.50 29.34
C LEU C 66 -25.26 6.26 29.38
N LEU C 67 -25.00 5.37 30.34
CA LEU C 67 -25.79 4.15 30.47
C LEU C 67 -27.23 4.45 30.85
N ARG C 68 -27.47 5.52 31.61
CA ARG C 68 -28.84 5.88 31.94
C ARG C 68 -29.58 6.30 30.68
N GLY C 69 -28.87 6.96 29.75
CA GLY C 69 -29.48 7.24 28.45
C GLY C 69 -29.62 6.02 27.56
N TRP C 70 -28.60 5.16 27.52
CA TRP C 70 -28.72 3.93 26.73
C TRP C 70 -29.87 3.08 27.24
N GLN C 71 -30.07 3.06 28.56
CA GLN C 71 -31.21 2.36 29.14
C GLN C 71 -32.52 2.90 28.59
N GLN C 72 -32.66 4.24 28.55
CA GLN C 72 -33.89 4.82 28.04
C GLN C 72 -34.06 4.52 26.56
N MET C 73 -32.97 4.60 25.79
CA MET C 73 -33.01 4.32 24.37
C MET C 73 -33.45 2.89 24.10
N PHE C 74 -32.93 1.94 24.87
CA PHE C 74 -33.33 0.54 24.75
C PHE C 74 -34.81 0.37 25.07
N LYS C 75 -35.30 1.05 26.10
CA LYS C 75 -36.71 0.91 26.46
C LYS C 75 -37.60 1.30 25.29
N VAL C 76 -37.26 2.40 24.63
CA VAL C 76 -38.10 2.90 23.54
C VAL C 76 -37.95 2.03 22.30
N GLU C 77 -36.72 1.61 21.99
CA GLU C 77 -36.50 0.77 20.82
C GLU C 77 -37.25 -0.54 20.94
N LEU C 78 -37.30 -1.11 22.15
CA LEU C 78 -38.05 -2.34 22.34
C LEU C 78 -39.56 -2.10 22.21
N LYS C 79 -40.06 -0.95 22.67
CA LYS C 79 -41.49 -0.68 22.48
C LYS C 79 -41.84 -0.62 21.00
N ARG C 80 -40.98 0.00 20.19
CA ARG C 80 -41.24 0.11 18.75
C ARG C 80 -41.13 -1.24 18.06
N LEU C 81 -40.16 -2.05 18.47
CA LEU C 81 -40.09 -3.41 17.92
C LEU C 81 -41.37 -4.19 18.22
N GLN C 82 -41.86 -4.16 19.48
CA GLN C 82 -43.08 -4.89 19.75
C GLN C 82 -44.24 -4.38 18.90
N ARG C 83 -44.30 -3.06 18.69
CA ARG C 83 -45.37 -2.51 17.87
C ARG C 83 -45.27 -3.01 16.44
N HIS C 84 -44.05 -3.05 15.88
CA HIS C 84 -43.85 -3.57 14.51
C HIS C 84 -44.34 -5.00 14.40
N TYR C 85 -44.05 -5.82 15.41
CA TYR C 85 -44.46 -7.22 15.41
C TYR C 85 -45.89 -7.42 15.90
N ASN C 86 -46.56 -6.38 16.38
CA ASN C 86 -47.85 -6.54 17.02
C ASN C 86 -47.75 -7.54 18.19
N HIS C 87 -46.75 -7.32 19.04
CA HIS C 87 -46.48 -8.20 20.19
C HIS C 87 -46.92 -7.57 21.49
N SER C 88 -47.51 -8.39 22.36
CA SER C 88 -47.87 -8.00 23.71
CA SER C 88 -47.87 -7.99 23.70
C SER C 88 -47.07 -8.83 24.70
N GLY C 89 -47.21 -8.51 25.98
CA GLY C 89 -46.51 -9.24 27.00
C GLY C 89 -45.02 -8.95 27.01
N SER C 90 -44.27 -9.86 27.63
CA SER C 90 -42.86 -9.66 27.91
C SER C 90 -41.98 -10.16 26.76
N HIS C 91 -41.10 -9.31 26.28
CA HIS C 91 -40.18 -9.65 25.22
C HIS C 91 -38.81 -9.12 25.59
N THR C 92 -37.77 -9.55 24.86
CA THR C 92 -36.40 -9.19 25.19
C THR C 92 -35.73 -8.58 23.97
N TYR C 93 -34.79 -7.71 24.24
CA TYR C 93 -33.99 -7.00 23.24
C TYR C 93 -32.55 -7.09 23.72
N GLN C 94 -31.63 -7.44 22.82
CA GLN C 94 -30.26 -7.66 23.23
C GLN C 94 -29.31 -7.04 22.21
N ARG C 95 -28.16 -6.63 22.72
CA ARG C 95 -27.12 -6.04 21.87
C ARG C 95 -25.77 -6.57 22.29
N MET C 96 -24.86 -6.74 21.33
CA MET C 96 -23.51 -7.17 21.66
C MET C 96 -22.58 -6.42 20.74
N ILE C 97 -21.61 -5.71 21.30
CA ILE C 97 -20.60 -5.03 20.50
C ILE C 97 -19.23 -5.50 20.98
N GLY C 98 -18.23 -5.50 20.11
CA GLY C 98 -16.94 -5.87 20.68
C GLY C 98 -15.89 -6.02 19.61
N CYS C 99 -14.70 -6.40 20.06
CA CYS C 99 -13.57 -6.50 19.16
C CYS C 99 -12.64 -7.60 19.66
N GLU C 100 -11.85 -8.14 18.74
CA GLU C 100 -10.80 -9.10 19.06
C GLU C 100 -9.47 -8.57 18.56
N LEU C 101 -8.44 -8.76 19.37
CA LEU C 101 -7.04 -8.54 18.99
C LEU C 101 -6.40 -9.92 18.89
N LEU C 102 -6.10 -10.35 17.66
CA LEU C 102 -5.66 -11.72 17.46
C LEU C 102 -4.14 -11.85 17.71
N GLU C 103 -3.73 -13.10 17.91
CA GLU C 103 -2.34 -13.40 18.20
C GLU C 103 -1.42 -12.85 17.11
N ASP C 104 -1.84 -12.92 15.85
CA ASP C 104 -1.01 -12.41 14.75
C ASP C 104 -1.08 -10.90 14.60
N GLY C 105 -1.80 -10.20 15.48
CA GLY C 105 -1.89 -8.74 15.46
C GLY C 105 -3.06 -8.16 14.66
N SER C 106 -3.75 -8.98 13.88
CA SER C 106 -4.91 -8.46 13.17
C SER C 106 -6.10 -8.29 14.12
N THR C 107 -7.17 -7.67 13.62
CA THR C 107 -8.31 -7.34 14.49
C THR C 107 -9.61 -7.74 13.82
N THR C 108 -10.65 -7.93 14.64
CA THR C 108 -12.02 -8.14 14.19
C THR C 108 -12.94 -7.26 15.03
N GLY C 109 -14.10 -6.94 14.50
CA GLY C 109 -15.09 -6.19 15.26
C GLY C 109 -16.48 -6.66 14.91
N PHE C 110 -17.41 -6.53 15.85
CA PHE C 110 -18.76 -7.01 15.62
C PHE C 110 -19.75 -6.15 16.39
N LEU C 111 -20.95 -6.05 15.85
CA LEU C 111 -22.01 -5.28 16.50
C LEU C 111 -23.31 -5.90 16.04
N GLN C 112 -24.11 -6.41 16.98
CA GLN C 112 -25.25 -7.26 16.63
C GLN C 112 -26.39 -6.99 17.61
N TYR C 113 -27.61 -7.17 17.13
CA TYR C 113 -28.81 -7.08 17.95
C TYR C 113 -29.63 -8.36 17.82
N ALA C 114 -30.39 -8.66 18.87
CA ALA C 114 -31.29 -9.80 18.86
C ALA C 114 -32.61 -9.40 19.49
N TYR C 115 -33.70 -10.01 18.98
CA TYR C 115 -35.03 -9.82 19.51
C TYR C 115 -35.56 -11.18 19.94
N ASP C 116 -35.97 -11.29 21.21
CA ASP C 116 -36.43 -12.56 21.78
C ASP C 116 -35.38 -13.66 21.61
N GLY C 117 -34.12 -13.28 21.75
CA GLY C 117 -32.99 -14.19 21.76
C GLY C 117 -32.59 -14.72 20.40
N GLN C 118 -33.11 -14.15 19.31
CA GLN C 118 -32.77 -14.58 17.97
C GLN C 118 -32.16 -13.42 17.21
N ASP C 119 -31.20 -13.73 16.32
CA ASP C 119 -30.58 -12.70 15.48
C ASP C 119 -31.63 -11.81 14.86
N PHE C 120 -31.34 -10.50 14.84
CA PHE C 120 -32.26 -9.49 14.33
C PHE C 120 -31.55 -8.58 13.33
N LEU C 121 -30.46 -7.92 13.75
CA LEU C 121 -29.68 -7.03 12.89
C LEU C 121 -28.18 -7.27 13.11
N ILE C 122 -27.40 -7.39 12.03
CA ILE C 122 -25.96 -7.66 12.12
C ILE C 122 -25.23 -6.58 11.32
N PHE C 123 -24.33 -5.86 11.96
CA PHE C 123 -23.62 -4.76 11.33
C PHE C 123 -22.47 -5.30 10.48
N ASN C 124 -22.32 -4.74 9.27
CA ASN C 124 -21.24 -5.07 8.33
C ASN C 124 -20.36 -3.83 8.26
N LYS C 125 -19.25 -3.83 8.98
CA LYS C 125 -18.47 -2.60 9.04
C LYS C 125 -17.61 -2.41 7.80
N ASP C 126 -17.57 -3.41 6.93
CA ASP C 126 -16.80 -3.34 5.69
C ASP C 126 -17.58 -2.70 4.56
N THR C 127 -18.91 -2.76 4.61
CA THR C 127 -19.74 -2.04 3.65
C THR C 127 -20.62 -1.00 4.31
N LEU C 128 -20.49 -0.79 5.61
CA LEU C 128 -21.30 0.19 6.34
C LEU C 128 -22.79 -0.05 6.08
N SER C 129 -23.21 -1.27 6.38
CA SER C 129 -24.61 -1.64 6.16
C SER C 129 -25.04 -2.60 7.25
N TRP C 130 -26.34 -2.76 7.37
CA TRP C 130 -26.94 -3.61 8.39
C TRP C 130 -27.64 -4.77 7.71
N LEU C 131 -27.35 -5.99 8.15
CA LEU C 131 -28.02 -7.16 7.60
C LEU C 131 -29.27 -7.46 8.45
N ALA C 132 -30.44 -7.51 7.82
CA ALA C 132 -31.72 -7.67 8.51
C ALA C 132 -32.29 -9.06 8.29
N VAL C 133 -32.86 -9.66 9.34
CA VAL C 133 -33.38 -11.03 9.21
C VAL C 133 -34.81 -11.10 8.65
N ASP C 134 -35.59 -10.04 8.75
CA ASP C 134 -36.97 -10.08 8.29
C ASP C 134 -37.41 -8.66 7.95
N ASN C 135 -38.71 -8.51 7.63
CA ASN C 135 -39.22 -7.22 7.20
C ASN C 135 -39.17 -6.19 8.31
N VAL C 136 -39.40 -6.61 9.56
CA VAL C 136 -39.32 -5.66 10.66
C VAL C 136 -37.89 -5.14 10.82
N ALA C 137 -36.91 -6.06 10.85
CA ALA C 137 -35.52 -5.63 10.90
C ALA C 137 -35.15 -4.77 9.70
N HIS C 138 -35.74 -5.04 8.53
CA HIS C 138 -35.48 -4.23 7.35
C HIS C 138 -35.93 -2.78 7.53
N THR C 139 -37.09 -2.56 8.15
CA THR C 139 -37.55 -1.20 8.42
CA THR C 139 -37.50 -1.16 8.34
C THR C 139 -36.54 -0.45 9.30
N ILE C 140 -36.02 -1.14 10.31
CA ILE C 140 -35.02 -0.53 11.18
C ILE C 140 -33.72 -0.27 10.43
N LYS C 141 -33.25 -1.27 9.67
CA LYS C 141 -32.07 -1.11 8.81
C LYS C 141 -32.13 0.18 8.00
N GLN C 142 -33.25 0.43 7.31
CA GLN C 142 -33.35 1.61 6.46
C GLN C 142 -33.17 2.90 7.26
N ALA C 143 -33.71 2.95 8.48
CA ALA C 143 -33.52 4.14 9.30
C ALA C 143 -32.04 4.30 9.69
N TRP C 144 -31.41 3.21 10.13
CA TRP C 144 -30.02 3.31 10.59
C TRP C 144 -29.06 3.57 9.44
N GLU C 145 -29.31 2.96 8.27
CA GLU C 145 -28.43 3.17 7.12
C GLU C 145 -28.52 4.58 6.56
N ALA C 146 -29.58 5.32 6.88
CA ALA C 146 -29.69 6.69 6.41
C ALA C 146 -28.72 7.64 7.14
N ASN C 147 -28.17 7.22 8.27
CA ASN C 147 -27.28 8.10 9.05
C ASN C 147 -25.84 7.67 8.80
N GLN C 148 -25.28 8.17 7.69
CA GLN C 148 -23.93 7.77 7.28
C GLN C 148 -22.89 8.04 8.36
N HIS C 149 -22.97 9.20 9.03
CA HIS C 149 -21.96 9.56 10.02
C HIS C 149 -21.96 8.59 11.19
N GLU C 150 -23.15 8.15 11.61
CA GLU C 150 -23.21 7.22 12.73
CA GLU C 150 -23.25 7.21 12.72
C GLU C 150 -22.65 5.86 12.34
N LEU C 151 -22.79 5.46 11.06
CA LEU C 151 -22.15 4.23 10.62
C LEU C 151 -20.64 4.36 10.69
N LEU C 152 -20.11 5.50 10.23
CA LEU C 152 -18.67 5.74 10.28
C LEU C 152 -18.18 5.76 11.73
N TYR C 153 -18.98 6.34 12.64
CA TYR C 153 -18.61 6.37 14.04
C TYR C 153 -18.50 4.96 14.61
N GLN C 154 -19.42 4.07 14.26
CA GLN C 154 -19.32 2.70 14.79
C GLN C 154 -18.11 1.97 14.23
N LYS C 155 -17.81 2.22 12.96
CA LYS C 155 -16.62 1.59 12.37
C LYS C 155 -15.37 2.05 13.12
N ASN C 156 -15.25 3.36 13.36
CA ASN C 156 -14.11 3.86 14.12
C ASN C 156 -14.08 3.30 15.52
N TRP C 157 -15.25 3.19 16.18
CA TRP C 157 -15.24 2.65 17.53
C TRP C 157 -14.77 1.21 17.54
N LEU C 158 -15.31 0.37 16.64
CA LEU C 158 -14.91 -1.04 16.59
C LEU C 158 -13.44 -1.22 16.25
N GLU C 159 -12.92 -0.44 15.29
CA GLU C 159 -11.59 -0.71 14.77
C GLU C 159 -10.48 -0.03 15.56
N GLU C 160 -10.73 1.14 16.14
CA GLU C 160 -9.71 1.89 16.84
C GLU C 160 -9.94 1.97 18.35
N GLU C 161 -11.09 2.53 18.76
CA GLU C 161 -11.33 2.79 20.18
C GLU C 161 -11.43 1.49 20.96
N CYS C 162 -12.20 0.52 20.43
CA CYS C 162 -12.37 -0.73 21.13
C CYS C 162 -11.04 -1.45 21.31
N ILE C 163 -10.20 -1.47 20.26
CA ILE C 163 -8.91 -2.12 20.40
C ILE C 163 -8.04 -1.38 21.44
N ALA C 164 -8.11 -0.06 21.48
CA ALA C 164 -7.28 0.66 22.43
C ALA C 164 -7.76 0.41 23.86
N TRP C 165 -9.08 0.31 24.08
CA TRP C 165 -9.58 -0.05 25.41
C TRP C 165 -9.11 -1.44 25.80
N LEU C 166 -9.20 -2.39 24.87
CA LEU C 166 -8.80 -3.76 25.15
C LEU C 166 -7.33 -3.82 25.57
N LYS C 167 -6.43 -3.16 24.84
CA LYS C 167 -5.02 -3.18 25.23
C LYS C 167 -4.80 -2.58 26.61
N ARG C 168 -5.51 -1.49 26.89
CA ARG C 168 -5.44 -0.85 28.18
C ARG C 168 -5.90 -1.81 29.28
N PHE C 169 -7.04 -2.50 29.07
CA PHE C 169 -7.55 -3.44 30.08
C PHE C 169 -6.65 -4.67 30.21
N LEU C 170 -6.09 -5.13 29.08
CA LEU C 170 -5.19 -6.27 29.15
CA LEU C 170 -5.17 -6.26 29.13
C LEU C 170 -3.98 -5.97 30.03
N GLU C 171 -3.51 -4.73 30.03
CA GLU C 171 -2.41 -4.36 30.91
C GLU C 171 -2.88 -4.28 32.36
N TYR C 172 -4.01 -3.61 32.63
CA TYR C 172 -4.56 -3.57 33.99
C TYR C 172 -4.67 -4.97 34.59
N GLY C 173 -5.29 -5.90 33.85
CA GLY C 173 -5.48 -7.24 34.35
C GLY C 173 -4.44 -8.28 33.96
N LYS C 174 -3.22 -7.85 33.61
CA LYS C 174 -2.27 -8.79 33.03
C LYS C 174 -1.99 -9.98 33.94
N ASP C 175 -1.89 -9.76 35.26
CA ASP C 175 -1.62 -10.87 36.17
C ASP C 175 -2.69 -11.95 36.12
N THR C 176 -3.91 -11.60 35.70
CA THR C 176 -4.99 -12.56 35.52
C THR C 176 -5.08 -13.06 34.08
N LEU C 177 -5.20 -12.13 33.13
CA LEU C 177 -5.54 -12.45 31.75
C LEU C 177 -4.39 -13.09 30.98
N GLN C 178 -3.15 -12.78 31.34
CA GLN C 178 -2.00 -13.23 30.55
C GLN C 178 -1.25 -14.38 31.21
N ARG C 179 -1.78 -14.92 32.30
CA ARG C 179 -1.13 -16.02 32.99
C ARG C 179 -1.46 -17.34 32.29
N THR C 180 -0.71 -18.39 32.67
CA THR C 180 -0.94 -19.74 32.18
C THR C 180 -0.94 -20.70 33.36
N GLU C 181 -2.01 -21.48 33.50
CA GLU C 181 -2.02 -22.59 34.45
C GLU C 181 -2.20 -23.83 33.61
N PRO C 182 -1.22 -24.72 33.54
CA PRO C 182 -1.30 -25.87 32.63
C PRO C 182 -2.29 -26.89 33.14
N PRO C 183 -2.85 -27.71 32.27
CA PRO C 183 -3.82 -28.71 32.70
C PRO C 183 -3.17 -29.88 33.42
N LEU C 184 -3.92 -30.41 34.40
CA LEU C 184 -3.71 -31.74 34.93
C LEU C 184 -4.57 -32.70 34.10
N VAL C 185 -3.96 -33.72 33.50
CA VAL C 185 -4.68 -34.58 32.56
C VAL C 185 -4.47 -36.03 32.96
N ARG C 186 -5.55 -36.82 32.91
CA ARG C 186 -5.48 -38.23 33.25
C ARG C 186 -6.41 -39.00 32.32
N VAL C 187 -6.10 -40.27 32.13
CA VAL C 187 -6.93 -41.17 31.33
C VAL C 187 -7.49 -42.25 32.24
N ASN C 188 -8.81 -42.44 32.16
CA ASN C 188 -9.53 -43.46 32.91
C ASN C 188 -10.11 -44.49 31.96
N ARG C 189 -10.01 -45.76 32.34
CA ARG C 189 -10.47 -46.87 31.53
C ARG C 189 -11.40 -47.74 32.36
N LYS C 190 -12.50 -48.22 31.78
CA LYS C 190 -13.43 -49.08 32.50
CA LYS C 190 -13.35 -49.18 32.48
C LYS C 190 -14.31 -49.83 31.50
N GLU C 191 -14.63 -51.10 31.80
CA GLU C 191 -15.64 -51.81 31.02
C GLU C 191 -17.01 -51.41 31.51
N THR C 192 -17.89 -51.05 30.57
CA THR C 192 -19.18 -50.47 30.92
C THR C 192 -20.26 -51.49 30.62
N PHE C 193 -20.98 -51.37 29.50
CA PHE C 193 -21.79 -52.47 29.02
C PHE C 193 -20.88 -53.64 28.69
N PRO C 194 -21.32 -54.89 28.90
CA PRO C 194 -20.45 -56.05 28.62
C PRO C 194 -19.82 -56.01 27.23
N GLY C 195 -18.49 -56.07 27.16
CA GLY C 195 -17.76 -55.96 25.92
C GLY C 195 -17.42 -54.55 25.48
N VAL C 196 -17.88 -53.52 26.20
CA VAL C 196 -17.74 -52.13 25.77
C VAL C 196 -16.87 -51.41 26.79
N THR C 197 -15.69 -50.97 26.35
CA THR C 197 -14.74 -50.28 27.21
C THR C 197 -14.73 -48.79 26.87
N ALA C 198 -14.91 -47.95 27.89
CA ALA C 198 -14.93 -46.50 27.74
C ALA C 198 -13.62 -45.91 28.23
N LEU C 199 -13.01 -45.06 27.40
CA LEU C 199 -11.81 -44.32 27.77
C LEU C 199 -12.18 -42.85 27.91
N PHE C 200 -11.90 -42.27 29.08
CA PHE C 200 -12.12 -40.86 29.34
C PHE C 200 -10.77 -40.17 29.51
N CYS C 201 -10.56 -39.09 28.78
CA CYS C 201 -9.41 -38.21 28.94
C CYS C 201 -9.93 -36.96 29.64
N LYS C 202 -9.48 -36.71 30.86
CA LYS C 202 -10.04 -35.66 31.70
C LYS C 202 -8.96 -34.66 32.07
N ALA C 203 -9.28 -33.38 31.93
CA ALA C 203 -8.35 -32.30 32.24
C ALA C 203 -8.99 -31.34 33.21
N HIS C 204 -8.21 -30.82 34.14
CA HIS C 204 -8.72 -29.77 34.99
C HIS C 204 -7.57 -28.89 35.45
N GLY C 205 -7.92 -27.81 36.12
CA GLY C 205 -6.92 -26.92 36.68
C GLY C 205 -6.30 -25.94 35.71
N PHE C 206 -6.86 -25.76 34.51
CA PHE C 206 -6.13 -25.00 33.49
C PHE C 206 -6.75 -23.61 33.26
N TYR C 207 -5.88 -22.69 32.85
CA TYR C 207 -6.23 -21.33 32.42
C TYR C 207 -5.21 -20.94 31.36
N PRO C 208 -5.62 -20.35 30.26
CA PRO C 208 -6.97 -19.92 29.87
C PRO C 208 -7.90 -21.11 29.52
N PRO C 209 -9.19 -20.86 29.35
CA PRO C 209 -10.13 -21.98 29.11
C PRO C 209 -9.95 -22.66 27.76
N GLU C 210 -9.41 -21.97 26.77
CA GLU C 210 -9.20 -22.58 25.45
C GLU C 210 -8.24 -23.76 25.54
N ILE C 211 -8.74 -24.94 25.18
CA ILE C 211 -7.95 -26.17 25.23
C ILE C 211 -8.41 -27.06 24.08
N TYR C 212 -7.48 -27.84 23.54
CA TYR C 212 -7.78 -28.81 22.50
CA TYR C 212 -7.77 -28.80 22.49
C TYR C 212 -7.52 -30.21 23.03
N MET C 213 -8.49 -31.10 22.85
CA MET C 213 -8.37 -32.48 23.31
C MET C 213 -8.92 -33.39 22.24
N THR C 214 -8.21 -34.47 21.97
CA THR C 214 -8.70 -35.40 20.98
C THR C 214 -8.14 -36.78 21.29
N TRP C 215 -8.71 -37.77 20.62
CA TRP C 215 -8.25 -39.16 20.72
C TRP C 215 -7.71 -39.60 19.36
N MET C 216 -6.58 -40.29 19.39
CA MET C 216 -5.94 -40.81 18.19
C MET C 216 -5.77 -42.31 18.30
N LYS C 217 -5.85 -42.99 17.15
CA LYS C 217 -5.65 -44.43 17.01
C LYS C 217 -4.39 -44.65 16.20
N ASN C 218 -3.45 -45.41 16.77
CA ASN C 218 -2.17 -45.71 16.11
C ASN C 218 -1.43 -44.45 15.69
N GLY C 219 -1.66 -43.34 16.39
CA GLY C 219 -0.91 -42.12 16.19
C GLY C 219 -1.26 -41.31 14.95
N GLU C 220 -1.70 -41.99 13.89
CA GLU C 220 -1.92 -41.33 12.60
C GLU C 220 -3.37 -40.98 12.33
N GLU C 221 -4.31 -41.81 12.76
CA GLU C 221 -5.72 -41.60 12.48
C GLU C 221 -6.44 -41.03 13.70
N ILE C 222 -7.63 -40.54 13.46
CA ILE C 222 -8.42 -39.85 14.47
C ILE C 222 -9.68 -40.66 14.72
N VAL C 223 -9.93 -40.97 15.98
CA VAL C 223 -10.97 -41.93 16.33
C VAL C 223 -12.35 -41.37 15.99
N GLN C 224 -13.19 -42.20 15.41
CA GLN C 224 -14.58 -41.86 15.14
C GLN C 224 -15.43 -41.94 16.40
N GLU C 225 -16.45 -41.09 16.46
CA GLU C 225 -17.42 -41.09 17.55
C GLU C 225 -16.74 -40.78 18.89
N ILE C 226 -16.32 -39.54 18.98
CA ILE C 226 -15.75 -39.00 20.20
C ILE C 226 -16.83 -38.17 20.89
N ASP C 227 -16.96 -38.32 22.20
CA ASP C 227 -17.85 -37.49 23.00
CA ASP C 227 -17.85 -37.48 22.98
C ASP C 227 -17.02 -36.41 23.68
N TYR C 228 -17.51 -35.18 23.69
CA TYR C 228 -16.78 -34.08 24.29
C TYR C 228 -17.52 -33.51 25.49
N GLY C 229 -16.79 -33.29 26.58
CA GLY C 229 -17.32 -32.53 27.70
C GLY C 229 -17.10 -31.04 27.50
N ASP C 230 -18.07 -30.25 27.94
CA ASP C 230 -17.96 -28.80 27.87
C ASP C 230 -16.78 -28.31 28.68
N ILE C 231 -16.26 -27.14 28.32
CA ILE C 231 -15.25 -26.48 29.13
C ILE C 231 -15.97 -25.72 30.23
N LEU C 232 -15.77 -26.15 31.48
CA LEU C 232 -16.58 -25.69 32.59
C LEU C 232 -15.74 -24.97 33.64
N PRO C 233 -16.25 -23.88 34.23
CA PRO C 233 -15.48 -23.18 35.27
C PRO C 233 -15.48 -23.98 36.56
N SER C 234 -14.32 -24.14 37.16
CA SER C 234 -14.24 -24.91 38.41
C SER C 234 -14.49 -24.05 39.65
N GLY C 235 -14.59 -22.74 39.49
CA GLY C 235 -14.95 -21.83 40.56
C GLY C 235 -13.76 -21.11 41.16
N ASP C 236 -12.55 -21.57 40.87
CA ASP C 236 -11.34 -20.97 41.40
C ASP C 236 -10.54 -20.23 40.33
N GLY C 237 -11.17 -19.87 39.22
CA GLY C 237 -10.49 -19.22 38.12
C GLY C 237 -9.92 -20.16 37.07
N THR C 238 -9.95 -21.47 37.30
CA THR C 238 -9.50 -22.45 36.32
C THR C 238 -10.69 -23.23 35.78
N TYR C 239 -10.42 -24.10 34.81
CA TYR C 239 -11.46 -24.75 34.02
C TYR C 239 -11.20 -26.24 33.93
N GLN C 240 -12.20 -27.00 33.49
CA GLN C 240 -12.08 -28.44 33.34
C GLN C 240 -12.86 -28.88 32.10
N ALA C 241 -12.42 -29.99 31.50
CA ALA C 241 -13.05 -30.53 30.30
C ALA C 241 -12.64 -31.99 30.13
N TRP C 242 -13.27 -32.67 29.17
CA TRP C 242 -12.92 -34.07 28.92
C TRP C 242 -13.32 -34.49 27.51
N ALA C 243 -12.79 -35.64 27.09
CA ALA C 243 -13.16 -36.27 25.83
C ALA C 243 -13.10 -37.78 26.00
N SER C 244 -14.04 -38.50 25.38
CA SER C 244 -14.14 -39.93 25.63
C SER C 244 -14.46 -40.69 24.34
N ILE C 245 -14.06 -41.97 24.31
CA ILE C 245 -14.29 -42.87 23.19
C ILE C 245 -14.59 -44.26 23.75
N GLU C 246 -14.95 -45.17 22.83
CA GLU C 246 -15.06 -46.61 23.07
C GLU C 246 -13.80 -47.28 22.53
N LEU C 247 -13.11 -48.05 23.38
CA LEU C 247 -11.90 -48.73 22.94
C LEU C 247 -12.25 -49.84 21.95
N SER C 252 -5.68 -54.62 20.63
CA SER C 252 -5.72 -54.66 19.17
C SER C 252 -5.11 -53.39 18.56
N ASN C 253 -5.56 -52.24 19.03
CA ASN C 253 -5.08 -50.94 18.56
C ASN C 253 -4.56 -50.12 19.73
N LEU C 254 -3.74 -49.12 19.42
CA LEU C 254 -3.10 -48.27 20.42
C LEU C 254 -3.78 -46.90 20.41
N TYR C 255 -4.43 -46.56 21.51
CA TYR C 255 -5.13 -45.29 21.64
C TYR C 255 -4.33 -44.30 22.47
N SER C 256 -4.41 -43.04 22.10
CA SER C 256 -3.77 -42.00 22.90
C SER C 256 -4.63 -40.75 22.92
N CYS C 257 -4.60 -40.05 24.05
CA CYS C 257 -5.27 -38.76 24.19
C CYS C 257 -4.25 -37.65 23.96
N HIS C 258 -4.59 -36.68 23.11
CA HIS C 258 -3.71 -35.57 22.79
C HIS C 258 -4.34 -34.28 23.32
N VAL C 259 -3.55 -33.48 24.03
CA VAL C 259 -4.04 -32.25 24.63
C VAL C 259 -3.10 -31.13 24.21
N GLU C 260 -3.67 -30.03 23.73
CA GLU C 260 -2.92 -28.83 23.38
C GLU C 260 -3.40 -27.69 24.23
N HIS C 261 -2.50 -27.08 25.00
CA HIS C 261 -2.89 -25.95 25.83
C HIS C 261 -1.77 -24.92 25.85
N SER C 262 -2.09 -23.69 25.42
CA SER C 262 -1.18 -22.55 25.50
CA SER C 262 -1.18 -22.54 25.49
C SER C 262 0.24 -22.90 25.03
N GLY C 263 0.33 -23.53 23.86
CA GLY C 263 1.63 -23.78 23.26
C GLY C 263 2.37 -24.99 23.78
N VAL C 264 1.76 -25.80 24.62
CA VAL C 264 2.33 -27.06 25.08
C VAL C 264 1.45 -28.19 24.58
N HIS C 265 2.08 -29.21 23.98
CA HIS C 265 1.37 -30.41 23.57
CA HIS C 265 1.41 -30.43 23.54
C HIS C 265 1.63 -31.53 24.58
N MET C 266 0.62 -32.35 24.80
CA MET C 266 0.73 -33.43 25.77
C MET C 266 0.09 -34.68 25.18
N VAL C 267 0.72 -35.83 25.39
CA VAL C 267 0.20 -37.10 24.89
C VAL C 267 0.15 -38.10 26.04
N LEU C 268 -0.99 -38.80 26.16
CA LEU C 268 -1.22 -39.83 27.18
C LEU C 268 -1.61 -41.11 26.46
N GLN C 269 -0.67 -42.04 26.37
CA GLN C 269 -0.86 -43.32 25.70
C GLN C 269 -1.54 -44.31 26.62
N VAL C 270 -2.50 -45.07 26.09
CA VAL C 270 -3.26 -46.03 26.87
C VAL C 270 -2.49 -47.34 26.89
N PRO C 271 -2.11 -47.87 28.06
CA PRO C 271 -1.35 -49.11 28.18
C PRO C 271 -2.22 -50.36 28.07
N GLY D 2 -2.72 15.83 29.70
CA GLY D 2 -3.85 16.72 29.61
C GLY D 2 -4.35 16.88 28.19
N GLN D 3 -5.67 16.97 28.05
CA GLN D 3 -6.28 17.03 26.73
C GLN D 3 -6.31 18.47 26.22
N ASN D 4 -6.07 18.64 24.92
CA ASN D 4 -5.86 19.95 24.37
CA ASN D 4 -5.83 19.96 24.35
C ASN D 4 -6.39 20.02 22.95
N ILE D 5 -7.02 21.14 22.60
CA ILE D 5 -7.53 21.40 21.26
C ILE D 5 -7.03 22.79 20.88
N ASP D 6 -6.30 22.89 19.77
CA ASP D 6 -5.68 24.15 19.38
C ASP D 6 -6.12 24.55 17.98
N GLN D 7 -6.58 25.79 17.85
CA GLN D 7 -6.87 26.39 16.56
C GLN D 7 -6.46 27.85 16.67
N PRO D 8 -6.08 28.47 15.57
CA PRO D 8 -5.59 29.86 15.62
C PRO D 8 -6.65 30.80 16.20
N THR D 9 -6.18 31.85 16.86
CA THR D 9 -7.11 32.81 17.46
C THR D 9 -7.87 33.55 16.38
N GLU D 10 -7.18 33.93 15.31
CA GLU D 10 -7.74 34.78 14.27
C GLU D 10 -7.04 34.48 12.95
N MET D 11 -7.81 34.61 11.86
CA MET D 11 -7.29 34.51 10.51
C MET D 11 -7.97 35.57 9.65
N THR D 12 -7.22 36.10 8.69
CA THR D 12 -7.73 37.13 7.80
C THR D 12 -7.40 36.68 6.39
N ALA D 13 -8.39 36.74 5.49
CA ALA D 13 -8.20 36.36 4.10
C ALA D 13 -9.01 37.32 3.24
N THR D 14 -8.82 37.23 1.92
CA THR D 14 -9.45 38.17 1.01
C THR D 14 -10.71 37.58 0.40
N GLU D 15 -11.74 38.41 0.30
CA GLU D 15 -12.96 38.05 -0.42
C GLU D 15 -12.64 37.42 -1.77
N GLY D 16 -13.31 36.31 -2.07
CA GLY D 16 -13.11 35.58 -3.31
C GLY D 16 -11.99 34.56 -3.29
N ALA D 17 -11.18 34.53 -2.25
CA ALA D 17 -10.06 33.62 -2.11
C ALA D 17 -10.47 32.40 -1.28
N ILE D 18 -9.48 31.70 -0.72
CA ILE D 18 -9.68 30.49 0.04
CA ILE D 18 -9.71 30.51 0.07
C ILE D 18 -8.99 30.66 1.40
N VAL D 19 -9.51 29.98 2.41
CA VAL D 19 -8.86 29.94 3.72
C VAL D 19 -9.03 28.55 4.31
N GLN D 20 -7.96 28.07 4.96
CA GLN D 20 -7.93 26.78 5.62
C GLN D 20 -7.71 27.00 7.10
N ILE D 21 -8.67 26.60 7.92
CA ILE D 21 -8.60 26.78 9.37
C ILE D 21 -8.22 25.44 9.98
N ASN D 22 -7.04 25.37 10.61
CA ASN D 22 -6.54 24.12 11.17
C ASN D 22 -7.00 23.96 12.61
N CYS D 23 -7.17 22.70 13.01
CA CYS D 23 -7.50 22.34 14.38
C CYS D 23 -6.70 21.10 14.71
N THR D 24 -5.79 21.18 15.67
CA THR D 24 -5.12 19.97 16.13
C THR D 24 -5.62 19.59 17.52
N TYR D 25 -5.65 18.30 17.80
CA TYR D 25 -6.13 17.82 19.09
C TYR D 25 -5.16 16.77 19.64
N GLN D 26 -5.03 16.76 20.96
CA GLN D 26 -4.31 15.72 21.69
C GLN D 26 -5.30 15.28 22.76
N THR D 27 -5.99 14.17 22.55
CA THR D 27 -7.03 13.74 23.47
C THR D 27 -6.79 12.31 23.89
N SER D 28 -7.46 11.91 24.98
CA SER D 28 -7.47 10.51 25.40
C SER D 28 -8.61 9.86 24.66
N GLY D 29 -8.29 9.28 23.51
CA GLY D 29 -9.26 8.62 22.66
C GLY D 29 -9.99 9.59 21.75
N PHE D 30 -10.71 9.05 20.78
CA PHE D 30 -11.25 9.88 19.71
C PHE D 30 -12.52 9.28 19.17
N ASN D 31 -13.61 10.05 19.20
CA ASN D 31 -14.89 9.58 18.71
C ASN D 31 -15.51 10.56 17.72
N GLY D 32 -14.70 11.46 17.16
CA GLY D 32 -15.18 12.36 16.11
C GLY D 32 -14.81 13.79 16.41
N LEU D 33 -14.73 14.59 15.35
CA LEU D 33 -14.35 15.99 15.39
C LEU D 33 -15.45 16.79 14.70
N PHE D 34 -15.93 17.85 15.37
CA PHE D 34 -16.99 18.71 14.86
C PHE D 34 -16.45 20.09 14.52
N TRP D 35 -17.06 20.72 13.52
CA TRP D 35 -16.91 22.15 13.29
C TRP D 35 -18.26 22.84 13.42
N TYR D 36 -18.24 24.02 14.04
CA TYR D 36 -19.40 24.87 14.22
C TYR D 36 -19.08 26.27 13.72
N GLN D 37 -20.06 26.94 13.15
CA GLN D 37 -19.96 28.36 12.77
C GLN D 37 -20.71 29.20 13.81
N GLN D 38 -20.10 30.32 14.24
CA GLN D 38 -20.78 31.22 15.18
C GLN D 38 -20.59 32.66 14.73
N HIS D 39 -21.64 33.23 14.14
CA HIS D 39 -21.63 34.65 13.82
C HIS D 39 -21.66 35.48 15.11
N ALA D 40 -21.12 36.69 15.02
CA ALA D 40 -21.03 37.56 16.18
C ALA D 40 -22.42 37.81 16.75
N GLY D 41 -22.57 37.55 18.05
CA GLY D 41 -23.82 37.77 18.73
C GLY D 41 -24.85 36.66 18.56
N GLU D 42 -24.54 35.63 17.78
CA GLU D 42 -25.45 34.54 17.46
C GLU D 42 -25.01 33.25 18.16
N ALA D 43 -25.82 32.23 18.03
CA ALA D 43 -25.55 30.88 18.50
C ALA D 43 -24.66 30.12 17.51
N PRO D 44 -23.81 29.22 18.00
CA PRO D 44 -23.12 28.29 17.11
C PRO D 44 -24.12 27.42 16.38
N THR D 45 -23.76 27.08 15.14
CA THR D 45 -24.53 26.13 14.34
C THR D 45 -23.59 25.08 13.73
N PHE D 46 -24.07 23.84 13.67
CA PHE D 46 -23.27 22.72 13.18
C PHE D 46 -22.88 22.89 11.71
N LEU D 47 -21.59 22.69 11.40
CA LEU D 47 -21.08 22.64 10.03
C LEU D 47 -20.72 21.24 9.54
N SER D 48 -19.95 20.49 10.32
CA SER D 48 -19.44 19.21 9.83
C SER D 48 -19.07 18.31 10.98
N TYR D 49 -19.01 17.01 10.66
CA TYR D 49 -18.48 15.96 11.53
C TYR D 49 -17.59 15.05 10.69
N ASN D 50 -16.38 14.75 11.19
CA ASN D 50 -15.50 13.76 10.59
C ASN D 50 -15.06 12.80 11.69
N VAL D 51 -14.94 11.51 11.36
CA VAL D 51 -14.41 10.55 12.33
C VAL D 51 -13.46 9.54 11.67
N LEU D 52 -13.62 9.27 10.37
CA LEU D 52 -12.61 8.52 9.64
C LEU D 52 -11.79 9.47 8.76
N ASP D 53 -10.75 8.92 8.13
CA ASP D 53 -9.86 9.77 7.36
C ASP D 53 -10.45 10.15 6.01
N GLY D 54 -10.36 11.43 5.67
CA GLY D 54 -10.72 11.89 4.35
C GLY D 54 -11.23 13.32 4.40
N LEU D 55 -11.78 13.75 3.26
CA LEU D 55 -12.25 15.10 3.04
C LEU D 55 -13.72 15.04 2.63
N GLU D 56 -14.58 15.77 3.34
CA GLU D 56 -16.00 15.85 3.01
C GLU D 56 -16.39 17.27 2.63
N GLU D 57 -17.11 17.42 1.52
CA GLU D 57 -17.45 18.71 0.97
C GLU D 57 -18.94 18.97 1.17
N LYS D 58 -19.28 20.17 1.66
CA LYS D 58 -20.66 20.64 1.77
C LYS D 58 -20.69 22.08 1.25
N GLY D 59 -21.18 22.26 0.04
CA GLY D 59 -21.21 23.59 -0.53
C GLY D 59 -19.80 24.08 -0.77
N ARG D 60 -19.52 25.31 -0.33
CA ARG D 60 -18.20 25.91 -0.36
C ARG D 60 -17.31 25.47 0.79
N PHE D 61 -17.82 24.70 1.75
CA PHE D 61 -17.07 24.31 2.93
C PHE D 61 -16.68 22.84 2.84
N SER D 62 -15.42 22.54 3.10
CA SER D 62 -14.95 21.16 3.15
C SER D 62 -14.29 20.93 4.51
N SER D 63 -14.43 19.71 5.03
CA SER D 63 -13.80 19.36 6.30
CA SER D 63 -13.79 19.37 6.29
C SER D 63 -12.95 18.12 6.10
N PHE D 64 -11.70 18.19 6.55
CA PHE D 64 -10.70 17.15 6.41
C PHE D 64 -10.33 16.59 7.77
N LEU D 65 -10.04 15.29 7.84
CA LEU D 65 -9.51 14.71 9.06
C LEU D 65 -8.37 13.76 8.77
N SER D 66 -7.33 13.81 9.60
CA SER D 66 -6.27 12.81 9.63
C SER D 66 -6.13 12.30 11.06
N ARG D 67 -6.58 11.07 11.30
CA ARG D 67 -6.55 10.56 12.68
C ARG D 67 -5.10 10.32 13.13
N SER D 68 -4.22 9.93 12.21
CA SER D 68 -2.86 9.61 12.62
C SER D 68 -2.06 10.87 12.95
N LYS D 69 -2.35 11.98 12.29
CA LYS D 69 -1.71 13.27 12.56
C LYS D 69 -2.45 14.06 13.62
N GLY D 70 -3.64 13.62 14.03
CA GLY D 70 -4.46 14.31 15.01
C GLY D 70 -4.77 15.74 14.60
N TYR D 71 -5.23 15.92 13.36
CA TYR D 71 -5.58 17.27 12.97
CA TYR D 71 -5.43 17.25 12.82
C TYR D 71 -6.65 17.25 11.90
N SER D 72 -7.37 18.35 11.85
CA SER D 72 -8.47 18.56 10.92
C SER D 72 -8.33 19.96 10.35
N TYR D 73 -8.88 20.19 9.17
CA TYR D 73 -9.06 21.57 8.76
C TYR D 73 -10.44 21.77 8.18
N LEU D 74 -10.89 23.01 8.29
CA LEU D 74 -12.09 23.52 7.64
C LEU D 74 -11.65 24.42 6.49
N LEU D 75 -12.04 24.07 5.28
CA LEU D 75 -11.64 24.79 4.07
C LEU D 75 -12.84 25.55 3.51
N LEU D 76 -12.69 26.86 3.38
CA LEU D 76 -13.73 27.71 2.81
C LEU D 76 -13.22 28.25 1.48
N LYS D 77 -13.97 28.00 0.40
CA LYS D 77 -13.62 28.48 -0.92
C LYS D 77 -14.51 29.65 -1.32
N GLU D 78 -14.05 30.42 -2.29
CA GLU D 78 -14.80 31.55 -2.82
C GLU D 78 -15.38 32.41 -1.69
N LEU D 79 -14.48 32.91 -0.85
CA LEU D 79 -14.90 33.59 0.38
C LEU D 79 -15.82 34.76 0.11
N GLN D 80 -16.88 34.86 0.91
CA GLN D 80 -17.82 35.97 0.90
C GLN D 80 -17.74 36.72 2.22
N MET D 81 -18.17 37.99 2.18
CA MET D 81 -18.16 38.80 3.39
C MET D 81 -18.97 38.14 4.50
N LYS D 82 -20.06 37.46 4.16
CA LYS D 82 -20.91 36.81 5.15
C LYS D 82 -20.21 35.63 5.82
N ASP D 83 -19.05 35.19 5.31
CA ASP D 83 -18.30 34.15 6.00
C ASP D 83 -17.56 34.66 7.23
N SER D 84 -17.54 35.98 7.45
CA SER D 84 -16.97 36.55 8.66
C SER D 84 -17.72 36.03 9.87
N ALA D 85 -17.04 35.27 10.72
CA ALA D 85 -17.66 34.56 11.83
C ALA D 85 -16.54 33.92 12.62
N SER D 86 -16.88 33.38 13.79
CA SER D 86 -15.95 32.48 14.47
C SER D 86 -16.27 31.04 14.10
N TYR D 87 -15.25 30.22 14.08
CA TYR D 87 -15.34 28.82 13.67
C TYR D 87 -14.77 27.99 14.82
N LEU D 88 -15.61 27.12 15.40
CA LEU D 88 -15.26 26.36 16.59
C LEU D 88 -15.04 24.90 16.22
N CYS D 89 -13.90 24.36 16.63
CA CYS D 89 -13.58 22.94 16.53
CA CYS D 89 -13.67 22.92 16.51
C CYS D 89 -13.81 22.28 17.89
N ALA D 90 -14.34 21.06 17.89
CA ALA D 90 -14.60 20.32 19.12
C ALA D 90 -14.44 18.83 18.87
N VAL D 91 -13.82 18.13 19.84
CA VAL D 91 -13.50 16.72 19.74
C VAL D 91 -14.19 15.95 20.85
N LYS D 92 -14.77 14.80 20.51
CA LYS D 92 -15.29 13.88 21.51
C LYS D 92 -14.21 12.89 21.90
N ASP D 93 -13.93 12.77 23.20
CA ASP D 93 -12.83 11.93 23.65
C ASP D 93 -13.35 10.53 23.98
N SER D 94 -12.54 9.72 24.69
CA SER D 94 -12.88 8.33 24.95
CA SER D 94 -12.89 8.32 24.94
C SER D 94 -14.13 8.19 25.81
N ASN D 95 -14.42 9.22 26.62
CA ASN D 95 -15.57 9.22 27.53
C ASN D 95 -16.73 10.01 26.96
N TYR D 96 -16.68 10.33 25.68
CA TYR D 96 -17.67 11.13 24.98
C TYR D 96 -17.81 12.54 25.57
N GLN D 97 -16.79 13.03 26.26
CA GLN D 97 -16.76 14.44 26.61
C GLN D 97 -16.44 15.26 25.35
N LEU D 98 -17.19 16.34 25.14
CA LEU D 98 -16.96 17.21 23.98
C LEU D 98 -16.02 18.32 24.41
N ILE D 99 -14.80 18.32 23.87
CA ILE D 99 -13.76 19.28 24.27
C ILE D 99 -13.68 20.35 23.19
N TRP D 100 -13.82 21.61 23.61
CA TRP D 100 -13.97 22.72 22.66
C TRP D 100 -12.67 23.48 22.49
N GLY D 101 -12.30 23.74 21.23
CA GLY D 101 -11.27 24.73 20.96
C GLY D 101 -11.77 26.13 21.25
N ALA D 102 -10.82 27.06 21.39
CA ALA D 102 -11.19 28.41 21.77
C ALA D 102 -11.78 29.21 20.62
N GLY D 103 -11.81 28.67 19.40
CA GLY D 103 -12.45 29.36 18.31
C GLY D 103 -11.47 30.16 17.48
N THR D 104 -11.72 30.21 16.17
CA THR D 104 -10.97 31.04 15.23
C THR D 104 -11.89 32.09 14.67
N LYS D 105 -11.60 33.35 14.94
CA LYS D 105 -12.34 34.44 14.31
C LYS D 105 -11.78 34.65 12.90
N LEU D 106 -12.64 34.49 11.89
CA LEU D 106 -12.27 34.72 10.50
C LEU D 106 -12.69 36.12 10.07
N ILE D 107 -11.71 36.90 9.59
CA ILE D 107 -11.93 38.25 9.08
C ILE D 107 -11.70 38.23 7.57
N ILE D 108 -12.63 38.80 6.82
CA ILE D 108 -12.59 38.81 5.37
C ILE D 108 -12.35 40.24 4.90
N LYS D 109 -11.30 40.44 4.12
CA LYS D 109 -11.00 41.75 3.55
C LYS D 109 -11.77 41.92 2.26
N PRO D 110 -12.58 42.96 2.12
CA PRO D 110 -13.28 43.19 0.85
C PRO D 110 -12.29 43.63 -0.21
N ASP D 111 -12.63 43.34 -1.46
CA ASP D 111 -11.82 43.77 -2.60
C ASP D 111 -12.31 45.15 -3.02
N ILE D 112 -11.53 46.18 -2.68
CA ILE D 112 -11.94 47.57 -2.90
C ILE D 112 -11.60 47.94 -4.34
N GLN D 113 -12.64 48.10 -5.17
CA GLN D 113 -12.43 48.29 -6.60
C GLN D 113 -11.77 49.65 -6.88
N ASN D 114 -12.33 50.72 -6.33
CA ASN D 114 -11.88 52.08 -6.61
C ASN D 114 -11.57 52.81 -5.31
N PRO D 115 -10.40 52.60 -4.74
CA PRO D 115 -10.06 53.26 -3.46
C PRO D 115 -10.08 54.78 -3.60
N ASP D 116 -10.62 55.44 -2.57
CA ASP D 116 -10.76 56.88 -2.56
C ASP D 116 -10.58 57.39 -1.13
N PRO D 117 -9.41 57.17 -0.52
CA PRO D 117 -9.26 57.45 0.92
C PRO D 117 -9.54 58.90 1.26
N ALA D 118 -10.31 59.11 2.32
CA ALA D 118 -10.72 60.45 2.72
C ALA D 118 -11.14 60.45 4.18
N VAL D 119 -10.95 61.60 4.84
CA VAL D 119 -11.36 61.79 6.22
C VAL D 119 -12.33 62.97 6.25
N TYR D 120 -13.61 62.67 6.43
CA TYR D 120 -14.66 63.69 6.43
C TYR D 120 -15.04 64.08 7.86
N GLN D 121 -15.62 65.27 7.98
CA GLN D 121 -16.18 65.74 9.23
C GLN D 121 -17.70 65.83 9.10
N LEU D 122 -18.40 65.18 10.02
CA LEU D 122 -19.86 65.21 10.08
C LEU D 122 -20.29 66.11 11.24
N ARG D 123 -21.42 66.79 11.06
CA ARG D 123 -21.96 67.70 12.07
C ARG D 123 -23.19 67.08 12.74
N ASP D 124 -23.32 67.29 14.04
CA ASP D 124 -24.45 66.74 14.78
C ASP D 124 -25.76 67.33 14.25
N SER D 125 -26.79 66.48 14.20
CA SER D 125 -28.13 66.89 13.81
C SER D 125 -28.82 67.76 14.86
N LYS D 126 -28.17 68.04 15.99
CA LYS D 126 -28.80 68.78 17.09
C LYS D 126 -27.77 69.57 17.89
N SER D 131 -19.66 66.69 16.08
CA SER D 131 -18.19 66.60 16.06
C SER D 131 -17.71 65.15 15.92
N VAL D 132 -17.85 64.58 14.72
CA VAL D 132 -17.45 63.21 14.43
C VAL D 132 -16.66 63.19 13.12
N CYS D 133 -15.54 62.46 13.13
CA CYS D 133 -14.68 62.33 11.96
C CYS D 133 -14.83 60.93 11.36
N LEU D 134 -14.93 60.86 10.04
CA LEU D 134 -15.16 59.61 9.32
C LEU D 134 -14.00 59.36 8.36
N PHE D 135 -13.23 58.31 8.63
CA PHE D 135 -12.21 57.82 7.71
C PHE D 135 -12.86 56.73 6.85
N THR D 136 -12.90 56.94 5.53
CA THR D 136 -13.67 56.03 4.70
C THR D 136 -13.03 55.86 3.34
N ASP D 137 -13.49 54.82 2.63
CA ASP D 137 -13.16 54.55 1.23
C ASP D 137 -11.69 54.21 1.00
N PHE D 138 -10.96 53.80 2.04
CA PHE D 138 -9.62 53.27 1.88
C PHE D 138 -9.69 51.77 1.55
N ASP D 139 -8.59 51.26 0.98
CA ASP D 139 -8.55 49.85 0.61
C ASP D 139 -8.20 48.99 1.82
N SER D 140 -8.46 47.69 1.68
CA SER D 140 -8.53 46.81 2.84
C SER D 140 -7.17 46.51 3.46
N GLN D 141 -6.08 46.94 2.84
CA GLN D 141 -4.78 46.74 3.46
C GLN D 141 -4.49 47.77 4.54
N THR D 142 -5.22 48.88 4.56
CA THR D 142 -5.04 49.88 5.60
C THR D 142 -5.55 49.36 6.95
N ASN D 143 -4.76 49.57 7.99
CA ASN D 143 -5.15 49.21 9.35
C ASN D 143 -5.39 50.48 10.15
N VAL D 144 -6.55 50.56 10.80
CA VAL D 144 -6.89 51.68 11.66
C VAL D 144 -6.40 51.36 13.08
N SER D 145 -5.50 52.19 13.59
CA SER D 145 -4.89 51.95 14.89
C SER D 145 -5.73 52.56 16.00
N GLN D 146 -5.62 51.96 17.18
CA GLN D 146 -6.32 52.48 18.33
C GLN D 146 -5.68 53.78 18.81
N SER D 147 -6.52 54.66 19.35
CA SER D 147 -6.07 55.96 19.85
C SER D 147 -5.36 55.75 21.19
N LYS D 148 -4.05 55.97 21.21
CA LYS D 148 -3.32 55.90 22.47
C LYS D 148 -3.74 57.01 23.41
N ASP D 149 -3.91 58.23 22.89
CA ASP D 149 -4.37 59.36 23.67
C ASP D 149 -5.87 59.23 23.91
N SER D 150 -6.26 59.02 25.16
CA SER D 150 -7.67 58.76 25.47
C SER D 150 -8.50 60.03 25.28
N ASP D 151 -9.79 59.90 25.65
CA ASP D 151 -10.81 60.91 25.39
C ASP D 151 -11.01 61.14 23.90
N VAL D 152 -10.20 60.46 23.08
CA VAL D 152 -10.40 60.36 21.65
C VAL D 152 -10.73 58.91 21.35
N TYR D 153 -11.94 58.67 20.87
CA TYR D 153 -12.42 57.32 20.63
C TYR D 153 -12.37 57.02 19.14
N ILE D 154 -11.73 55.90 18.79
CA ILE D 154 -11.63 55.44 17.40
C ILE D 154 -12.14 54.01 17.34
N THR D 155 -12.97 53.72 16.36
CA THR D 155 -13.57 52.41 16.20
C THR D 155 -12.70 51.49 15.35
N ASP D 156 -13.01 50.20 15.37
CA ASP D 156 -12.44 49.29 14.39
C ASP D 156 -13.03 49.61 13.02
N LYS D 157 -12.39 49.11 11.97
CA LYS D 157 -12.88 49.36 10.62
C LYS D 157 -14.07 48.46 10.32
N CYS D 158 -15.04 49.02 9.60
CA CYS D 158 -16.32 48.38 9.34
C CYS D 158 -16.57 48.37 7.85
N VAL D 159 -17.00 47.23 7.31
CA VAL D 159 -17.24 47.08 5.88
C VAL D 159 -18.71 47.32 5.58
N LEU D 160 -18.96 48.25 4.67
CA LEU D 160 -20.28 48.66 4.21
C LEU D 160 -20.60 47.93 2.90
N ASP D 161 -21.88 47.61 2.68
CA ASP D 161 -22.30 46.93 1.44
C ASP D 161 -23.61 47.55 0.96
N MET D 162 -23.52 48.40 -0.06
CA MET D 162 -24.69 48.95 -0.73
C MET D 162 -25.07 47.96 -1.83
N ARG D 163 -26.15 47.21 -1.60
CA ARG D 163 -26.43 46.06 -2.46
C ARG D 163 -26.89 46.48 -3.84
N SER D 164 -27.76 47.50 -3.92
CA SER D 164 -28.32 47.88 -5.22
C SER D 164 -27.25 48.40 -6.17
N MET D 165 -26.17 48.96 -5.63
CA MET D 165 -25.12 49.53 -6.47
C MET D 165 -23.87 48.65 -6.55
N ASP D 166 -23.88 47.49 -5.90
CA ASP D 166 -22.76 46.54 -5.93
C ASP D 166 -21.46 47.24 -5.56
N PHE D 167 -21.47 47.83 -4.37
CA PHE D 167 -20.39 48.69 -3.89
C PHE D 167 -20.12 48.37 -2.43
N LYS D 168 -18.86 48.16 -2.08
CA LYS D 168 -18.43 47.96 -0.70
C LYS D 168 -17.39 49.03 -0.34
N SER D 169 -17.39 49.44 0.93
CA SER D 169 -16.42 50.42 1.39
C SER D 169 -16.10 50.21 2.86
N ASN D 170 -14.82 50.37 3.20
CA ASN D 170 -14.35 50.39 4.58
C ASN D 170 -14.64 51.75 5.22
N SER D 171 -14.68 51.77 6.56
CA SER D 171 -14.78 53.03 7.27
C SER D 171 -14.42 52.82 8.73
N ALA D 172 -13.97 53.91 9.36
CA ALA D 172 -13.75 53.95 10.79
C ALA D 172 -14.14 55.34 11.28
N VAL D 173 -14.74 55.39 12.46
CA VAL D 173 -15.27 56.61 13.03
C VAL D 173 -14.41 57.03 14.22
N ALA D 174 -14.23 58.35 14.37
CA ALA D 174 -13.49 58.92 15.49
C ALA D 174 -14.24 60.14 16.01
N TRP D 175 -14.17 60.35 17.33
CA TRP D 175 -14.81 61.51 17.92
C TRP D 175 -14.18 61.80 19.27
N SER D 176 -14.41 63.01 19.76
CA SER D 176 -13.87 63.41 21.05
C SER D 176 -14.66 64.61 21.57
N ASN D 177 -14.49 64.87 22.86
CA ASN D 177 -15.07 66.04 23.51
C ASN D 177 -14.00 67.05 23.92
N LYS D 178 -12.73 66.76 23.66
CA LYS D 178 -11.65 67.68 23.98
C LYS D 178 -11.68 68.87 23.02
N SER D 179 -10.87 69.89 23.36
CA SER D 179 -10.79 71.10 22.55
C SER D 179 -9.72 71.01 21.47
N ASP D 180 -8.67 70.21 21.68
CA ASP D 180 -7.59 70.10 20.70
C ASP D 180 -7.95 69.19 19.53
N PHE D 181 -8.92 68.29 19.71
CA PHE D 181 -9.23 67.29 18.70
C PHE D 181 -9.82 67.92 17.45
N ALA D 182 -9.35 67.46 16.29
CA ALA D 182 -9.86 67.88 14.99
C ALA D 182 -9.53 66.81 13.96
N CYS D 183 -10.36 66.75 12.92
CA CYS D 183 -10.29 65.63 11.97
C CYS D 183 -8.95 65.57 11.24
N ALA D 184 -8.22 66.69 11.16
CA ALA D 184 -6.93 66.66 10.46
C ALA D 184 -5.91 65.82 11.20
N ASN D 185 -6.09 65.60 12.50
CA ASN D 185 -5.14 64.82 13.29
C ASN D 185 -5.80 63.60 13.95
N ALA D 186 -7.05 63.31 13.59
CA ALA D 186 -7.82 62.29 14.30
C ALA D 186 -7.16 60.92 14.19
N PHE D 187 -6.74 60.55 12.99
CA PHE D 187 -6.18 59.22 12.73
C PHE D 187 -4.67 59.26 12.59
N ASN D 188 -4.01 60.14 13.36
CA ASN D 188 -2.56 60.22 13.30
C ASN D 188 -1.88 58.94 13.77
N ASN D 189 -2.50 58.23 14.72
CA ASN D 189 -1.89 57.01 15.24
C ASN D 189 -1.83 55.88 14.21
N SER D 190 -2.43 56.06 13.03
CA SER D 190 -2.50 55.02 12.02
C SER D 190 -1.63 55.38 10.81
N ILE D 191 -1.17 54.35 10.11
CA ILE D 191 -0.42 54.53 8.87
C ILE D 191 -1.44 54.68 7.74
N ILE D 192 -1.85 55.91 7.48
CA ILE D 192 -2.94 56.18 6.54
C ILE D 192 -2.36 56.44 5.16
N PRO D 193 -3.12 56.28 4.08
CA PRO D 193 -2.58 56.51 2.73
C PRO D 193 -2.03 57.91 2.56
N GLU D 194 -1.00 58.03 1.71
CA GLU D 194 -0.36 59.32 1.48
C GLU D 194 -1.28 60.27 0.70
N ASP D 195 -2.18 59.73 -0.12
CA ASP D 195 -3.10 60.53 -0.91
C ASP D 195 -4.48 60.64 -0.27
N THR D 196 -4.54 60.66 1.06
CA THR D 196 -5.81 60.78 1.76
C THR D 196 -6.38 62.20 1.60
N PHE D 197 -7.63 62.28 1.17
CA PHE D 197 -8.31 63.55 0.95
C PHE D 197 -8.72 64.16 2.29
N PHE D 198 -8.21 65.35 2.59
CA PHE D 198 -8.53 66.08 3.82
C PHE D 198 -9.23 67.38 3.46
N PRO D 199 -10.57 67.37 3.38
CA PRO D 199 -11.29 68.60 2.99
C PRO D 199 -11.14 69.69 4.03
N SER D 200 -10.82 70.90 3.58
CA SER D 200 -10.62 72.04 4.48
C SER D 200 -11.90 72.84 4.67
N ALA E 3 -34.48 27.29 15.21
CA ALA E 3 -35.21 27.79 16.37
C ALA E 3 -35.90 26.64 17.13
N GLY E 4 -35.24 25.48 17.15
CA GLY E 4 -35.76 24.35 17.90
C GLY E 4 -35.51 24.41 19.39
N VAL E 5 -34.54 25.21 19.82
CA VAL E 5 -34.20 25.37 21.23
C VAL E 5 -34.54 26.80 21.63
N THR E 6 -35.43 26.95 22.61
CA THR E 6 -35.89 28.25 23.08
C THR E 6 -35.38 28.47 24.51
N GLN E 7 -34.52 29.47 24.69
CA GLN E 7 -34.04 29.81 26.02
C GLN E 7 -34.35 31.27 26.33
N THR E 8 -34.60 31.55 27.61
CA THR E 8 -34.95 32.87 28.09
C THR E 8 -34.27 33.09 29.43
N PRO E 9 -33.93 34.34 29.76
CA PRO E 9 -34.18 35.55 28.97
C PRO E 9 -32.99 35.86 28.06
N LYS E 10 -33.15 36.71 27.05
CA LYS E 10 -32.02 37.06 26.20
C LYS E 10 -31.00 37.93 26.96
N PHE E 11 -31.50 38.83 27.81
CA PHE E 11 -30.66 39.75 28.58
C PHE E 11 -31.17 39.84 30.02
N GLN E 12 -30.25 39.96 30.97
CA GLN E 12 -30.64 40.11 32.36
C GLN E 12 -29.54 40.83 33.13
N VAL E 13 -29.92 41.83 33.93
CA VAL E 13 -29.02 42.46 34.89
C VAL E 13 -29.35 41.93 36.27
N LEU E 14 -28.32 41.48 37.00
CA LEU E 14 -28.51 40.98 38.35
C LEU E 14 -27.60 41.72 39.31
N LYS E 15 -28.10 41.94 40.52
CA LYS E 15 -27.26 42.39 41.62
C LYS E 15 -26.65 41.17 42.29
N THR E 16 -25.42 41.32 42.77
CA THR E 16 -24.76 40.25 43.51
C THR E 16 -25.64 39.73 44.63
N GLY E 17 -25.72 38.40 44.74
CA GLY E 17 -26.57 37.75 45.72
C GLY E 17 -27.96 37.42 45.25
N GLN E 18 -28.43 38.07 44.18
CA GLN E 18 -29.73 37.73 43.60
C GLN E 18 -29.72 36.29 43.10
N SER E 19 -30.88 35.68 43.12
CA SER E 19 -31.05 34.38 42.47
C SER E 19 -31.68 34.60 41.10
N MET E 20 -31.46 33.63 40.22
CA MET E 20 -31.96 33.73 38.85
CA MET E 20 -32.05 33.71 38.89
C MET E 20 -32.14 32.32 38.30
N THR E 21 -33.14 32.14 37.46
CA THR E 21 -33.33 30.89 36.75
C THR E 21 -33.38 31.18 35.25
N LEU E 22 -32.62 30.42 34.48
CA LEU E 22 -32.68 30.48 33.02
CA LEU E 22 -32.68 30.48 33.03
C LEU E 22 -33.53 29.31 32.53
N GLN E 23 -34.44 29.60 31.61
CA GLN E 23 -35.33 28.59 31.03
C GLN E 23 -34.79 28.12 29.70
N CYS E 24 -34.95 26.82 29.42
CA CYS E 24 -34.64 26.25 28.12
C CYS E 24 -35.62 25.13 27.81
N ALA E 25 -36.18 25.18 26.62
CA ALA E 25 -37.11 24.16 26.17
C ALA E 25 -36.75 23.79 24.74
N GLN E 26 -36.86 22.50 24.41
CA GLN E 26 -36.72 22.07 23.03
C GLN E 26 -37.90 21.19 22.67
N ASP E 27 -38.40 21.35 21.45
CA ASP E 27 -39.54 20.61 20.93
CA ASP E 27 -39.53 20.56 20.98
C ASP E 27 -39.12 19.61 19.86
N MET E 28 -37.88 19.12 19.92
CA MET E 28 -37.36 18.20 18.92
C MET E 28 -37.31 16.75 19.42
N ASN E 29 -37.93 16.47 20.57
CA ASN E 29 -37.92 15.13 21.16
C ASN E 29 -36.50 14.66 21.46
N HIS E 30 -35.57 15.59 21.68
CA HIS E 30 -34.21 15.21 22.03
C HIS E 30 -34.13 14.65 23.44
N ASN E 31 -33.15 13.78 23.65
CA ASN E 31 -32.99 13.20 24.97
C ASN E 31 -31.95 13.90 25.83
N SER E 32 -30.95 14.54 25.23
CA SER E 32 -29.86 15.14 26.01
C SER E 32 -29.94 16.65 25.94
N MET E 33 -29.68 17.31 27.07
CA MET E 33 -29.64 18.76 27.10
C MET E 33 -28.44 19.21 27.92
N TYR E 34 -27.98 20.43 27.67
CA TYR E 34 -26.70 20.94 28.14
C TYR E 34 -26.82 22.43 28.42
N TRP E 35 -26.08 22.89 29.42
CA TRP E 35 -25.92 24.32 29.71
C TRP E 35 -24.44 24.66 29.66
N TYR E 36 -24.08 25.58 28.76
CA TYR E 36 -22.72 26.05 28.56
C TYR E 36 -22.63 27.52 28.94
N ARG E 37 -21.43 27.96 29.34
CA ARG E 37 -21.12 29.39 29.35
C ARG E 37 -20.00 29.66 28.36
N GLN E 38 -20.06 30.82 27.70
CA GLN E 38 -19.04 31.24 26.74
C GLN E 38 -18.41 32.53 27.23
N ASP E 39 -17.10 32.52 27.37
CA ASP E 39 -16.34 33.65 27.87
C ASP E 39 -15.20 33.95 26.91
N PRO E 40 -14.81 35.21 26.79
CA PRO E 40 -13.75 35.56 25.83
C PRO E 40 -12.46 34.79 26.08
N GLY E 41 -11.88 34.27 25.00
CA GLY E 41 -10.56 33.66 25.03
C GLY E 41 -10.52 32.19 25.40
N MET E 42 -11.66 31.52 25.52
CA MET E 42 -11.64 30.12 25.88
C MET E 42 -12.79 29.39 25.19
N GLY E 43 -12.65 28.06 25.12
CA GLY E 43 -13.69 27.25 24.55
C GLY E 43 -14.92 27.21 25.44
N LEU E 44 -16.04 26.83 24.83
CA LEU E 44 -17.26 26.61 25.59
C LEU E 44 -16.96 25.73 26.80
N ARG E 45 -17.56 26.05 27.94
CA ARG E 45 -17.35 25.26 29.15
C ARG E 45 -18.70 24.78 29.66
N LEU E 46 -18.83 23.47 29.83
CA LEU E 46 -20.09 22.87 30.25
C LEU E 46 -20.31 23.08 31.74
N ILE E 47 -21.50 23.55 32.11
CA ILE E 47 -21.84 23.79 33.50
C ILE E 47 -22.46 22.54 34.12
N TYR E 48 -23.55 22.09 33.51
CA TYR E 48 -24.26 20.88 33.89
C TYR E 48 -24.86 20.29 32.62
N TYR E 49 -25.19 19.01 32.66
CA TYR E 49 -25.88 18.44 31.51
C TYR E 49 -26.83 17.36 32.01
N SER E 50 -27.64 16.86 31.08
CA SER E 50 -28.68 15.89 31.40
C SER E 50 -28.70 14.89 30.25
N ALA E 51 -28.14 13.70 30.47
CA ALA E 51 -27.96 12.77 29.37
C ALA E 51 -29.29 12.20 28.90
N SER E 52 -30.29 12.21 29.77
CA SER E 52 -31.62 11.79 29.39
CA SER E 52 -31.61 11.68 29.45
C SER E 52 -32.60 12.27 30.45
N GLU E 53 -33.88 12.11 30.16
CA GLU E 53 -34.86 12.54 31.14
C GLU E 53 -34.61 11.76 32.44
N GLY E 54 -34.62 12.44 33.56
CA GLY E 54 -34.48 11.73 34.82
C GLY E 54 -33.06 11.57 35.34
N THR E 55 -32.07 12.13 34.67
CA THR E 55 -30.73 12.20 35.23
C THR E 55 -30.06 13.50 34.83
N THR E 56 -29.19 13.99 35.71
CA THR E 56 -28.35 15.16 35.43
C THR E 56 -27.00 14.91 36.08
N ASP E 57 -26.00 15.67 35.64
CA ASP E 57 -24.69 15.58 36.26
C ASP E 57 -23.91 16.87 36.03
N LYS E 58 -22.92 17.07 36.90
CA LYS E 58 -22.00 18.21 36.81
C LYS E 58 -21.25 18.17 35.49
N GLY E 59 -20.97 19.35 34.96
CA GLY E 59 -20.02 19.49 33.87
C GLY E 59 -18.67 19.95 34.39
N GLU E 60 -18.01 20.81 33.62
CA GLU E 60 -16.69 21.26 34.02
C GLU E 60 -16.72 22.38 35.05
N VAL E 61 -17.73 23.24 35.06
CA VAL E 61 -17.73 24.40 35.95
C VAL E 61 -19.05 24.50 36.72
N PRO E 62 -19.39 23.51 37.54
CA PRO E 62 -20.72 23.51 38.19
C PRO E 62 -20.85 24.42 39.40
N ASN E 63 -19.76 24.90 39.98
CA ASN E 63 -19.84 25.60 41.26
C ASN E 63 -20.58 26.93 41.11
N GLY E 64 -21.61 27.12 41.94
CA GLY E 64 -22.44 28.30 41.92
C GLY E 64 -23.71 28.13 41.12
N TYR E 65 -23.95 26.95 40.58
CA TYR E 65 -25.10 26.68 39.74
C TYR E 65 -25.75 25.37 40.15
N ASN E 66 -27.01 25.22 39.75
N ASN E 66 -27.02 25.22 39.74
CA ASN E 66 -27.65 23.92 39.76
CA ASN E 66 -27.74 23.97 39.83
C ASN E 66 -28.66 23.88 38.64
C ASN E 66 -28.69 23.89 38.65
N VAL E 67 -29.14 22.68 38.33
CA VAL E 67 -30.08 22.47 37.24
C VAL E 67 -31.24 21.56 37.64
N SER E 68 -32.31 21.65 36.87
CA SER E 68 -33.41 20.70 36.95
C SER E 68 -33.80 20.31 35.55
N ARG E 69 -33.76 19.00 35.26
CA ARG E 69 -34.40 18.45 34.05
C ARG E 69 -35.87 18.23 34.41
N LEU E 70 -36.68 19.24 34.11
CA LEU E 70 -38.07 19.23 34.62
C LEU E 70 -38.90 18.15 33.94
N ASN E 71 -38.63 17.89 32.68
CA ASN E 71 -39.33 16.89 31.87
C ASN E 71 -38.45 16.70 30.64
N LYS E 72 -38.96 15.97 29.65
CA LYS E 72 -38.13 15.72 28.47
C LYS E 72 -37.78 16.99 27.72
N ARG E 73 -38.68 17.98 27.73
CA ARG E 73 -38.49 19.19 26.95
C ARG E 73 -37.65 20.26 27.64
N GLU E 74 -37.61 20.30 28.96
CA GLU E 74 -37.16 21.49 29.68
C GLU E 74 -35.98 21.20 30.61
N PHE E 75 -35.02 22.12 30.61
CA PHE E 75 -33.79 21.99 31.40
C PHE E 75 -33.47 23.39 31.93
N SER E 76 -33.74 23.64 33.21
CA SER E 76 -33.54 24.95 33.81
CA SER E 76 -33.53 24.96 33.76
C SER E 76 -32.17 25.05 34.45
N LEU E 77 -31.62 26.26 34.44
CA LEU E 77 -30.33 26.55 35.07
C LEU E 77 -30.54 27.62 36.12
N ARG E 78 -30.07 27.35 37.34
CA ARG E 78 -30.32 28.24 38.48
C ARG E 78 -29.00 28.82 38.97
N LEU E 79 -28.97 30.14 39.17
CA LEU E 79 -27.92 30.80 39.92
C LEU E 79 -28.51 31.08 41.30
N GLU E 80 -28.01 30.37 42.31
CA GLU E 80 -28.61 30.49 43.64
C GLU E 80 -28.26 31.84 44.28
N SER E 81 -27.00 32.28 44.18
CA SER E 81 -26.55 33.54 44.75
C SER E 81 -25.57 34.16 43.75
N ALA E 82 -26.09 35.00 42.86
CA ALA E 82 -25.31 35.44 41.71
C ALA E 82 -24.03 36.14 42.13
N ALA E 83 -22.97 35.95 41.34
CA ALA E 83 -21.69 36.58 41.60
C ALA E 83 -21.18 37.24 40.33
N PRO E 84 -20.40 38.31 40.46
CA PRO E 84 -19.88 38.97 39.25
C PRO E 84 -19.15 38.05 38.30
N SER E 85 -18.46 37.02 38.80
CA SER E 85 -17.74 36.11 37.91
C SER E 85 -18.69 35.35 37.00
N GLN E 86 -19.97 35.28 37.35
CA GLN E 86 -20.96 34.59 36.54
C GLN E 86 -21.51 35.47 35.41
N THR E 87 -21.00 36.69 35.27
CA THR E 87 -21.25 37.53 34.10
C THR E 87 -20.74 36.76 32.89
N SER E 88 -21.63 36.38 31.98
CA SER E 88 -21.22 35.56 30.85
C SER E 88 -22.35 35.51 29.83
N VAL E 89 -22.11 34.75 28.76
CA VAL E 89 -23.14 34.37 27.80
C VAL E 89 -23.43 32.89 28.01
N TYR E 90 -24.68 32.57 28.36
CA TYR E 90 -25.11 31.20 28.61
C TYR E 90 -25.83 30.66 27.40
N PHE E 91 -25.46 29.45 26.99
CA PHE E 91 -26.12 28.74 25.90
C PHE E 91 -26.66 27.42 26.42
N CYS E 92 -27.93 27.17 26.18
CA CYS E 92 -28.52 25.85 26.28
CA CYS E 92 -28.43 25.81 26.30
C CYS E 92 -28.40 25.15 24.93
N ALA E 93 -28.18 23.84 24.96
CA ALA E 93 -28.13 23.03 23.74
C ALA E 93 -28.80 21.70 24.02
N SER E 94 -29.21 21.02 22.94
CA SER E 94 -29.75 19.67 23.01
C SER E 94 -29.18 18.83 21.90
N SER E 95 -29.26 17.51 22.08
CA SER E 95 -28.90 16.57 21.02
C SER E 95 -29.79 15.35 21.14
N VAL E 96 -29.92 14.62 20.04
CA VAL E 96 -30.84 13.48 20.00
C VAL E 96 -30.51 12.50 21.12
N TRP E 97 -29.23 12.13 21.24
N TRP E 97 -29.24 12.12 21.23
CA TRP E 97 -28.73 11.31 22.32
CA TRP E 97 -28.74 11.30 22.34
C TRP E 97 -27.35 11.81 22.72
C TRP E 97 -27.35 11.79 22.71
N THR E 98 -26.82 11.28 23.82
CA THR E 98 -25.42 11.49 24.15
C THR E 98 -24.77 10.12 24.34
N GLY E 99 -23.44 10.09 24.29
CA GLY E 99 -22.85 8.76 24.24
C GLY E 99 -23.02 8.12 22.88
N GLU E 100 -23.41 8.93 21.90
CA GLU E 100 -23.37 8.56 20.49
CA GLU E 100 -23.38 8.56 20.48
C GLU E 100 -22.38 9.47 19.80
N GLY E 101 -21.65 8.95 18.84
CA GLY E 101 -20.57 9.75 18.32
C GLY E 101 -20.97 10.95 17.49
N SER E 102 -21.85 10.74 16.53
CA SER E 102 -21.95 11.71 15.46
C SER E 102 -23.01 12.75 15.69
N GLY E 103 -23.91 12.56 16.67
CA GLY E 103 -24.97 13.52 16.92
C GLY E 103 -24.48 14.90 17.29
N GLU E 104 -24.90 15.93 16.55
CA GLU E 104 -24.46 17.29 16.80
C GLU E 104 -25.32 17.94 17.87
N LEU E 105 -24.90 19.13 18.28
CA LEU E 105 -25.67 19.96 19.23
C LEU E 105 -26.50 20.98 18.48
N PHE E 106 -27.67 21.27 19.03
CA PHE E 106 -28.52 22.37 18.57
C PHE E 106 -28.59 23.39 19.68
N PHE E 107 -28.17 24.63 19.40
CA PHE E 107 -28.04 25.67 20.42
C PHE E 107 -29.24 26.60 20.49
N GLY E 108 -29.58 27.00 21.71
CA GLY E 108 -30.44 28.14 21.93
C GLY E 108 -29.75 29.44 21.51
N GLU E 109 -30.53 30.52 21.59
CA GLU E 109 -30.09 31.83 21.11
C GLU E 109 -29.12 32.52 22.06
N GLY E 110 -28.95 32.02 23.27
CA GLY E 110 -28.01 32.59 24.21
C GLY E 110 -28.68 33.55 25.18
N SER E 111 -28.14 33.62 26.39
CA SER E 111 -28.63 34.53 27.43
C SER E 111 -27.47 35.34 27.98
N ARG E 112 -27.54 36.66 27.85
CA ARG E 112 -26.50 37.56 28.35
C ARG E 112 -26.86 38.01 29.75
N LEU E 113 -26.09 37.56 30.74
CA LEU E 113 -26.25 37.96 32.13
C LEU E 113 -25.09 38.85 32.54
N THR E 114 -25.40 39.96 33.19
CA THR E 114 -24.39 40.81 33.81
C THR E 114 -24.72 40.93 35.29
N VAL E 115 -23.79 40.51 36.15
CA VAL E 115 -23.97 40.58 37.60
C VAL E 115 -23.14 41.75 38.11
N LEU E 116 -23.77 42.62 38.90
CA LEU E 116 -23.16 43.85 39.39
C LEU E 116 -23.30 43.94 40.90
N GLU E 117 -22.30 44.52 41.56
CA GLU E 117 -22.38 44.72 43.00
C GLU E 117 -23.57 45.58 43.39
N ASP E 118 -23.82 46.63 42.59
CA ASP E 118 -25.01 47.46 42.77
C ASP E 118 -25.46 47.90 41.38
N LEU E 119 -26.64 48.48 41.30
CA LEU E 119 -27.21 48.86 40.02
C LEU E 119 -27.03 50.33 39.68
N LYS E 120 -26.28 51.08 40.49
CA LYS E 120 -26.23 52.53 40.28
C LYS E 120 -25.32 52.96 39.14
N ASN E 121 -24.54 52.06 38.53
CA ASN E 121 -23.80 52.42 37.33
C ASN E 121 -24.54 52.08 36.04
N VAL E 122 -25.78 51.61 36.12
CA VAL E 122 -26.50 51.24 34.92
C VAL E 122 -27.05 52.51 34.27
N PHE E 123 -26.74 52.71 32.98
CA PHE E 123 -27.15 53.91 32.26
C PHE E 123 -27.64 53.55 30.87
N PRO E 124 -28.77 54.12 30.42
CA PRO E 124 -29.18 53.93 29.03
C PRO E 124 -28.26 54.71 28.11
N PRO E 125 -28.28 54.45 26.81
CA PRO E 125 -27.45 55.23 25.90
C PRO E 125 -28.06 56.58 25.57
N GLU E 126 -27.18 57.55 25.33
CA GLU E 126 -27.55 58.73 24.57
C GLU E 126 -27.26 58.45 23.10
N VAL E 127 -28.20 58.83 22.23
CA VAL E 127 -28.13 58.53 20.80
C VAL E 127 -28.09 59.85 20.05
N ALA E 128 -27.18 59.94 19.08
CA ALA E 128 -27.12 61.11 18.22
C ALA E 128 -26.75 60.67 16.80
N VAL E 129 -27.40 61.27 15.81
CA VAL E 129 -27.14 60.99 14.41
C VAL E 129 -26.40 62.19 13.81
N PHE E 130 -25.36 61.91 13.06
CA PHE E 130 -24.52 62.94 12.46
C PHE E 130 -24.73 62.91 10.95
N GLU E 131 -25.06 64.07 10.39
CA GLU E 131 -25.48 64.20 9.01
C GLU E 131 -24.29 64.12 8.06
N PRO E 132 -24.52 63.66 6.82
CA PRO E 132 -23.39 63.40 5.91
C PRO E 132 -22.64 64.67 5.56
N SER E 133 -21.33 64.51 5.37
CA SER E 133 -20.47 65.62 4.99
C SER E 133 -20.79 66.06 3.56
N GLU E 134 -20.91 67.38 3.36
CA GLU E 134 -21.10 67.91 2.01
C GLU E 134 -19.88 67.61 1.14
N ALA E 135 -18.69 67.59 1.75
CA ALA E 135 -17.48 67.20 1.01
C ALA E 135 -17.60 65.79 0.45
N GLU E 136 -18.15 64.85 1.23
CA GLU E 136 -18.34 63.49 0.74
C GLU E 136 -19.32 63.46 -0.43
N ILE E 137 -20.42 64.22 -0.32
CA ILE E 137 -21.38 64.28 -1.41
C ILE E 137 -20.72 64.82 -2.68
N SER E 138 -19.89 65.86 -2.52
CA SER E 138 -19.24 66.48 -3.68
C SER E 138 -18.14 65.60 -4.26
N HIS E 139 -17.61 64.67 -3.47
CA HIS E 139 -16.47 63.87 -3.91
C HIS E 139 -16.85 62.47 -4.37
N THR E 140 -17.92 61.89 -3.82
CA THR E 140 -18.31 60.52 -4.11
C THR E 140 -19.75 60.38 -4.57
N GLN E 141 -20.51 61.49 -4.62
CA GLN E 141 -21.97 61.45 -4.82
C GLN E 141 -22.64 60.41 -3.93
N LYS E 142 -22.06 60.19 -2.74
CA LYS E 142 -22.61 59.30 -1.73
C LYS E 142 -22.63 60.03 -0.40
N ALA E 143 -23.56 59.64 0.47
CA ALA E 143 -23.80 60.32 1.74
C ALA E 143 -23.82 59.28 2.86
N THR E 144 -22.96 59.48 3.86
CA THR E 144 -22.84 58.56 4.99
C THR E 144 -23.36 59.24 6.25
N LEU E 145 -24.39 58.66 6.87
CA LEU E 145 -24.85 59.06 8.19
C LEU E 145 -24.21 58.17 9.24
N VAL E 146 -23.94 58.74 10.41
CA VAL E 146 -23.26 58.03 11.50
C VAL E 146 -24.09 58.17 12.75
N CYS E 147 -24.33 57.05 13.43
CA CYS E 147 -25.07 57.02 14.68
C CYS E 147 -24.11 56.70 15.82
N LEU E 148 -24.20 57.46 16.90
CA LEU E 148 -23.42 57.21 18.12
C LEU E 148 -24.36 56.94 19.27
N ALA E 149 -24.14 55.81 19.95
CA ALA E 149 -24.78 55.50 21.23
C ALA E 149 -23.69 55.53 22.27
N THR E 150 -23.81 56.41 23.27
CA THR E 150 -22.72 56.66 24.18
C THR E 150 -23.19 56.57 25.62
N GLY E 151 -22.24 56.28 26.50
CA GLY E 151 -22.48 56.41 27.92
C GLY E 151 -23.37 55.35 28.52
N PHE E 152 -23.57 54.23 27.84
CA PHE E 152 -24.47 53.19 28.36
C PHE E 152 -23.71 52.12 29.13
N TYR E 153 -24.42 51.50 30.06
CA TYR E 153 -23.89 50.40 30.84
C TYR E 153 -25.04 49.58 31.40
N PRO E 154 -24.97 48.23 31.33
CA PRO E 154 -23.91 47.42 30.73
C PRO E 154 -24.02 47.42 29.21
N ASP E 155 -23.24 46.60 28.50
CA ASP E 155 -23.30 46.66 27.04
C ASP E 155 -24.36 45.68 26.53
N HIS E 156 -25.61 46.07 26.76
CA HIS E 156 -26.79 45.33 26.32
C HIS E 156 -27.55 46.23 25.35
N VAL E 157 -27.08 46.30 24.10
CA VAL E 157 -27.74 47.16 23.10
C VAL E 157 -27.81 46.48 21.75
N GLU E 158 -28.84 46.82 20.98
CA GLU E 158 -28.90 46.45 19.58
C GLU E 158 -29.35 47.66 18.79
N LEU E 159 -28.55 48.03 17.80
CA LEU E 159 -28.78 49.24 17.04
C LEU E 159 -29.39 48.88 15.70
N SER E 160 -30.31 49.73 15.22
CA SER E 160 -30.95 49.49 13.94
C SER E 160 -31.27 50.81 13.27
N TRP E 161 -31.30 50.79 11.94
CA TRP E 161 -31.64 51.96 11.13
C TRP E 161 -33.04 51.80 10.55
N TRP E 162 -33.77 52.92 10.47
CA TRP E 162 -35.14 52.93 9.97
C TRP E 162 -35.29 54.11 9.04
N VAL E 163 -35.71 53.84 7.80
CA VAL E 163 -35.89 54.85 6.77
C VAL E 163 -37.36 54.85 6.36
N ASN E 164 -38.05 55.95 6.63
CA ASN E 164 -39.48 56.09 6.31
C ASN E 164 -40.30 55.01 6.99
N GLY E 165 -39.98 54.74 8.25
CA GLY E 165 -40.71 53.77 9.06
C GLY E 165 -40.41 52.33 8.77
N LYS E 166 -39.44 52.03 7.91
CA LYS E 166 -39.07 50.66 7.57
C LYS E 166 -37.59 50.46 7.86
N GLU E 167 -37.26 49.33 8.47
CA GLU E 167 -35.86 49.04 8.80
C GLU E 167 -35.09 48.65 7.55
N VAL E 168 -33.87 49.18 7.42
CA VAL E 168 -33.01 48.91 6.29
C VAL E 168 -31.78 48.15 6.77
N HIS E 169 -31.21 47.32 5.89
CA HIS E 169 -29.96 46.64 6.15
C HIS E 169 -28.91 46.88 5.08
N SER E 170 -29.29 47.34 3.89
CA SER E 170 -28.34 47.67 2.83
C SER E 170 -27.68 49.01 3.15
N GLY E 171 -26.36 49.07 3.02
CA GLY E 171 -25.64 50.29 3.32
C GLY E 171 -25.42 50.55 4.79
N VAL E 172 -25.53 49.52 5.63
CA VAL E 172 -25.36 49.65 7.07
C VAL E 172 -24.12 48.87 7.51
N CYS E 173 -23.34 49.46 8.41
CA CYS E 173 -22.34 48.73 9.18
C CYS E 173 -22.34 49.27 10.60
N THR E 174 -22.52 48.38 11.56
CA THR E 174 -22.49 48.71 12.98
C THR E 174 -21.31 48.00 13.62
N ASP E 175 -20.60 48.71 14.49
CA ASP E 175 -19.48 48.11 15.21
C ASP E 175 -19.91 46.79 15.82
N PRO E 176 -19.13 45.72 15.66
CA PRO E 176 -19.51 44.44 16.29
C PRO E 176 -19.48 44.50 17.81
N GLN E 177 -18.52 45.21 18.39
CA GLN E 177 -18.39 45.33 19.83
C GLN E 177 -18.33 46.79 20.24
N PRO E 178 -18.99 47.17 21.33
CA PRO E 178 -18.82 48.53 21.86
C PRO E 178 -17.41 48.74 22.38
N LEU E 179 -16.99 50.00 22.45
CA LEU E 179 -15.71 50.31 23.03
C LEU E 179 -15.89 50.95 24.40
N LYS E 180 -14.84 50.93 25.21
CA LYS E 180 -14.92 51.41 26.58
C LYS E 180 -14.59 52.90 26.65
N GLU E 181 -15.49 53.67 27.26
CA GLU E 181 -15.27 55.12 27.38
C GLU E 181 -14.21 55.46 28.42
N GLN E 182 -14.02 54.60 29.43
N GLN E 182 -14.00 54.60 29.42
CA GLN E 182 -12.99 54.78 30.45
CA GLN E 182 -12.96 54.81 30.42
C GLN E 182 -12.22 53.48 30.58
C GLN E 182 -12.21 53.49 30.57
N PRO E 183 -11.27 53.21 29.67
CA PRO E 183 -10.63 51.87 29.63
C PRO E 183 -9.96 51.43 30.92
N ALA E 184 -9.56 52.35 31.80
CA ALA E 184 -8.89 51.96 33.04
C ALA E 184 -9.87 51.52 34.13
N LEU E 185 -11.14 51.90 34.05
CA LEU E 185 -12.09 51.57 35.11
C LEU E 185 -12.69 50.19 34.90
N ASN E 186 -12.83 49.44 36.01
CA ASN E 186 -13.47 48.14 35.95
C ASN E 186 -14.93 48.22 35.50
N ASP E 187 -15.57 49.37 35.69
CA ASP E 187 -16.98 49.55 35.36
C ASP E 187 -17.16 50.64 34.31
N SER E 188 -16.23 50.71 33.35
CA SER E 188 -16.35 51.65 32.23
C SER E 188 -17.72 51.56 31.57
N ARG E 189 -18.28 52.72 31.24
CA ARG E 189 -19.44 52.76 30.34
C ARG E 189 -18.98 52.60 28.90
N TYR E 190 -19.94 52.51 27.97
CA TYR E 190 -19.65 52.03 26.62
C TYR E 190 -20.13 53.00 25.56
N ALA E 191 -19.55 52.86 24.35
CA ALA E 191 -19.94 53.63 23.19
C ALA E 191 -19.99 52.70 21.98
N LEU E 192 -20.92 52.98 21.06
CA LEU E 192 -21.10 52.18 19.86
C LEU E 192 -21.44 53.08 18.68
N SER E 193 -20.85 52.80 17.52
CA SER E 193 -21.11 53.61 16.33
C SER E 193 -21.66 52.74 15.21
N SER E 194 -22.39 53.38 14.30
CA SER E 194 -22.90 52.71 13.11
C SER E 194 -23.01 53.71 11.97
N ARG E 195 -22.87 53.22 10.74
CA ARG E 195 -22.95 54.04 9.55
C ARG E 195 -24.10 53.59 8.66
N LEU E 196 -24.78 54.54 8.05
CA LEU E 196 -25.74 54.26 6.98
C LEU E 196 -25.36 55.10 5.77
N ARG E 197 -25.00 54.43 4.68
CA ARG E 197 -24.60 55.13 3.46
C ARG E 197 -25.70 55.00 2.42
N VAL E 198 -26.20 56.15 1.96
CA VAL E 198 -27.22 56.20 0.92
C VAL E 198 -26.64 56.92 -0.28
N SER E 199 -27.32 56.80 -1.41
CA SER E 199 -27.03 57.65 -2.56
C SER E 199 -27.34 59.10 -2.20
N ALA E 200 -26.47 60.01 -2.66
CA ALA E 200 -26.70 61.43 -2.43
C ALA E 200 -28.08 61.87 -2.91
N THR E 201 -28.59 61.26 -3.98
CA THR E 201 -29.95 61.54 -4.41
C THR E 201 -30.96 61.25 -3.31
N PHE E 202 -30.85 60.08 -2.68
CA PHE E 202 -31.80 59.71 -1.65
C PHE E 202 -31.69 60.64 -0.45
N TRP E 203 -30.48 61.08 -0.13
CA TRP E 203 -30.28 62.00 0.99
C TRP E 203 -30.91 63.37 0.70
N GLN E 204 -30.82 63.83 -0.54
CA GLN E 204 -31.32 65.16 -0.88
C GLN E 204 -32.84 65.22 -0.98
N ASN E 205 -33.53 64.09 -0.91
CA ASN E 205 -34.99 64.08 -0.93
C ASN E 205 -35.52 64.42 0.46
N PRO E 206 -36.26 65.52 0.62
CA PRO E 206 -36.77 65.88 1.96
C PRO E 206 -37.92 65.00 2.44
N ARG E 207 -38.49 64.17 1.56
CA ARG E 207 -39.53 63.23 1.95
C ARG E 207 -38.97 61.95 2.55
N ASN E 208 -37.68 61.91 2.88
CA ASN E 208 -37.02 60.74 3.44
C ASN E 208 -36.64 61.01 4.89
N HIS E 209 -37.17 60.19 5.80
CA HIS E 209 -36.86 60.30 7.22
C HIS E 209 -35.89 59.19 7.61
N PHE E 210 -34.81 59.58 8.30
CA PHE E 210 -33.80 58.64 8.79
C PHE E 210 -33.86 58.60 10.32
N ARG E 211 -33.83 57.40 10.88
CA ARG E 211 -33.94 57.23 12.32
C ARG E 211 -33.01 56.11 12.75
N CYS E 212 -32.03 56.45 13.59
CA CYS E 212 -31.22 55.45 14.27
C CYS E 212 -31.89 55.07 15.58
N GLN E 213 -32.11 53.78 15.78
CA GLN E 213 -32.80 53.26 16.94
C GLN E 213 -31.86 52.34 17.71
N VAL E 214 -31.83 52.50 19.04
CA VAL E 214 -31.01 51.68 19.92
C VAL E 214 -31.92 51.09 20.98
N GLN E 215 -32.15 49.78 20.91
CA GLN E 215 -32.77 49.06 22.00
C GLN E 215 -31.74 48.84 23.10
N PHE E 216 -32.07 49.24 24.33
CA PHE E 216 -31.22 49.06 25.51
C PHE E 216 -31.89 48.09 26.46
N TYR E 217 -31.12 47.13 26.97
CA TYR E 217 -31.61 46.15 27.93
C TYR E 217 -31.03 46.48 29.29
N GLY E 218 -31.88 46.94 30.21
CA GLY E 218 -31.40 47.36 31.51
C GLY E 218 -32.15 46.73 32.67
N LEU E 219 -32.63 47.57 33.59
CA LEU E 219 -33.35 47.08 34.76
C LEU E 219 -34.78 46.71 34.40
N SER E 220 -35.36 45.85 35.23
CA SER E 220 -36.72 45.38 35.05
C SER E 220 -37.68 46.20 35.91
N GLU E 221 -38.97 45.86 35.80
CA GLU E 221 -39.99 46.57 36.58
C GLU E 221 -39.86 46.27 38.07
N ASN E 222 -39.37 45.08 38.44
CA ASN E 222 -39.28 44.69 39.84
C ASN E 222 -38.06 45.23 40.57
N ASP E 223 -37.07 45.75 39.84
CA ASP E 223 -35.88 46.27 40.49
C ASP E 223 -36.17 47.54 41.26
N GLU E 224 -35.57 47.68 42.44
CA GLU E 224 -35.76 48.88 43.24
C GLU E 224 -34.88 50.01 42.71
N TRP E 225 -35.38 51.24 42.85
CA TRP E 225 -34.66 52.41 42.37
C TRP E 225 -35.07 53.62 43.20
N THR E 226 -34.11 54.27 43.84
CA THR E 226 -34.37 55.45 44.65
C THR E 226 -33.58 56.67 44.22
N GLN E 227 -32.79 56.57 43.15
CA GLN E 227 -31.94 57.67 42.75
C GLN E 227 -32.76 58.80 42.12
N ASP E 228 -32.13 59.96 42.00
CA ASP E 228 -32.78 61.11 41.39
C ASP E 228 -32.99 60.89 39.89
N ARG E 229 -31.96 60.41 39.20
CA ARG E 229 -32.11 60.15 37.77
C ARG E 229 -33.16 59.07 37.53
N ALA E 230 -33.79 59.15 36.36
CA ALA E 230 -34.81 58.18 35.98
C ALA E 230 -34.25 56.76 36.05
N LYS E 231 -35.11 55.83 36.46
CA LYS E 231 -34.75 54.43 36.56
C LYS E 231 -34.28 53.91 35.20
N PRO E 232 -33.09 53.35 35.10
CA PRO E 232 -32.56 52.95 33.78
C PRO E 232 -33.15 51.62 33.31
N VAL E 233 -34.42 51.66 32.93
CA VAL E 233 -35.13 50.45 32.52
C VAL E 233 -34.82 50.15 31.06
N THR E 234 -35.15 48.93 30.65
CA THR E 234 -35.15 48.57 29.24
C THR E 234 -35.99 49.55 28.45
N GLN E 235 -35.47 50.01 27.32
CA GLN E 235 -36.07 51.14 26.63
C GLN E 235 -35.41 51.31 25.27
N ILE E 236 -36.08 52.06 24.40
CA ILE E 236 -35.55 52.44 23.10
C ILE E 236 -35.19 53.92 23.16
N VAL E 237 -34.02 54.25 22.62
CA VAL E 237 -33.60 55.63 22.44
C VAL E 237 -33.28 55.83 20.97
N SER E 238 -33.78 56.93 20.39
CA SER E 238 -33.62 57.19 18.97
C SER E 238 -33.11 58.59 18.72
N ALA E 239 -32.48 58.75 17.56
CA ALA E 239 -32.12 60.04 17.01
C ALA E 239 -32.47 60.01 15.53
N GLU E 240 -32.80 61.17 14.98
CA GLU E 240 -33.33 61.22 13.63
C GLU E 240 -32.70 62.38 12.87
N ALA E 241 -32.88 62.35 11.55
CA ALA E 241 -32.45 63.42 10.67
C ALA E 241 -33.26 63.37 9.39
N TRP E 242 -33.67 64.54 8.91
CA TRP E 242 -34.36 64.67 7.64
C TRP E 242 -33.36 65.02 6.54
N GLY E 243 -33.56 64.45 5.37
CA GLY E 243 -32.64 64.66 4.27
C GLY E 243 -32.80 66.01 3.58
N MET F 1 -42.47 -17.35 19.56
CA MET F 1 -41.10 -17.14 20.01
C MET F 1 -40.44 -18.43 20.44
N ILE F 2 -39.13 -18.40 20.59
CA ILE F 2 -38.34 -19.58 20.88
C ILE F 2 -37.78 -19.43 22.30
N GLN F 3 -38.18 -20.32 23.19
CA GLN F 3 -37.61 -20.37 24.53
C GLN F 3 -36.65 -21.55 24.60
N ARG F 4 -35.60 -21.39 25.40
CA ARG F 4 -34.56 -22.40 25.52
C ARG F 4 -34.40 -22.81 26.98
N THR F 5 -34.52 -24.10 27.25
CA THR F 5 -34.50 -24.60 28.62
C THR F 5 -33.05 -24.76 29.07
N PRO F 6 -32.78 -24.59 30.36
CA PRO F 6 -31.39 -24.58 30.81
C PRO F 6 -30.75 -25.95 30.71
N LYS F 7 -29.49 -25.95 30.29
CA LYS F 7 -28.59 -27.05 30.56
C LYS F 7 -28.09 -26.89 31.99
N ILE F 8 -27.96 -28.00 32.70
CA ILE F 8 -27.63 -28.00 34.12
C ILE F 8 -26.56 -29.04 34.37
N GLN F 9 -25.37 -28.60 34.80
CA GLN F 9 -24.25 -29.52 34.99
C GLN F 9 -23.71 -29.37 36.40
N VAL F 10 -23.58 -30.49 37.10
CA VAL F 10 -23.25 -30.53 38.52
C VAL F 10 -21.96 -31.31 38.66
N TYR F 11 -20.95 -30.69 39.28
CA TYR F 11 -19.63 -31.31 39.26
C TYR F 11 -18.80 -30.67 40.36
N SER F 12 -17.80 -31.41 40.84
CA SER F 12 -16.92 -30.89 41.88
C SER F 12 -15.77 -30.08 41.27
N ARG F 13 -15.24 -29.14 42.06
CA ARG F 13 -14.11 -28.32 41.61
C ARG F 13 -12.89 -29.18 41.30
N HIS F 14 -12.53 -30.07 42.22
CA HIS F 14 -11.42 -31.01 42.13
C HIS F 14 -11.97 -32.42 42.03
N PRO F 15 -11.22 -33.37 41.47
CA PRO F 15 -11.64 -34.78 41.55
C PRO F 15 -12.02 -35.14 42.98
N ALA F 16 -13.21 -35.72 43.15
CA ALA F 16 -13.79 -35.85 44.47
C ALA F 16 -13.31 -37.10 45.18
N GLU F 17 -13.14 -37.00 46.50
CA GLU F 17 -12.84 -38.14 47.35
C GLU F 17 -13.57 -37.95 48.66
N ASN F 18 -14.31 -38.97 49.08
CA ASN F 18 -15.07 -38.86 50.32
C ASN F 18 -14.17 -38.49 51.49
N GLY F 19 -14.59 -37.50 52.27
CA GLY F 19 -13.82 -37.08 53.43
C GLY F 19 -12.89 -35.91 53.19
N LYS F 20 -12.69 -35.51 51.94
CA LYS F 20 -11.82 -34.38 51.62
C LYS F 20 -12.65 -33.19 51.17
N SER F 21 -12.38 -32.05 51.79
CA SER F 21 -13.07 -30.80 51.44
C SER F 21 -12.88 -30.48 49.96
N ASN F 22 -13.93 -29.90 49.37
CA ASN F 22 -14.02 -29.68 47.93
C ASN F 22 -15.01 -28.54 47.72
N PHE F 23 -15.35 -28.29 46.47
CA PHE F 23 -16.43 -27.38 46.13
C PHE F 23 -17.35 -28.05 45.13
N LEU F 24 -18.64 -27.80 45.29
CA LEU F 24 -19.68 -28.36 44.43
C LEU F 24 -20.22 -27.23 43.56
N ASN F 25 -20.13 -27.41 42.25
CA ASN F 25 -20.57 -26.44 41.26
C ASN F 25 -21.86 -26.88 40.58
N CYS F 26 -22.71 -25.91 40.28
CA CYS F 26 -23.85 -26.11 39.41
C CYS F 26 -23.81 -25.00 38.36
N TYR F 27 -23.52 -25.40 37.13
CA TYR F 27 -23.36 -24.49 35.99
C TYR F 27 -24.63 -24.62 35.16
N VAL F 28 -25.36 -23.53 35.04
CA VAL F 28 -26.67 -23.48 34.42
C VAL F 28 -26.55 -22.56 33.20
N SER F 29 -26.84 -23.09 32.02
CA SER F 29 -26.41 -22.37 30.81
C SER F 29 -27.36 -22.61 29.67
N GLY F 30 -27.19 -21.82 28.62
CA GLY F 30 -27.94 -22.00 27.40
C GLY F 30 -29.40 -21.65 27.46
N PHE F 31 -29.84 -20.93 28.48
CA PHE F 31 -31.27 -20.70 28.64
C PHE F 31 -31.68 -19.31 28.15
N HIS F 32 -32.95 -19.18 27.78
CA HIS F 32 -33.59 -17.95 27.34
C HIS F 32 -35.09 -18.12 27.55
N PRO F 33 -35.79 -17.15 28.17
CA PRO F 33 -35.29 -15.84 28.60
C PRO F 33 -34.54 -15.89 29.96
N SER F 34 -34.33 -14.75 30.64
CA SER F 34 -33.28 -14.66 31.66
C SER F 34 -33.74 -15.05 33.07
N ASP F 35 -35.01 -14.95 33.39
CA ASP F 35 -35.46 -15.26 34.75
C ASP F 35 -35.21 -16.73 35.07
N ILE F 36 -34.53 -16.98 36.19
CA ILE F 36 -34.18 -18.35 36.57
C ILE F 36 -34.03 -18.39 38.09
N GLU F 37 -34.29 -19.56 38.68
CA GLU F 37 -34.08 -19.80 40.10
C GLU F 37 -33.21 -21.05 40.24
N VAL F 38 -32.17 -20.97 41.07
CA VAL F 38 -31.24 -22.08 41.28
C VAL F 38 -30.98 -22.23 42.77
N ASP F 39 -31.04 -23.46 43.26
CA ASP F 39 -30.65 -23.81 44.62
C ASP F 39 -29.81 -25.08 44.58
N LEU F 40 -28.86 -25.17 45.50
CA LEU F 40 -28.14 -26.40 45.76
C LEU F 40 -28.79 -27.10 46.95
N LEU F 41 -28.85 -28.42 46.88
CA LEU F 41 -29.53 -29.24 47.89
C LEU F 41 -28.57 -30.27 48.45
N LYS F 42 -28.66 -30.49 49.77
CA LYS F 42 -27.98 -31.58 50.45
C LYS F 42 -29.04 -32.48 51.05
N ASN F 43 -29.12 -33.72 50.55
CA ASN F 43 -30.15 -34.67 50.98
C ASN F 43 -31.55 -34.07 50.87
N GLY F 44 -31.81 -33.32 49.81
CA GLY F 44 -33.11 -32.75 49.55
C GLY F 44 -33.36 -31.37 50.15
N GLU F 45 -32.54 -30.93 51.09
CA GLU F 45 -32.76 -29.65 51.75
C GLU F 45 -31.86 -28.57 51.15
N ARG F 46 -32.39 -27.35 51.12
CA ARG F 46 -31.65 -26.25 50.51
C ARG F 46 -30.42 -25.91 51.34
N ILE F 47 -29.28 -25.74 50.67
CA ILE F 47 -28.06 -25.29 51.31
C ILE F 47 -28.09 -23.76 51.37
N GLU F 48 -27.84 -23.21 52.56
CA GLU F 48 -27.96 -21.76 52.73
C GLU F 48 -26.70 -20.99 52.33
N LYS F 49 -25.51 -21.53 52.54
CA LYS F 49 -24.28 -20.79 52.23
C LYS F 49 -23.85 -21.16 50.81
N VAL F 50 -24.48 -20.51 49.83
CA VAL F 50 -24.20 -20.76 48.42
C VAL F 50 -23.78 -19.45 47.77
N GLU F 51 -22.72 -19.50 46.96
CA GLU F 51 -22.22 -18.40 46.17
C GLU F 51 -22.71 -18.54 44.73
N HIS F 52 -22.81 -17.40 44.02
CA HIS F 52 -23.15 -17.49 42.61
C HIS F 52 -22.60 -16.28 41.86
N SER F 53 -22.32 -16.50 40.57
CA SER F 53 -21.90 -15.42 39.69
C SER F 53 -23.11 -14.57 39.28
N ASP F 54 -22.83 -13.40 38.73
CA ASP F 54 -23.94 -12.66 38.15
C ASP F 54 -24.42 -13.36 36.88
N LEU F 55 -25.65 -13.05 36.48
CA LEU F 55 -26.14 -13.50 35.18
C LEU F 55 -25.13 -13.12 34.10
N SER F 56 -24.78 -14.07 33.23
CA SER F 56 -23.76 -13.86 32.21
C SER F 56 -24.30 -14.10 30.81
N PHE F 57 -23.66 -13.50 29.82
CA PHE F 57 -24.22 -13.40 28.47
C PHE F 57 -23.35 -14.18 27.47
N SER F 58 -24.00 -15.01 26.67
CA SER F 58 -23.33 -15.75 25.61
C SER F 58 -23.57 -15.08 24.26
N LYS F 59 -22.65 -15.33 23.32
CA LYS F 59 -22.82 -14.70 22.02
C LYS F 59 -23.98 -15.28 21.22
N ASP F 60 -24.56 -16.41 21.61
CA ASP F 60 -25.76 -16.92 20.95
C ASP F 60 -27.06 -16.41 21.57
N TRP F 61 -26.97 -15.37 22.44
CA TRP F 61 -28.00 -14.60 23.11
C TRP F 61 -28.61 -15.32 24.31
N SER F 62 -28.17 -16.55 24.62
CA SER F 62 -28.57 -17.24 25.85
C SER F 62 -27.75 -16.74 27.04
N PHE F 63 -28.08 -17.23 28.24
CA PHE F 63 -27.47 -16.76 29.47
C PHE F 63 -26.85 -17.93 30.20
N TYR F 64 -25.93 -17.62 31.11
CA TYR F 64 -25.42 -18.66 31.98
C TYR F 64 -25.06 -18.08 33.34
N LEU F 65 -24.93 -18.98 34.31
CA LEU F 65 -24.40 -18.60 35.60
CA LEU F 65 -24.64 -18.65 35.71
C LEU F 65 -23.92 -19.84 36.36
N LEU F 66 -23.16 -19.56 37.41
CA LEU F 66 -22.48 -20.58 38.20
C LEU F 66 -22.86 -20.41 39.67
N TYR F 67 -23.37 -21.49 40.28
CA TYR F 67 -23.66 -21.58 41.71
C TYR F 67 -22.69 -22.57 42.32
N TYR F 68 -22.20 -22.28 43.53
CA TYR F 68 -21.28 -23.25 44.12
C TYR F 68 -21.28 -23.13 45.64
N THR F 69 -20.83 -24.21 46.28
CA THR F 69 -20.74 -24.21 47.73
C THR F 69 -19.58 -25.11 48.15
N GLU F 70 -18.95 -24.76 49.26
CA GLU F 70 -17.92 -25.64 49.81
C GLU F 70 -18.59 -26.85 50.45
N PHE F 71 -18.04 -28.04 50.21
CA PHE F 71 -18.61 -29.20 50.87
C PHE F 71 -17.54 -30.26 51.06
N THR F 72 -17.85 -31.24 51.90
CA THR F 72 -17.03 -32.44 52.01
C THR F 72 -17.87 -33.65 51.65
N PRO F 73 -17.62 -34.30 50.53
CA PRO F 73 -18.46 -35.43 50.12
C PRO F 73 -18.33 -36.61 51.07
N THR F 74 -19.44 -37.32 51.27
CA THR F 74 -19.47 -38.55 52.04
C THR F 74 -20.29 -39.58 51.28
N GLU F 75 -20.09 -40.86 51.62
CA GLU F 75 -20.82 -41.91 50.93
C GLU F 75 -22.33 -41.75 51.10
N LYS F 76 -22.77 -41.25 52.25
CA LYS F 76 -24.20 -41.21 52.56
C LYS F 76 -24.89 -39.95 52.05
N ASP F 77 -24.16 -38.89 51.76
CA ASP F 77 -24.79 -37.60 51.47
C ASP F 77 -25.06 -37.45 49.98
N GLU F 78 -26.28 -37.05 49.64
CA GLU F 78 -26.71 -36.83 48.27
C GLU F 78 -26.84 -35.33 47.99
N TYR F 79 -26.22 -34.87 46.92
CA TYR F 79 -26.27 -33.46 46.53
C TYR F 79 -26.98 -33.32 45.19
N ALA F 80 -27.61 -32.16 44.99
CA ALA F 80 -28.33 -31.90 43.75
C ALA F 80 -28.38 -30.40 43.50
N CYS F 81 -28.81 -30.06 42.28
CA CYS F 81 -29.01 -28.70 41.86
C CYS F 81 -30.46 -28.60 41.39
N ARG F 82 -31.23 -27.67 41.98
CA ARG F 82 -32.65 -27.51 41.67
C ARG F 82 -32.86 -26.20 40.92
N VAL F 83 -33.51 -26.28 39.75
CA VAL F 83 -33.58 -25.15 38.83
C VAL F 83 -35.02 -24.98 38.37
N ASN F 84 -35.50 -23.74 38.39
CA ASN F 84 -36.79 -23.42 37.78
C ASN F 84 -36.60 -22.33 36.74
N HIS F 85 -37.41 -22.41 35.69
CA HIS F 85 -37.32 -21.58 34.48
C HIS F 85 -38.69 -21.64 33.82
N VAL F 86 -39.02 -20.62 33.02
CA VAL F 86 -40.34 -20.55 32.41
C VAL F 86 -40.59 -21.75 31.52
N THR F 87 -39.53 -22.37 30.98
CA THR F 87 -39.69 -23.56 30.14
C THR F 87 -40.06 -24.80 30.93
N LEU F 88 -40.00 -24.75 32.26
CA LEU F 88 -40.17 -25.93 33.08
C LEU F 88 -41.50 -25.81 33.82
N SER F 89 -42.31 -26.85 33.77
CA SER F 89 -43.58 -26.78 34.49
C SER F 89 -43.38 -26.97 35.99
N GLN F 90 -42.31 -27.63 36.41
CA GLN F 90 -41.95 -27.73 37.81
C GLN F 90 -40.44 -27.63 37.92
N PRO F 91 -39.93 -27.28 39.10
CA PRO F 91 -38.48 -27.21 39.28
C PRO F 91 -37.86 -28.56 38.97
N LYS F 92 -36.71 -28.54 38.29
CA LYS F 92 -35.99 -29.75 37.93
C LYS F 92 -34.86 -29.97 38.93
N ILE F 93 -34.82 -31.15 39.51
CA ILE F 93 -33.78 -31.52 40.47
C ILE F 93 -32.78 -32.41 39.77
N VAL F 94 -31.54 -31.94 39.67
CA VAL F 94 -30.49 -32.65 38.94
C VAL F 94 -29.47 -33.14 39.95
N LYS F 95 -29.33 -34.47 40.05
CA LYS F 95 -28.45 -35.07 41.05
C LYS F 95 -27.00 -35.03 40.61
N TRP F 96 -26.11 -34.74 41.57
CA TRP F 96 -24.67 -34.89 41.33
C TRP F 96 -24.33 -36.36 41.14
N ASP F 97 -23.54 -36.67 40.10
CA ASP F 97 -23.16 -38.04 39.79
C ASP F 97 -21.97 -38.54 40.62
N ARG F 98 -21.55 -37.79 41.64
CA ARG F 98 -20.49 -38.18 42.57
C ARG F 98 -19.14 -38.33 41.87
N ASP F 99 -18.94 -37.57 40.80
CA ASP F 99 -17.68 -37.56 40.03
C ASP F 99 -17.42 -38.92 39.37
N MET F 100 -18.49 -39.65 39.04
CA MET F 100 -18.40 -40.90 38.28
C MET F 100 -17.88 -40.64 36.87
N ASN G 2 21.79 -14.58 1.13
CA ASN G 2 21.38 -15.72 0.31
C ASN G 2 19.94 -15.59 -0.17
N ALA G 3 19.44 -14.35 -0.24
CA ALA G 3 18.02 -14.13 -0.48
C ALA G 3 17.66 -14.11 -1.96
N GLY G 4 18.64 -14.02 -2.86
CA GLY G 4 18.33 -14.00 -4.28
C GLY G 4 18.00 -12.59 -4.74
N VAL G 5 16.88 -12.44 -5.42
CA VAL G 5 16.46 -11.14 -5.94
C VAL G 5 15.28 -10.67 -5.10
N THR G 6 15.43 -9.50 -4.46
CA THR G 6 14.44 -8.93 -3.54
C THR G 6 13.89 -7.66 -4.18
N GLN G 7 12.62 -7.67 -4.58
CA GLN G 7 12.00 -6.46 -5.10
C GLN G 7 10.77 -6.08 -4.26
N THR G 8 10.51 -4.78 -4.20
CA THR G 8 9.41 -4.21 -3.43
C THR G 8 8.85 -3.02 -4.19
N PRO G 9 7.56 -2.70 -4.02
CA PRO G 9 6.58 -3.42 -3.21
C PRO G 9 5.90 -4.55 -3.98
N LYS G 10 5.27 -5.46 -3.24
CA LYS G 10 4.54 -6.55 -3.88
C LYS G 10 3.30 -6.03 -4.60
N PHE G 11 2.61 -5.04 -4.02
CA PHE G 11 1.40 -4.48 -4.59
C PHE G 11 1.41 -2.97 -4.41
N GLN G 12 0.80 -2.27 -5.38
CA GLN G 12 0.68 -0.82 -5.25
C GLN G 12 -0.45 -0.33 -6.14
N VAL G 13 -1.31 0.51 -5.60
CA VAL G 13 -2.31 1.26 -6.36
C VAL G 13 -1.84 2.71 -6.44
N LEU G 14 -1.99 3.30 -7.63
CA LEU G 14 -1.54 4.64 -7.95
C LEU G 14 -2.64 5.36 -8.71
N LYS G 15 -2.71 6.66 -8.50
CA LYS G 15 -3.55 7.53 -9.31
C LYS G 15 -2.75 8.02 -10.51
N THR G 16 -3.43 8.19 -11.64
CA THR G 16 -2.78 8.77 -12.82
C THR G 16 -2.01 10.03 -12.43
N GLY G 17 -0.74 10.09 -12.83
CA GLY G 17 0.12 11.22 -12.53
C GLY G 17 0.97 11.06 -11.28
N GLN G 18 0.66 10.09 -10.42
CA GLN G 18 1.44 9.88 -9.20
C GLN G 18 2.79 9.27 -9.56
N SER G 19 3.79 9.57 -8.74
CA SER G 19 5.13 9.00 -8.92
C SER G 19 5.28 7.71 -8.12
N MET G 20 6.21 6.86 -8.56
CA MET G 20 6.45 5.58 -7.89
CA MET G 20 6.46 5.61 -7.86
C MET G 20 7.83 5.06 -8.22
N THR G 21 8.52 4.55 -7.20
CA THR G 21 9.79 3.86 -7.37
C THR G 21 9.66 2.41 -6.93
N LEU G 22 10.09 1.49 -7.77
CA LEU G 22 10.18 0.08 -7.42
C LEU G 22 11.63 -0.23 -7.11
N GLN G 23 11.88 -0.92 -6.01
CA GLN G 23 13.22 -1.26 -5.57
C GLN G 23 13.56 -2.69 -5.97
N CYS G 24 14.84 -2.92 -6.26
CA CYS G 24 15.32 -4.26 -6.51
C CYS G 24 16.76 -4.39 -6.04
N ALA G 25 17.04 -5.45 -5.30
CA ALA G 25 18.42 -5.74 -4.91
C ALA G 25 18.66 -7.21 -5.15
N GLN G 26 19.92 -7.54 -5.47
CA GLN G 26 20.33 -8.93 -5.56
C GLN G 26 21.60 -9.10 -4.76
N ASP G 27 21.66 -10.20 -4.01
CA ASP G 27 22.82 -10.52 -3.18
C ASP G 27 23.61 -11.67 -3.73
N MET G 28 23.58 -11.87 -5.06
CA MET G 28 24.25 -12.98 -5.70
CA MET G 28 24.26 -12.99 -5.68
C MET G 28 25.55 -12.57 -6.36
N ASN G 29 25.95 -11.30 -6.20
CA ASN G 29 27.15 -10.74 -6.82
C ASN G 29 27.05 -10.78 -8.34
N HIS G 30 25.83 -10.69 -8.86
CA HIS G 30 25.61 -10.68 -10.30
C HIS G 30 25.98 -9.32 -10.88
N ASN G 31 26.32 -9.32 -12.16
CA ASN G 31 26.70 -8.06 -12.79
C ASN G 31 25.58 -7.39 -13.57
N SER G 32 24.64 -8.15 -14.11
CA SER G 32 23.63 -7.63 -15.03
CA SER G 32 23.63 -7.61 -15.01
C SER G 32 22.27 -7.66 -14.36
N MET G 33 21.49 -6.58 -14.53
CA MET G 33 20.15 -6.48 -13.92
C MET G 33 19.17 -5.94 -14.96
N TYR G 34 17.90 -6.31 -14.80
CA TYR G 34 16.86 -6.10 -15.82
C TYR G 34 15.55 -5.73 -15.14
N TRP G 35 14.74 -4.88 -15.79
CA TRP G 35 13.34 -4.64 -15.39
C TRP G 35 12.43 -5.03 -16.54
N TYR G 36 11.49 -5.94 -16.26
CA TYR G 36 10.54 -6.46 -17.23
C TYR G 36 9.12 -6.09 -16.84
N ARG G 37 8.24 -6.00 -17.83
CA ARG G 37 6.82 -6.00 -17.49
C ARG G 37 6.14 -7.20 -18.15
N GLN G 38 5.13 -7.73 -17.47
CA GLN G 38 4.38 -8.89 -17.93
C GLN G 38 2.91 -8.53 -18.00
N ASP G 39 2.31 -8.73 -19.18
CA ASP G 39 0.91 -8.42 -19.40
C ASP G 39 0.23 -9.60 -20.06
N PRO G 40 -1.09 -9.75 -19.89
CA PRO G 40 -1.78 -10.90 -20.48
C PRO G 40 -1.64 -10.94 -21.99
N GLY G 41 -1.43 -12.14 -22.52
CA GLY G 41 -1.40 -12.35 -23.95
C GLY G 41 -0.11 -11.99 -24.65
N MET G 42 0.95 -11.64 -23.91
CA MET G 42 2.22 -11.17 -24.46
C MET G 42 3.39 -11.81 -23.74
N GLY G 43 4.51 -11.95 -24.45
CA GLY G 43 5.75 -12.27 -23.78
C GLY G 43 6.27 -11.10 -22.97
N LEU G 44 7.15 -11.42 -22.01
CA LEU G 44 7.80 -10.40 -21.21
C LEU G 44 8.44 -9.34 -22.10
N ARG G 45 8.35 -8.08 -21.68
CA ARG G 45 8.94 -6.99 -22.42
C ARG G 45 9.94 -6.25 -21.55
N LEU G 46 11.15 -6.11 -22.05
CA LEU G 46 12.22 -5.45 -21.32
C LEU G 46 12.02 -3.94 -21.33
N ILE G 47 12.06 -3.32 -20.13
CA ILE G 47 11.86 -1.87 -20.00
C ILE G 47 13.20 -1.13 -20.05
N TYR G 48 14.11 -1.49 -19.16
CA TYR G 48 15.48 -0.99 -19.08
C TYR G 48 16.35 -2.12 -18.55
N TYR G 49 17.66 -2.03 -18.79
CA TYR G 49 18.57 -3.03 -18.23
C TYR G 49 19.90 -2.37 -17.91
N SER G 50 20.74 -3.12 -17.19
CA SER G 50 22.03 -2.64 -16.71
C SER G 50 23.02 -3.78 -16.93
N ALA G 51 23.84 -3.69 -17.99
CA ALA G 51 24.69 -4.82 -18.34
C ALA G 51 25.81 -5.04 -17.33
N SER G 52 26.14 -4.00 -16.58
CA SER G 52 27.18 -4.07 -15.57
CA SER G 52 27.26 -4.01 -15.65
C SER G 52 27.04 -2.82 -14.72
N GLU G 53 27.68 -2.85 -13.56
CA GLU G 53 27.65 -1.66 -12.71
C GLU G 53 28.14 -0.45 -13.49
N GLY G 54 27.48 0.68 -13.33
CA GLY G 54 27.94 1.87 -14.01
C GLY G 54 27.47 2.08 -15.44
N THR G 55 26.55 1.25 -15.96
CA THR G 55 25.94 1.52 -17.26
C THR G 55 24.49 1.04 -17.23
N THR G 56 23.64 1.77 -17.94
CA THR G 56 22.25 1.35 -18.14
C THR G 56 21.86 1.68 -19.57
N ASP G 57 20.79 1.04 -20.05
CA ASP G 57 20.29 1.38 -21.37
C ASP G 57 18.82 0.98 -21.48
N LYS G 58 18.14 1.63 -22.41
CA LYS G 58 16.73 1.33 -22.70
C LYS G 58 16.58 -0.08 -23.23
N GLY G 59 15.46 -0.70 -22.86
CA GLY G 59 15.02 -1.96 -23.41
C GLY G 59 14.11 -1.71 -24.59
N GLU G 60 13.07 -2.54 -24.75
CA GLU G 60 12.12 -2.35 -25.84
C GLU G 60 10.99 -1.39 -25.50
N VAL G 61 10.62 -1.23 -24.22
CA VAL G 61 9.50 -0.34 -23.89
C VAL G 61 9.88 0.67 -22.80
N PRO G 62 10.87 1.55 -23.05
CA PRO G 62 11.36 2.44 -22.00
C PRO G 62 10.51 3.67 -21.74
N ASN G 63 9.57 4.02 -22.61
CA ASN G 63 8.89 5.31 -22.47
C ASN G 63 7.99 5.32 -21.22
N GLY G 64 8.10 6.38 -20.42
CA GLY G 64 7.35 6.49 -19.17
C GLY G 64 8.08 5.96 -17.95
N TYR G 65 9.31 5.46 -18.12
CA TYR G 65 10.12 4.86 -17.08
C TYR G 65 11.53 5.42 -17.13
N ASN G 66 12.21 5.34 -15.98
CA ASN G 66 13.63 5.60 -15.88
CA ASN G 66 13.65 5.50 -15.97
C ASN G 66 14.21 4.61 -14.87
N VAL G 67 15.52 4.41 -14.89
CA VAL G 67 16.14 3.49 -13.95
C VAL G 67 17.40 4.09 -13.35
N SER G 68 17.79 3.55 -12.20
CA SER G 68 19.07 3.89 -11.59
CA SER G 68 19.07 3.89 -11.59
C SER G 68 19.77 2.61 -11.14
N ARG G 69 20.95 2.36 -11.69
CA ARG G 69 21.80 1.28 -11.18
C ARG G 69 22.62 1.91 -10.06
N LEU G 70 22.09 1.83 -8.83
CA LEU G 70 22.67 2.61 -7.73
C LEU G 70 24.04 2.08 -7.36
N ASN G 71 24.21 0.76 -7.40
CA ASN G 71 25.47 0.10 -7.09
C ASN G 71 25.37 -1.28 -7.73
N LYS G 72 26.33 -2.17 -7.41
CA LYS G 72 26.32 -3.49 -8.04
C LYS G 72 25.07 -4.29 -7.63
N ARG G 73 24.54 -4.01 -6.45
CA ARG G 73 23.44 -4.80 -5.92
C ARG G 73 22.06 -4.27 -6.32
N GLU G 74 21.91 -2.97 -6.60
CA GLU G 74 20.60 -2.34 -6.60
C GLU G 74 20.28 -1.70 -7.94
N PHE G 75 19.02 -1.85 -8.37
CA PHE G 75 18.58 -1.38 -9.68
C PHE G 75 17.12 -0.94 -9.53
N SER G 76 16.89 0.36 -9.40
CA SER G 76 15.53 0.83 -9.12
C SER G 76 14.86 1.27 -10.40
N LEU G 77 13.53 1.16 -10.42
CA LEU G 77 12.71 1.53 -11.57
C LEU G 77 11.75 2.64 -11.16
N ARG G 78 11.72 3.70 -11.96
CA ARG G 78 11.01 4.92 -11.61
C ARG G 78 9.92 5.18 -12.62
N LEU G 79 8.70 5.37 -12.12
CA LEU G 79 7.54 5.84 -12.88
C LEU G 79 7.32 7.28 -12.42
N GLU G 80 7.74 8.23 -13.24
CA GLU G 80 7.66 9.63 -12.77
C GLU G 80 6.22 10.14 -12.77
N SER G 81 5.40 9.73 -13.76
CA SER G 81 4.01 10.18 -13.91
C SER G 81 3.17 8.99 -14.35
N ALA G 82 2.62 8.25 -13.39
CA ALA G 82 2.02 6.96 -13.72
C ALA G 82 0.86 7.14 -14.69
N ALA G 83 0.75 6.20 -15.63
CA ALA G 83 -0.35 6.19 -16.57
C ALA G 83 -1.11 4.87 -16.47
N PRO G 84 -2.39 4.86 -16.82
CA PRO G 84 -3.15 3.61 -16.76
C PRO G 84 -2.54 2.48 -17.58
N SER G 85 -1.86 2.81 -18.68
CA SER G 85 -1.20 1.79 -19.50
C SER G 85 -0.06 1.10 -18.75
N GLN G 86 0.41 1.69 -17.66
CA GLN G 86 1.48 1.08 -16.87
C GLN G 86 0.95 0.11 -15.81
N THR G 87 -0.35 -0.09 -15.74
CA THR G 87 -0.88 -1.21 -14.95
C THR G 87 -0.30 -2.51 -15.50
N SER G 88 0.41 -3.26 -14.64
CA SER G 88 1.18 -4.40 -15.12
C SER G 88 1.75 -5.14 -13.90
N VAL G 89 2.41 -6.25 -14.17
CA VAL G 89 3.23 -6.93 -13.15
C VAL G 89 4.67 -6.73 -13.57
N TYR G 90 5.46 -6.14 -12.68
CA TYR G 90 6.84 -5.78 -12.97
C TYR G 90 7.78 -6.79 -12.33
N PHE G 91 8.73 -7.29 -13.11
CA PHE G 91 9.72 -8.23 -12.61
C PHE G 91 11.12 -7.66 -12.78
N CYS G 92 11.88 -7.65 -11.69
CA CYS G 92 13.32 -7.46 -11.71
CA CYS G 92 13.30 -7.45 -11.86
C CYS G 92 14.00 -8.80 -11.91
N ALA G 93 15.12 -8.82 -12.63
CA ALA G 93 15.86 -10.06 -12.84
C ALA G 93 17.35 -9.73 -12.88
N SER G 94 18.19 -10.74 -12.64
CA SER G 94 19.63 -10.54 -12.70
C SER G 94 20.26 -11.76 -13.33
N SER G 95 21.45 -11.57 -13.90
CA SER G 95 22.25 -12.66 -14.44
CA SER G 95 22.26 -12.64 -14.48
C SER G 95 23.71 -12.39 -14.10
N VAL G 96 24.50 -13.47 -14.06
CA VAL G 96 25.89 -13.34 -13.64
C VAL G 96 26.61 -12.31 -14.52
N TRP G 97 26.50 -12.48 -15.84
CA TRP G 97 27.04 -11.55 -16.84
C TRP G 97 25.97 -11.32 -17.89
N THR G 98 26.28 -10.64 -18.99
CA THR G 98 25.35 -10.72 -20.12
C THR G 98 26.15 -10.65 -21.42
N GLY G 99 25.45 -10.76 -22.54
CA GLY G 99 26.17 -10.82 -23.80
C GLY G 99 26.78 -12.18 -23.99
N GLU G 100 26.25 -13.16 -23.26
CA GLU G 100 26.69 -14.52 -23.42
CA GLU G 100 26.69 -14.53 -23.33
C GLU G 100 25.47 -15.42 -23.59
N GLY G 101 25.68 -16.50 -24.30
CA GLY G 101 24.55 -17.31 -24.69
C GLY G 101 23.86 -17.93 -23.50
N SER G 102 24.63 -18.53 -22.59
CA SER G 102 23.97 -19.58 -21.83
C SER G 102 23.49 -19.14 -20.46
N GLY G 103 23.92 -18.00 -19.94
CA GLY G 103 23.55 -17.62 -18.58
C GLY G 103 22.05 -17.32 -18.45
N GLU G 104 21.41 -17.95 -17.46
CA GLU G 104 20.00 -17.78 -17.23
C GLU G 104 19.72 -16.56 -16.35
N LEU G 105 18.46 -16.17 -16.31
CA LEU G 105 17.95 -15.08 -15.47
C LEU G 105 17.43 -15.64 -14.15
N PHE G 106 17.62 -14.85 -13.10
CA PHE G 106 17.04 -15.09 -11.78
C PHE G 106 16.06 -13.96 -11.52
N PHE G 107 14.80 -14.31 -11.27
CA PHE G 107 13.72 -13.33 -11.15
C PHE G 107 13.37 -13.01 -9.68
N GLY G 108 13.01 -11.73 -9.45
CA GLY G 108 12.33 -11.35 -8.19
C GLY G 108 10.87 -11.77 -8.19
N GLU G 109 10.20 -11.55 -7.03
CA GLU G 109 8.85 -12.07 -6.86
C GLU G 109 7.79 -11.28 -7.62
N GLY G 110 8.14 -10.15 -8.19
CA GLY G 110 7.14 -9.41 -8.96
C GLY G 110 6.47 -8.32 -8.14
N SER G 111 6.10 -7.24 -8.82
CA SER G 111 5.40 -6.10 -8.23
C SER G 111 4.15 -5.80 -9.06
N ARG G 112 2.99 -5.93 -8.46
CA ARG G 112 1.76 -5.68 -9.19
C ARG G 112 1.32 -4.24 -8.99
N LEU G 113 1.29 -3.46 -10.07
CA LEU G 113 0.87 -2.08 -10.03
CA LEU G 113 0.89 -2.08 -10.05
C LEU G 113 -0.44 -1.91 -10.77
N THR G 114 -1.38 -1.18 -10.15
CA THR G 114 -2.60 -0.76 -10.83
C THR G 114 -2.68 0.76 -10.76
N VAL G 115 -2.79 1.39 -11.92
CA VAL G 115 -2.87 2.83 -12.06
C VAL G 115 -4.30 3.18 -12.46
N LEU G 116 -4.95 4.06 -11.69
CA LEU G 116 -6.34 4.42 -11.89
C LEU G 116 -6.51 5.92 -12.10
N GLU G 117 -7.46 6.30 -12.95
CA GLU G 117 -7.81 7.72 -13.10
C GLU G 117 -8.35 8.31 -11.81
N ASP G 118 -9.16 7.56 -11.08
CA ASP G 118 -9.78 8.02 -9.83
CA ASP G 118 -9.67 8.03 -9.80
C ASP G 118 -9.77 6.87 -8.83
N LEU G 119 -9.45 7.15 -7.58
CA LEU G 119 -9.43 6.08 -6.59
C LEU G 119 -10.82 5.73 -6.05
N LYS G 120 -11.89 6.33 -6.55
CA LYS G 120 -13.22 5.98 -6.05
C LYS G 120 -13.67 4.59 -6.50
N ASN G 121 -12.90 3.90 -7.34
CA ASN G 121 -13.21 2.53 -7.71
C ASN G 121 -12.58 1.49 -6.78
N VAL G 122 -11.81 1.92 -5.79
CA VAL G 122 -11.06 1.00 -4.95
C VAL G 122 -11.96 0.55 -3.81
N PHE G 123 -12.06 -0.76 -3.59
CA PHE G 123 -12.91 -1.31 -2.51
C PHE G 123 -12.18 -2.46 -1.81
N PRO G 124 -12.29 -2.55 -0.49
CA PRO G 124 -11.79 -3.76 0.22
C PRO G 124 -12.75 -4.92 0.02
N PRO G 125 -12.33 -6.15 0.30
CA PRO G 125 -13.26 -7.27 0.17
C PRO G 125 -14.20 -7.35 1.36
N GLU G 126 -15.41 -7.83 1.09
CA GLU G 126 -16.24 -8.42 2.14
C GLU G 126 -15.80 -9.86 2.29
N VAL G 127 -15.71 -10.36 3.52
CA VAL G 127 -15.26 -11.73 3.72
C VAL G 127 -16.27 -12.46 4.59
N ALA G 128 -16.66 -13.66 4.16
CA ALA G 128 -17.63 -14.47 4.86
C ALA G 128 -17.21 -15.93 4.76
N VAL G 129 -17.50 -16.69 5.82
CA VAL G 129 -17.19 -18.11 5.91
C VAL G 129 -18.48 -18.87 6.09
N PHE G 130 -18.63 -19.95 5.33
CA PHE G 130 -19.83 -20.77 5.33
C PHE G 130 -19.48 -22.18 5.80
N GLU G 131 -20.20 -22.67 6.83
CA GLU G 131 -19.89 -23.95 7.45
C GLU G 131 -20.35 -25.12 6.58
N PRO G 132 -19.77 -26.30 6.79
CA PRO G 132 -20.05 -27.44 5.90
C PRO G 132 -21.49 -27.93 5.94
N SER G 133 -21.86 -28.49 4.81
CA SER G 133 -23.13 -29.20 4.65
C SER G 133 -23.16 -30.48 5.48
N GLU G 134 -24.19 -30.62 6.32
CA GLU G 134 -24.43 -31.87 7.03
C GLU G 134 -24.56 -33.04 6.08
N ALA G 135 -25.18 -32.83 4.90
CA ALA G 135 -25.29 -33.91 3.93
C ALA G 135 -23.92 -34.36 3.42
N GLU G 136 -23.01 -33.40 3.18
CA GLU G 136 -21.65 -33.77 2.78
C GLU G 136 -20.99 -34.62 3.85
N ILE G 137 -21.17 -34.23 5.12
CA ILE G 137 -20.55 -34.97 6.21
C ILE G 137 -21.08 -36.41 6.26
N SER G 138 -22.40 -36.59 6.13
CA SER G 138 -22.88 -37.97 6.23
C SER G 138 -22.59 -38.78 4.98
N HIS G 139 -22.47 -38.13 3.81
CA HIS G 139 -22.24 -38.89 2.58
C HIS G 139 -20.77 -39.24 2.35
N THR G 140 -19.84 -38.37 2.77
CA THR G 140 -18.43 -38.51 2.42
C THR G 140 -17.50 -38.62 3.61
N GLN G 141 -17.98 -38.38 4.84
CA GLN G 141 -17.14 -38.31 6.05
C GLN G 141 -16.08 -37.20 5.94
N LYS G 142 -16.34 -36.21 5.10
CA LYS G 142 -15.50 -35.05 4.94
CA LYS G 142 -15.49 -35.05 4.90
C LYS G 142 -16.35 -33.79 5.07
N ALA G 143 -15.69 -32.67 5.33
CA ALA G 143 -16.40 -31.42 5.60
C ALA G 143 -15.69 -30.28 4.88
N THR G 144 -16.39 -29.60 3.96
CA THR G 144 -15.80 -28.49 3.21
C THR G 144 -16.37 -27.16 3.73
N LEU G 145 -15.48 -26.30 4.23
CA LEU G 145 -15.78 -24.91 4.50
C LEU G 145 -15.47 -24.08 3.27
N VAL G 146 -16.25 -23.01 3.09
CA VAL G 146 -16.01 -22.09 1.97
C VAL G 146 -15.84 -20.69 2.50
N CYS G 147 -14.85 -19.99 1.98
CA CYS G 147 -14.62 -18.58 2.23
C CYS G 147 -14.85 -17.81 0.95
N LEU G 148 -15.66 -16.77 1.04
CA LEU G 148 -15.91 -15.87 -0.09
C LEU G 148 -15.37 -14.49 0.24
N ALA G 149 -14.55 -13.96 -0.66
CA ALA G 149 -14.07 -12.58 -0.58
C ALA G 149 -14.66 -11.87 -1.79
N THR G 150 -15.53 -10.89 -1.55
CA THR G 150 -16.34 -10.37 -2.65
C THR G 150 -16.32 -8.84 -2.70
N GLY G 151 -16.48 -8.31 -3.90
CA GLY G 151 -16.62 -6.87 -4.10
C GLY G 151 -15.33 -6.07 -4.00
N PHE G 152 -14.16 -6.69 -4.14
CA PHE G 152 -12.94 -5.93 -3.94
C PHE G 152 -12.41 -5.38 -5.27
N TYR G 153 -11.63 -4.31 -5.18
CA TYR G 153 -10.96 -3.78 -6.37
C TYR G 153 -9.82 -2.89 -5.93
N PRO G 154 -8.64 -2.98 -6.56
CA PRO G 154 -8.25 -3.89 -7.63
C PRO G 154 -7.95 -5.29 -7.12
N ASP G 155 -7.42 -6.17 -7.97
CA ASP G 155 -7.19 -7.56 -7.57
C ASP G 155 -5.83 -7.65 -6.86
N HIS G 156 -5.79 -7.08 -5.65
CA HIS G 156 -4.60 -7.03 -4.80
C HIS G 156 -4.94 -7.67 -3.45
N VAL G 157 -5.08 -8.99 -3.42
CA VAL G 157 -5.47 -9.68 -2.19
C VAL G 157 -4.62 -10.92 -1.97
N GLU G 158 -4.55 -11.34 -0.71
CA GLU G 158 -3.91 -12.59 -0.28
C GLU G 158 -4.84 -13.25 0.72
N LEU G 159 -5.34 -14.43 0.37
CA LEU G 159 -6.28 -15.14 1.22
C LEU G 159 -5.55 -16.31 1.90
N SER G 160 -5.80 -16.48 3.19
CA SER G 160 -5.19 -17.56 3.97
C SER G 160 -6.21 -18.13 4.94
N TRP G 161 -6.04 -19.42 5.27
CA TRP G 161 -6.87 -20.11 6.25
C TRP G 161 -6.04 -20.36 7.49
N TRP G 162 -6.68 -20.27 8.64
CA TRP G 162 -6.03 -20.45 9.93
C TRP G 162 -6.86 -21.43 10.72
N VAL G 163 -6.23 -22.48 11.21
CA VAL G 163 -6.89 -23.47 12.02
C VAL G 163 -6.19 -23.46 13.38
N ASN G 164 -6.92 -23.07 14.41
CA ASN G 164 -6.39 -23.06 15.77
C ASN G 164 -5.15 -22.17 15.89
N GLY G 165 -5.16 -21.04 15.20
CA GLY G 165 -4.08 -20.08 15.34
C GLY G 165 -2.88 -20.34 14.46
N LYS G 166 -2.92 -21.35 13.60
CA LYS G 166 -1.81 -21.68 12.71
C LYS G 166 -2.31 -21.65 11.27
N GLU G 167 -1.55 -21.01 10.39
CA GLU G 167 -1.93 -21.02 8.99
C GLU G 167 -1.82 -22.44 8.44
N VAL G 168 -2.78 -22.83 7.61
CA VAL G 168 -2.74 -24.15 7.00
C VAL G 168 -2.80 -24.01 5.48
N HIS G 169 -2.28 -25.03 4.80
CA HIS G 169 -2.29 -25.10 3.33
CA HIS G 169 -2.40 -25.08 3.35
C HIS G 169 -2.80 -26.46 2.84
N SER G 170 -2.55 -27.52 3.59
CA SER G 170 -3.09 -28.81 3.20
C SER G 170 -4.61 -28.76 3.27
N GLY G 171 -5.27 -29.28 2.24
CA GLY G 171 -6.73 -29.27 2.22
C GLY G 171 -7.35 -27.98 1.71
N VAL G 172 -6.55 -27.02 1.27
CA VAL G 172 -7.02 -25.72 0.83
C VAL G 172 -6.97 -25.66 -0.68
N CYS G 173 -7.98 -25.07 -1.31
CA CYS G 173 -7.87 -24.68 -2.72
CA CYS G 173 -7.75 -24.61 -2.67
C CYS G 173 -8.50 -23.30 -2.88
N THR G 174 -7.73 -22.32 -3.32
CA THR G 174 -8.20 -20.97 -3.57
C THR G 174 -8.17 -20.75 -5.07
N ASP G 175 -9.21 -20.12 -5.62
CA ASP G 175 -9.25 -19.91 -7.07
C ASP G 175 -7.94 -19.26 -7.51
N PRO G 176 -7.29 -19.76 -8.57
CA PRO G 176 -6.08 -19.09 -9.03
C PRO G 176 -6.35 -17.75 -9.66
N GLN G 177 -7.56 -17.50 -10.16
CA GLN G 177 -7.92 -16.20 -10.71
C GLN G 177 -9.23 -15.72 -10.11
N PRO G 178 -9.41 -14.42 -9.91
CA PRO G 178 -10.69 -13.92 -9.40
C PRO G 178 -11.74 -13.89 -10.49
N LEU G 179 -12.98 -13.83 -10.05
CA LEU G 179 -14.14 -13.69 -10.91
C LEU G 179 -14.50 -12.21 -11.01
N LYS G 180 -14.71 -11.72 -12.22
CA LYS G 180 -15.27 -10.38 -12.36
C LYS G 180 -16.75 -10.43 -12.01
N GLU G 181 -17.18 -9.63 -11.03
CA GLU G 181 -18.60 -9.66 -10.66
C GLU G 181 -19.48 -9.17 -11.80
N GLN G 182 -18.98 -8.23 -12.61
CA GLN G 182 -19.72 -7.77 -13.79
C GLN G 182 -18.78 -7.91 -14.98
N PRO G 183 -18.77 -9.07 -15.63
CA PRO G 183 -17.72 -9.36 -16.63
C PRO G 183 -17.61 -8.35 -17.76
N ALA G 184 -18.67 -7.57 -18.05
CA ALA G 184 -18.61 -6.64 -19.17
C ALA G 184 -17.85 -5.36 -18.87
N LEU G 185 -17.77 -4.96 -17.61
CA LEU G 185 -17.21 -3.66 -17.23
C LEU G 185 -15.70 -3.75 -17.05
N ASN G 186 -14.99 -2.73 -17.55
CA ASN G 186 -13.53 -2.74 -17.48
C ASN G 186 -13.01 -2.63 -16.06
N ASP G 187 -13.76 -1.97 -15.17
CA ASP G 187 -13.35 -1.74 -13.80
C ASP G 187 -14.17 -2.57 -12.81
N SER G 188 -14.66 -3.73 -13.25
CA SER G 188 -15.52 -4.57 -12.42
C SER G 188 -14.85 -4.92 -11.09
N ARG G 189 -15.62 -4.92 -10.02
CA ARG G 189 -15.10 -5.47 -8.78
C ARG G 189 -14.97 -6.99 -8.90
N TYR G 190 -14.21 -7.60 -7.98
CA TYR G 190 -13.82 -9.00 -8.09
C TYR G 190 -14.41 -9.82 -6.98
N ALA G 191 -14.51 -11.13 -7.23
CA ALA G 191 -14.84 -12.09 -6.18
C ALA G 191 -13.83 -13.23 -6.23
N LEU G 192 -13.58 -13.82 -5.06
CA LEU G 192 -12.61 -14.90 -4.93
C LEU G 192 -13.19 -15.92 -3.97
N SER G 193 -13.15 -17.20 -4.34
CA SER G 193 -13.59 -18.22 -3.41
C SER G 193 -12.43 -19.12 -3.02
N SER G 194 -12.52 -19.67 -1.80
CA SER G 194 -11.54 -20.64 -1.34
C SER G 194 -12.27 -21.71 -0.54
N ARG G 195 -11.74 -22.93 -0.58
CA ARG G 195 -12.31 -24.05 0.17
C ARG G 195 -11.24 -24.63 1.09
N LEU G 196 -11.68 -25.07 2.28
CA LEU G 196 -10.85 -25.86 3.19
C LEU G 196 -11.60 -27.15 3.49
N ARG G 197 -11.01 -28.29 3.17
CA ARG G 197 -11.69 -29.56 3.42
C ARG G 197 -10.94 -30.36 4.48
N VAL G 198 -11.67 -30.78 5.51
CA VAL G 198 -11.11 -31.54 6.62
C VAL G 198 -11.93 -32.81 6.78
N SER G 199 -11.41 -33.75 7.57
CA SER G 199 -12.22 -34.92 7.88
C SER G 199 -13.44 -34.52 8.72
N ALA G 200 -14.47 -35.35 8.66
CA ALA G 200 -15.65 -35.13 9.51
C ALA G 200 -15.25 -35.10 10.98
N THR G 201 -14.35 -36.00 11.41
CA THR G 201 -13.96 -36.05 12.81
CA THR G 201 -13.97 -36.05 12.80
C THR G 201 -13.32 -34.74 13.25
N PHE G 202 -12.55 -34.11 12.37
CA PHE G 202 -11.90 -32.84 12.71
C PHE G 202 -12.93 -31.71 12.81
N TRP G 203 -13.86 -31.65 11.86
CA TRP G 203 -14.91 -30.64 11.94
C TRP G 203 -15.78 -30.82 13.20
N GLN G 204 -15.96 -32.05 13.67
CA GLN G 204 -16.89 -32.30 14.77
C GLN G 204 -16.25 -32.12 16.14
N ASN G 205 -14.98 -31.71 16.20
CA ASN G 205 -14.37 -31.32 17.46
C ASN G 205 -14.75 -29.87 17.75
N PRO G 206 -15.53 -29.63 18.81
CA PRO G 206 -16.05 -28.27 19.06
C PRO G 206 -14.98 -27.27 19.46
N ARG G 207 -13.77 -27.70 19.79
CA ARG G 207 -12.73 -26.73 20.10
C ARG G 207 -11.82 -26.42 18.91
N ASN G 208 -12.06 -27.01 17.73
CA ASN G 208 -11.33 -26.61 16.54
C ASN G 208 -11.91 -25.30 16.01
N HIS G 209 -11.03 -24.37 15.66
CA HIS G 209 -11.42 -23.02 15.28
C HIS G 209 -10.85 -22.71 13.90
N PHE G 210 -11.69 -22.15 13.03
CA PHE G 210 -11.33 -21.91 11.64
C PHE G 210 -11.49 -20.43 11.34
N ARG G 211 -10.52 -19.85 10.64
CA ARG G 211 -10.58 -18.45 10.25
CA ARG G 211 -10.62 -18.47 10.23
C ARG G 211 -10.09 -18.34 8.82
N CYS G 212 -10.78 -17.56 8.01
CA CYS G 212 -10.31 -17.14 6.69
CA CYS G 212 -10.21 -17.16 6.73
C CYS G 212 -9.94 -15.67 6.77
N GLN G 213 -8.74 -15.31 6.31
CA GLN G 213 -8.22 -13.96 6.45
C GLN G 213 -7.84 -13.49 5.07
N VAL G 214 -8.20 -12.24 4.73
CA VAL G 214 -7.81 -11.67 3.45
C VAL G 214 -7.05 -10.39 3.72
N GLN G 215 -5.78 -10.36 3.30
CA GLN G 215 -5.02 -9.12 3.28
C GLN G 215 -5.34 -8.40 1.97
N PHE G 216 -5.82 -7.16 2.08
CA PHE G 216 -6.10 -6.30 0.93
C PHE G 216 -5.05 -5.20 0.87
N TYR G 217 -4.50 -4.94 -0.32
CA TYR G 217 -3.52 -3.87 -0.50
C TYR G 217 -4.24 -2.72 -1.20
N GLY G 218 -4.38 -1.60 -0.49
CA GLY G 218 -5.17 -0.48 -1.01
C GLY G 218 -4.51 0.86 -0.80
N LEU G 219 -5.24 1.80 -0.21
CA LEU G 219 -4.71 3.15 -0.12
C LEU G 219 -3.88 3.33 1.14
N SER G 220 -3.10 4.40 1.14
CA SER G 220 -2.33 4.75 2.32
C SER G 220 -2.64 6.18 2.74
N GLU G 221 -1.98 6.60 3.82
CA GLU G 221 -2.25 7.91 4.44
C GLU G 221 -2.25 9.04 3.43
N ASN G 222 -1.26 9.08 2.52
CA ASN G 222 -1.12 10.22 1.63
C ASN G 222 -2.04 10.17 0.42
N ASP G 223 -2.79 9.09 0.20
CA ASP G 223 -3.79 9.09 -0.86
C ASP G 223 -4.96 9.98 -0.46
N GLU G 224 -5.41 10.83 -1.38
CA GLU G 224 -6.54 11.71 -1.09
C GLU G 224 -7.85 10.94 -1.20
N TRP G 225 -8.74 11.12 -0.23
CA TRP G 225 -10.03 10.45 -0.25
C TRP G 225 -11.14 11.48 -0.07
N THR G 226 -12.13 11.44 -0.97
CA THR G 226 -13.24 12.39 -0.93
C THR G 226 -14.62 11.74 -0.98
N GLN G 227 -14.70 10.40 -0.99
CA GLN G 227 -16.00 9.75 -1.07
C GLN G 227 -16.67 9.68 0.31
N ASP G 228 -17.97 9.41 0.30
CA ASP G 228 -18.75 9.32 1.53
C ASP G 228 -18.46 8.06 2.32
N ARG G 229 -18.07 6.99 1.62
CA ARG G 229 -17.80 5.72 2.26
C ARG G 229 -16.41 5.75 2.89
N ALA G 230 -16.07 4.68 3.60
CA ALA G 230 -14.80 4.66 4.33
C ALA G 230 -13.63 4.59 3.36
N LYS G 231 -12.54 5.26 3.68
CA LYS G 231 -11.34 5.21 2.84
C LYS G 231 -10.81 3.77 2.74
N PRO G 232 -10.62 3.21 1.51
CA PRO G 232 -10.25 1.79 1.36
C PRO G 232 -8.74 1.55 1.50
N VAL G 233 -8.28 1.68 2.75
CA VAL G 233 -6.87 1.53 3.08
C VAL G 233 -6.47 0.05 3.06
N THR G 234 -5.18 -0.19 2.91
CA THR G 234 -4.61 -1.52 3.16
C THR G 234 -5.08 -2.04 4.50
N GLN G 235 -5.48 -3.31 4.55
CA GLN G 235 -6.18 -3.80 5.74
C GLN G 235 -6.41 -5.30 5.61
N ILE G 236 -6.69 -5.93 6.75
CA ILE G 236 -7.04 -7.35 6.82
C ILE G 236 -8.52 -7.46 7.17
N VAL G 237 -9.26 -8.25 6.39
CA VAL G 237 -10.67 -8.56 6.64
C VAL G 237 -10.79 -10.07 6.89
N SER G 238 -11.54 -10.48 7.90
CA SER G 238 -11.57 -11.91 8.18
C SER G 238 -12.95 -12.36 8.69
N ALA G 239 -13.15 -13.68 8.68
CA ALA G 239 -14.35 -14.31 9.18
C ALA G 239 -13.97 -15.66 9.78
N GLU G 240 -14.80 -16.17 10.69
CA GLU G 240 -14.41 -17.38 11.41
C GLU G 240 -15.57 -18.36 11.54
N ALA G 241 -15.23 -19.59 11.92
CA ALA G 241 -16.18 -20.62 12.30
C ALA G 241 -15.55 -21.52 13.35
N TRP G 242 -16.40 -22.11 14.20
CA TRP G 242 -15.97 -23.14 15.13
C TRP G 242 -16.51 -24.50 14.71
N GLY G 243 -15.76 -25.54 15.05
CA GLY G 243 -16.27 -26.89 14.86
C GLY G 243 -17.60 -27.08 15.57
N ARG G 244 -18.39 -28.01 15.05
CA ARG G 244 -19.75 -28.26 15.53
C ARG G 244 -19.84 -29.73 15.91
N ALA G 245 -19.98 -29.99 17.21
CA ALA G 245 -20.05 -31.37 17.69
C ALA G 245 -21.28 -32.10 17.16
N MET H 1 58.76 -13.44 -17.75
CA MET H 1 57.94 -12.83 -18.79
C MET H 1 58.72 -12.60 -20.08
N ILE H 2 58.12 -12.95 -21.21
CA ILE H 2 58.74 -12.84 -22.52
C ILE H 2 58.27 -11.53 -23.15
N GLN H 3 59.21 -10.61 -23.36
CA GLN H 3 58.94 -9.35 -24.06
C GLN H 3 59.62 -9.42 -25.42
N ARG H 4 58.89 -9.05 -26.47
CA ARG H 4 59.38 -9.16 -27.83
C ARG H 4 59.68 -7.79 -28.41
N THR H 5 60.87 -7.63 -28.98
CA THR H 5 61.30 -6.33 -29.47
C THR H 5 60.68 -6.05 -30.84
N PRO H 6 60.39 -4.78 -31.13
CA PRO H 6 59.75 -4.45 -32.41
C PRO H 6 60.68 -4.65 -33.61
N LYS H 7 60.13 -5.22 -34.67
CA LYS H 7 60.77 -5.17 -35.98
C LYS H 7 60.37 -3.86 -36.65
N ILE H 8 61.32 -3.21 -37.31
CA ILE H 8 61.15 -1.86 -37.82
C ILE H 8 61.58 -1.84 -39.28
N GLN H 9 60.65 -1.51 -40.17
CA GLN H 9 60.91 -1.47 -41.60
C GLN H 9 60.48 -0.12 -42.15
N VAL H 10 61.40 0.54 -42.87
CA VAL H 10 61.16 1.86 -43.42
C VAL H 10 61.19 1.74 -44.94
N TYR H 11 60.20 2.35 -45.60
CA TYR H 11 60.01 2.17 -47.03
C TYR H 11 59.07 3.24 -47.53
N SER H 12 59.16 3.50 -48.84
CA SER H 12 58.25 4.43 -49.50
C SER H 12 56.99 3.69 -49.97
N ARG H 13 55.89 4.44 -50.09
CA ARG H 13 54.65 3.86 -50.61
C ARG H 13 54.82 3.34 -52.04
N HIS H 14 55.43 4.16 -52.89
CA HIS H 14 55.70 3.83 -54.28
C HIS H 14 57.22 3.75 -54.49
N PRO H 15 57.67 3.09 -55.55
CA PRO H 15 59.09 3.23 -55.94
C PRO H 15 59.47 4.70 -56.02
N ALA H 16 60.47 5.10 -55.25
CA ALA H 16 60.75 6.51 -55.04
C ALA H 16 61.53 7.08 -56.22
N GLU H 17 61.19 8.31 -56.58
CA GLU H 17 61.91 9.08 -57.58
C GLU H 17 62.05 10.51 -57.06
N ASN H 18 63.27 11.04 -57.13
CA ASN H 18 63.54 12.38 -56.61
C ASN H 18 62.64 13.41 -57.28
N GLY H 19 62.14 14.35 -56.48
CA GLY H 19 61.24 15.38 -56.98
C GLY H 19 59.80 14.93 -57.17
N LYS H 20 59.48 13.70 -56.82
CA LYS H 20 58.13 13.16 -57.01
C LYS H 20 57.56 12.84 -55.64
N SER H 21 56.43 13.48 -55.31
CA SER H 21 55.84 13.32 -53.99
CA SER H 21 55.84 13.32 -53.99
C SER H 21 55.57 11.84 -53.71
N ASN H 22 55.72 11.47 -52.45
CA ASN H 22 55.61 10.08 -52.03
C ASN H 22 55.11 10.07 -50.58
N PHE H 23 55.06 8.87 -50.00
CA PHE H 23 54.84 8.70 -48.56
C PHE H 23 55.95 7.83 -47.99
N LEU H 24 56.52 8.28 -46.87
CA LEU H 24 57.48 7.50 -46.11
C LEU H 24 56.72 6.72 -45.04
N ASN H 25 56.87 5.39 -45.04
CA ASN H 25 56.23 4.50 -44.09
C ASN H 25 57.27 3.94 -43.13
N CYS H 26 56.87 3.83 -41.86
CA CYS H 26 57.62 3.05 -40.88
C CYS H 26 56.66 2.04 -40.25
N TYR H 27 56.89 0.76 -40.53
CA TYR H 27 56.02 -0.30 -40.08
C TYR H 27 56.69 -1.01 -38.90
N VAL H 28 56.05 -0.95 -37.74
CA VAL H 28 56.62 -1.46 -36.50
C VAL H 28 55.76 -2.63 -36.09
N SER H 29 56.36 -3.82 -35.96
CA SER H 29 55.55 -5.01 -35.79
C SER H 29 56.23 -6.00 -34.85
N GLY H 30 55.46 -6.99 -34.42
CA GLY H 30 55.98 -8.11 -33.67
C GLY H 30 56.34 -7.83 -32.23
N PHE H 31 55.98 -6.68 -31.68
CA PHE H 31 56.40 -6.32 -30.34
C PHE H 31 55.34 -6.68 -29.30
N HIS H 32 55.78 -6.78 -28.05
CA HIS H 32 54.93 -7.05 -26.88
C HIS H 32 55.71 -6.63 -25.63
N PRO H 33 55.11 -5.87 -24.70
CA PRO H 33 53.72 -5.39 -24.69
C PRO H 33 53.49 -4.18 -25.61
N SER H 34 52.33 -3.53 -25.49
CA SER H 34 51.82 -2.68 -26.56
C SER H 34 52.36 -1.25 -26.52
N ASP H 35 52.91 -0.78 -25.41
CA ASP H 35 53.33 0.61 -25.32
C ASP H 35 54.57 0.83 -26.18
N ILE H 36 54.55 1.87 -27.02
CA ILE H 36 55.64 2.12 -27.94
C ILE H 36 55.57 3.56 -28.39
N GLU H 37 56.73 4.12 -28.74
CA GLU H 37 56.81 5.47 -29.30
C GLU H 37 57.59 5.40 -30.60
N VAL H 38 57.09 6.11 -31.61
CA VAL H 38 57.66 6.07 -32.95
C VAL H 38 57.75 7.50 -33.48
N ASP H 39 58.92 7.87 -33.98
CA ASP H 39 59.13 9.15 -34.64
C ASP H 39 59.75 8.90 -36.01
N LEU H 40 59.33 9.69 -36.99
CA LEU H 40 60.01 9.75 -38.27
C LEU H 40 60.98 10.94 -38.25
N LEU H 41 62.19 10.71 -38.75
CA LEU H 41 63.25 11.71 -38.72
C LEU H 41 63.58 12.16 -40.13
N LYS H 42 63.86 13.46 -40.27
CA LYS H 42 64.37 14.05 -41.50
C LYS H 42 65.69 14.74 -41.17
N ASN H 43 66.79 14.21 -41.72
CA ASN H 43 68.13 14.73 -41.43
C ASN H 43 68.39 14.76 -39.93
N GLY H 44 67.83 13.80 -39.21
CA GLY H 44 67.97 13.71 -37.77
C GLY H 44 66.94 14.47 -36.97
N GLU H 45 66.11 15.29 -37.62
CA GLU H 45 65.11 16.11 -36.95
C GLU H 45 63.76 15.38 -36.96
N ARG H 46 63.00 15.53 -35.87
CA ARG H 46 61.70 14.88 -35.76
C ARG H 46 60.68 15.58 -36.63
N ILE H 47 59.99 14.82 -37.47
CA ILE H 47 58.96 15.35 -38.34
C ILE H 47 57.69 15.55 -37.52
N GLU H 48 57.02 16.69 -37.73
CA GLU H 48 55.87 17.06 -36.91
C GLU H 48 54.59 16.38 -37.40
N LYS H 49 54.25 16.56 -38.68
CA LYS H 49 53.01 16.00 -39.22
C LYS H 49 53.27 14.55 -39.62
N VAL H 50 52.97 13.63 -38.70
CA VAL H 50 53.17 12.20 -38.91
C VAL H 50 51.92 11.47 -38.43
N GLU H 51 51.26 10.77 -39.34
CA GLU H 51 50.05 10.00 -39.03
C GLU H 51 50.42 8.59 -38.57
N HIS H 52 49.44 7.90 -37.99
CA HIS H 52 49.66 6.49 -37.69
C HIS H 52 48.33 5.78 -37.57
N SER H 53 48.32 4.51 -37.94
CA SER H 53 47.15 3.69 -37.77
C SER H 53 46.91 3.43 -36.28
N ASP H 54 45.72 2.92 -35.95
CA ASP H 54 45.47 2.45 -34.60
C ASP H 54 46.30 1.20 -34.32
N LEU H 55 46.66 1.01 -33.05
CA LEU H 55 47.28 -0.25 -32.60
C LEU H 55 46.54 -1.44 -33.21
N SER H 56 47.29 -2.36 -33.81
CA SER H 56 46.71 -3.53 -34.45
C SER H 56 47.20 -4.81 -33.77
N PHE H 57 46.40 -5.88 -33.89
CA PHE H 57 46.62 -7.12 -33.17
C PHE H 57 46.96 -8.24 -34.13
N SER H 58 48.06 -8.96 -33.87
CA SER H 58 48.39 -10.15 -34.65
C SER H 58 47.93 -11.43 -33.96
N LYS H 59 47.73 -12.47 -34.78
CA LYS H 59 47.29 -13.77 -34.25
C LYS H 59 48.28 -14.35 -33.25
N ASP H 60 49.57 -14.02 -33.36
CA ASP H 60 50.56 -14.56 -32.43
C ASP H 60 50.67 -13.74 -31.14
N TRP H 61 49.74 -12.82 -30.94
CA TRP H 61 49.51 -11.98 -29.77
C TRP H 61 50.40 -10.74 -29.79
N SER H 62 51.28 -10.58 -30.79
CA SER H 62 52.05 -9.34 -30.82
C SER H 62 51.21 -8.23 -31.47
N PHE H 63 51.80 -7.04 -31.56
CA PHE H 63 51.12 -5.86 -32.03
C PHE H 63 51.88 -5.28 -33.21
N TYR H 64 51.18 -4.43 -33.98
CA TYR H 64 51.82 -3.72 -35.07
C TYR H 64 51.10 -2.39 -35.32
N LEU H 65 51.85 -1.49 -35.95
CA LEU H 65 51.44 -0.12 -36.21
C LEU H 65 52.13 0.34 -37.47
N LEU H 66 51.49 1.25 -38.21
CA LEU H 66 52.11 1.91 -39.36
C LEU H 66 52.13 3.40 -39.09
N TYR H 67 53.34 3.99 -39.10
CA TYR H 67 53.55 5.44 -39.04
C TYR H 67 53.96 5.93 -40.42
N TYR H 68 53.43 7.08 -40.84
CA TYR H 68 53.70 7.55 -42.20
C TYR H 68 53.59 9.07 -42.27
N THR H 69 54.24 9.63 -43.29
CA THR H 69 54.13 11.05 -43.58
C THR H 69 54.37 11.24 -45.07
N GLU H 70 53.70 12.26 -45.62
CA GLU H 70 53.90 12.61 -47.02
C GLU H 70 55.21 13.37 -47.16
N PHE H 71 55.93 13.11 -48.25
CA PHE H 71 57.22 13.76 -48.44
C PHE H 71 57.60 13.70 -49.92
N THR H 72 58.53 14.57 -50.29
CA THR H 72 59.16 14.50 -51.61
C THR H 72 60.63 14.15 -51.41
N PRO H 73 61.09 12.99 -51.86
CA PRO H 73 62.49 12.63 -51.62
C PRO H 73 63.44 13.44 -52.48
N THR H 74 64.60 13.75 -51.93
CA THR H 74 65.69 14.40 -52.65
C THR H 74 66.96 13.59 -52.47
N GLU H 75 67.97 13.91 -53.28
CA GLU H 75 69.26 13.22 -53.15
C GLU H 75 69.90 13.50 -51.79
N LYS H 76 69.74 14.72 -51.27
CA LYS H 76 70.47 15.16 -50.09
C LYS H 76 69.79 14.81 -48.77
N ASP H 77 68.48 14.63 -48.76
CA ASP H 77 67.75 14.43 -47.51
C ASP H 77 67.83 12.99 -47.04
N GLU H 78 68.13 12.80 -45.76
CA GLU H 78 68.22 11.48 -45.15
C GLU H 78 67.05 11.28 -44.20
N TYR H 79 66.38 10.14 -44.33
CA TYR H 79 65.20 9.85 -43.54
C TYR H 79 65.41 8.62 -42.66
N ALA H 80 64.72 8.61 -41.51
CA ALA H 80 64.88 7.53 -40.56
C ALA H 80 63.59 7.37 -39.74
N CYS H 81 63.51 6.23 -39.04
CA CYS H 81 62.46 5.96 -38.07
C CYS H 81 63.11 5.69 -36.72
N ARG H 82 62.61 6.33 -35.67
CA ARG H 82 63.13 6.19 -34.32
C ARG H 82 62.06 5.60 -33.44
N VAL H 83 62.38 4.48 -32.79
CA VAL H 83 61.42 3.67 -32.05
C VAL H 83 61.98 3.37 -30.67
N ASN H 84 61.17 3.59 -29.64
CA ASN H 84 61.54 3.19 -28.29
C ASN H 84 60.47 2.24 -27.75
N HIS H 85 60.93 1.25 -26.98
CA HIS H 85 60.10 0.17 -26.46
C HIS H 85 60.77 -0.34 -25.20
N VAL H 86 59.99 -1.00 -24.34
CA VAL H 86 60.56 -1.47 -23.07
C VAL H 86 61.72 -2.43 -23.29
N THR H 87 61.74 -3.14 -24.43
CA THR H 87 62.83 -4.05 -24.76
C THR H 87 64.08 -3.36 -25.29
N LEU H 88 64.11 -2.03 -25.35
CA LEU H 88 65.25 -1.30 -25.91
C LEU H 88 65.88 -0.42 -24.82
N SER H 89 67.19 -0.58 -24.64
CA SER H 89 67.91 0.24 -23.66
C SER H 89 67.95 1.71 -24.09
N GLN H 90 68.13 1.95 -25.37
CA GLN H 90 68.10 3.27 -25.97
C GLN H 90 67.28 3.18 -27.24
N PRO H 91 66.74 4.30 -27.72
CA PRO H 91 65.97 4.26 -28.97
C PRO H 91 66.79 3.65 -30.09
N LYS H 92 66.11 2.94 -31.00
CA LYS H 92 66.74 2.34 -32.16
C LYS H 92 66.40 3.16 -33.39
N ILE H 93 67.42 3.50 -34.18
CA ILE H 93 67.27 4.29 -35.40
C ILE H 93 67.44 3.37 -36.59
N VAL H 94 66.44 3.36 -37.48
CA VAL H 94 66.51 2.62 -38.74
C VAL H 94 66.38 3.64 -39.87
N LYS H 95 67.41 3.74 -40.71
CA LYS H 95 67.40 4.71 -41.79
C LYS H 95 66.70 4.17 -43.03
N TRP H 96 66.08 5.07 -43.79
CA TRP H 96 65.42 4.68 -45.04
C TRP H 96 66.49 4.39 -46.09
N ASP H 97 66.43 3.20 -46.66
CA ASP H 97 67.43 2.69 -47.59
C ASP H 97 66.80 2.60 -48.97
N ARG H 98 67.21 3.48 -49.87
CA ARG H 98 66.66 3.51 -51.23
C ARG H 98 67.37 2.50 -52.14
#